data_1ABV
# 
_entry.id   1ABV 
# 
_audit_conform.dict_name       mmcif_pdbx.dic 
_audit_conform.dict_version    5.392 
_audit_conform.dict_location   http://mmcif.pdb.org/dictionaries/ascii/mmcif_pdbx.dic 
# 
loop_
_database_2.database_id 
_database_2.database_code 
_database_2.pdbx_database_accession 
_database_2.pdbx_DOI 
PDB   1ABV         pdb_00001abv 10.2210/pdb1abv/pdb 
WWPDB D_1000170633 ?            ?                   
# 
loop_
_pdbx_audit_revision_history.ordinal 
_pdbx_audit_revision_history.data_content_type 
_pdbx_audit_revision_history.major_revision 
_pdbx_audit_revision_history.minor_revision 
_pdbx_audit_revision_history.revision_date 
1 'Structure model' 1 0 1997-07-07 
2 'Structure model' 1 1 2008-03-24 
3 'Structure model' 1 2 2011-07-13 
4 'Structure model' 1 3 2021-10-27 
5 'Structure model' 1 4 2024-05-22 
# 
_pdbx_audit_revision_details.ordinal             1 
_pdbx_audit_revision_details.revision_ordinal    1 
_pdbx_audit_revision_details.data_content_type   'Structure model' 
_pdbx_audit_revision_details.provider            repository 
_pdbx_audit_revision_details.type                'Initial release' 
_pdbx_audit_revision_details.description         ? 
_pdbx_audit_revision_details.details             ? 
# 
loop_
_pdbx_audit_revision_group.ordinal 
_pdbx_audit_revision_group.revision_ordinal 
_pdbx_audit_revision_group.data_content_type 
_pdbx_audit_revision_group.group 
1 2 'Structure model' 'Version format compliance' 
2 3 'Structure model' 'Version format compliance' 
3 4 'Structure model' 'Data collection'           
4 4 'Structure model' 'Database references'       
5 4 'Structure model' 'Derived calculations'      
6 4 'Structure model' Other                       
7 5 'Structure model' 'Data collection'           
# 
loop_
_pdbx_audit_revision_category.ordinal 
_pdbx_audit_revision_category.revision_ordinal 
_pdbx_audit_revision_category.data_content_type 
_pdbx_audit_revision_category.category 
1 4 'Structure model' database_2              
2 4 'Structure model' pdbx_database_status    
3 4 'Structure model' pdbx_nmr_representative 
4 4 'Structure model' pdbx_nmr_software       
5 4 'Structure model' pdbx_nmr_spectrometer   
6 4 'Structure model' pdbx_struct_assembly    
7 4 'Structure model' pdbx_struct_oper_list   
8 5 'Structure model' chem_comp_atom          
9 5 'Structure model' chem_comp_bond          
# 
loop_
_pdbx_audit_revision_item.ordinal 
_pdbx_audit_revision_item.revision_ordinal 
_pdbx_audit_revision_item.data_content_type 
_pdbx_audit_revision_item.item 
1 4 'Structure model' '_database_2.pdbx_DOI'                
2 4 'Structure model' '_database_2.pdbx_database_accession' 
3 4 'Structure model' '_pdbx_database_status.process_site'  
4 4 'Structure model' '_pdbx_nmr_software.authors'          
5 4 'Structure model' '_pdbx_nmr_software.classification'   
6 4 'Structure model' '_pdbx_nmr_software.version'          
7 4 'Structure model' '_pdbx_nmr_spectrometer.manufacturer' 
8 4 'Structure model' '_pdbx_nmr_spectrometer.model'        
# 
_pdbx_database_status.status_code                     REL 
_pdbx_database_status.entry_id                        1ABV 
_pdbx_database_status.recvd_initial_deposition_date   1997-01-29 
_pdbx_database_status.deposit_site                    ? 
_pdbx_database_status.process_site                    BNL 
_pdbx_database_status.SG_entry                        . 
_pdbx_database_status.status_code_sf                  ? 
_pdbx_database_status.status_code_mr                  ? 
_pdbx_database_status.pdb_format_compatible           Y 
_pdbx_database_status.status_code_cs                  ? 
_pdbx_database_status.status_code_nmr_data            ? 
_pdbx_database_status.methods_development_category    ? 
# 
loop_
_audit_author.name 
_audit_author.pdbx_ordinal 
'Wilkens, S.'     1 
'Dunn, S.D.'      2 
'Chandler, J.'    3 
'Dahlquist, F.W.' 4 
'Capaldi, R.A.'   5 
# 
_citation.id                        primary 
_citation.title                     'Solution structure of the N-terminal domain of the delta subunit of the E. coli ATPsynthase.' 
_citation.journal_abbrev            Nat.Struct.Biol. 
_citation.journal_volume            4 
_citation.page_first                198 
_citation.page_last                 201 
_citation.year                      1997 
_citation.journal_id_ASTM           NSBIEW 
_citation.country                   US 
_citation.journal_id_ISSN           1072-8368 
_citation.journal_id_CSD            2024 
_citation.book_publisher            ? 
_citation.pdbx_database_id_PubMed   9164460 
_citation.pdbx_database_id_DOI      10.1038/nsb0397-198 
# 
loop_
_citation_author.citation_id 
_citation_author.name 
_citation_author.ordinal 
_citation_author.identifier_ORCID 
primary 'Wilkens, S.'     1 ? 
primary 'Dunn, S.D.'      2 ? 
primary 'Chandler, J.'    3 ? 
primary 'Dahlquist, F.W.' 4 ? 
primary 'Capaldi, R.A.'   5 ? 
# 
_entity.id                         1 
_entity.type                       polymer 
_entity.src_method                 man 
_entity.pdbx_description           'DELTA SUBUNIT OF THE F1F0-ATP SYNTHASE' 
_entity.formula_weight             14676.533 
_entity.pdbx_number_of_molecules   1 
_entity.pdbx_ec                    3.6.1.34 
_entity.pdbx_mutation              ? 
_entity.pdbx_fragment              'N-TERMINAL DOMAIN, RESIDUES 1 - 134' 
_entity.details                    ? 
# 
_entity_poly.entity_id                      1 
_entity_poly.type                           'polypeptide(L)' 
_entity_poly.nstd_linkage                   no 
_entity_poly.nstd_monomer                   no 
_entity_poly.pdbx_seq_one_letter_code       
;SEFITVARPYAKAAFDFAVEHQSVERWQDMLAFAAEVTKNEQMAELLSGALAPETLAESFIAVCGEQLDENGQNLIRVMA
ENGRLNALPDVLEQFIHLRAVSEATAEVDVISAAALSEQQLAKISAAMEKRLSR
;
_entity_poly.pdbx_seq_one_letter_code_can   
;SEFITVARPYAKAAFDFAVEHQSVERWQDMLAFAAEVTKNEQMAELLSGALAPETLAESFIAVCGEQLDENGQNLIRVMA
ENGRLNALPDVLEQFIHLRAVSEATAEVDVISAAALSEQQLAKISAAMEKRLSR
;
_entity_poly.pdbx_strand_id                 A 
_entity_poly.pdbx_target_identifier         ? 
# 
loop_
_entity_poly_seq.entity_id 
_entity_poly_seq.num 
_entity_poly_seq.mon_id 
_entity_poly_seq.hetero 
1 1   SER n 
1 2   GLU n 
1 3   PHE n 
1 4   ILE n 
1 5   THR n 
1 6   VAL n 
1 7   ALA n 
1 8   ARG n 
1 9   PRO n 
1 10  TYR n 
1 11  ALA n 
1 12  LYS n 
1 13  ALA n 
1 14  ALA n 
1 15  PHE n 
1 16  ASP n 
1 17  PHE n 
1 18  ALA n 
1 19  VAL n 
1 20  GLU n 
1 21  HIS n 
1 22  GLN n 
1 23  SER n 
1 24  VAL n 
1 25  GLU n 
1 26  ARG n 
1 27  TRP n 
1 28  GLN n 
1 29  ASP n 
1 30  MET n 
1 31  LEU n 
1 32  ALA n 
1 33  PHE n 
1 34  ALA n 
1 35  ALA n 
1 36  GLU n 
1 37  VAL n 
1 38  THR n 
1 39  LYS n 
1 40  ASN n 
1 41  GLU n 
1 42  GLN n 
1 43  MET n 
1 44  ALA n 
1 45  GLU n 
1 46  LEU n 
1 47  LEU n 
1 48  SER n 
1 49  GLY n 
1 50  ALA n 
1 51  LEU n 
1 52  ALA n 
1 53  PRO n 
1 54  GLU n 
1 55  THR n 
1 56  LEU n 
1 57  ALA n 
1 58  GLU n 
1 59  SER n 
1 60  PHE n 
1 61  ILE n 
1 62  ALA n 
1 63  VAL n 
1 64  CYS n 
1 65  GLY n 
1 66  GLU n 
1 67  GLN n 
1 68  LEU n 
1 69  ASP n 
1 70  GLU n 
1 71  ASN n 
1 72  GLY n 
1 73  GLN n 
1 74  ASN n 
1 75  LEU n 
1 76  ILE n 
1 77  ARG n 
1 78  VAL n 
1 79  MET n 
1 80  ALA n 
1 81  GLU n 
1 82  ASN n 
1 83  GLY n 
1 84  ARG n 
1 85  LEU n 
1 86  ASN n 
1 87  ALA n 
1 88  LEU n 
1 89  PRO n 
1 90  ASP n 
1 91  VAL n 
1 92  LEU n 
1 93  GLU n 
1 94  GLN n 
1 95  PHE n 
1 96  ILE n 
1 97  HIS n 
1 98  LEU n 
1 99  ARG n 
1 100 ALA n 
1 101 VAL n 
1 102 SER n 
1 103 GLU n 
1 104 ALA n 
1 105 THR n 
1 106 ALA n 
1 107 GLU n 
1 108 VAL n 
1 109 ASP n 
1 110 VAL n 
1 111 ILE n 
1 112 SER n 
1 113 ALA n 
1 114 ALA n 
1 115 ALA n 
1 116 LEU n 
1 117 SER n 
1 118 GLU n 
1 119 GLN n 
1 120 GLN n 
1 121 LEU n 
1 122 ALA n 
1 123 LYS n 
1 124 ILE n 
1 125 SER n 
1 126 ALA n 
1 127 ALA n 
1 128 MET n 
1 129 GLU n 
1 130 LYS n 
1 131 ARG n 
1 132 LEU n 
1 133 SER n 
1 134 ARG n 
# 
_entity_src_gen.entity_id                          1 
_entity_src_gen.pdbx_src_id                        1 
_entity_src_gen.pdbx_alt_source_flag               sample 
_entity_src_gen.pdbx_seq_type                      ? 
_entity_src_gen.pdbx_beg_seq_num                   ? 
_entity_src_gen.pdbx_end_seq_num                   ? 
_entity_src_gen.gene_src_common_name               ? 
_entity_src_gen.gene_src_genus                     Escherichia 
_entity_src_gen.pdbx_gene_src_gene                 ? 
_entity_src_gen.gene_src_species                   ? 
_entity_src_gen.gene_src_strain                    ? 
_entity_src_gen.gene_src_tissue                    ? 
_entity_src_gen.gene_src_tissue_fraction           ? 
_entity_src_gen.gene_src_details                   ? 
_entity_src_gen.pdbx_gene_src_fragment             ? 
_entity_src_gen.pdbx_gene_src_scientific_name      'Escherichia coli' 
_entity_src_gen.pdbx_gene_src_ncbi_taxonomy_id     562 
_entity_src_gen.pdbx_gene_src_variant              ? 
_entity_src_gen.pdbx_gene_src_cell_line            ? 
_entity_src_gen.pdbx_gene_src_atcc                 ? 
_entity_src_gen.pdbx_gene_src_organ                ? 
_entity_src_gen.pdbx_gene_src_organelle            ? 
_entity_src_gen.pdbx_gene_src_cell                 ? 
_entity_src_gen.pdbx_gene_src_cellular_location    ? 
_entity_src_gen.host_org_common_name               ? 
_entity_src_gen.pdbx_host_org_scientific_name      'Escherichia coli' 
_entity_src_gen.pdbx_host_org_ncbi_taxonomy_id     562 
_entity_src_gen.host_org_genus                     Escherichia 
_entity_src_gen.pdbx_host_org_gene                 UNCH 
_entity_src_gen.pdbx_host_org_organ                ? 
_entity_src_gen.host_org_species                   ? 
_entity_src_gen.pdbx_host_org_tissue               ? 
_entity_src_gen.pdbx_host_org_tissue_fraction      ? 
_entity_src_gen.pdbx_host_org_strain               'MM294 AND 594' 
_entity_src_gen.pdbx_host_org_variant              ? 
_entity_src_gen.pdbx_host_org_cell_line            ? 
_entity_src_gen.pdbx_host_org_atcc                 ? 
_entity_src_gen.pdbx_host_org_culture_collection   ? 
_entity_src_gen.pdbx_host_org_cell                 ? 
_entity_src_gen.pdbx_host_org_organelle            ? 
_entity_src_gen.pdbx_host_org_cellular_location    ? 
_entity_src_gen.pdbx_host_org_vector_type          PLASMID 
_entity_src_gen.pdbx_host_org_vector               ? 
_entity_src_gen.host_org_details                   ? 
_entity_src_gen.expression_system_id               ? 
_entity_src_gen.plasmid_name                       PJC1 
_entity_src_gen.plasmid_details                    ? 
_entity_src_gen.pdbx_description                   ? 
# 
loop_
_chem_comp.id 
_chem_comp.type 
_chem_comp.mon_nstd_flag 
_chem_comp.name 
_chem_comp.pdbx_synonyms 
_chem_comp.formula 
_chem_comp.formula_weight 
ALA 'L-peptide linking' y ALANINE         ? 'C3 H7 N O2'     89.093  
ARG 'L-peptide linking' y ARGININE        ? 'C6 H15 N4 O2 1' 175.209 
ASN 'L-peptide linking' y ASPARAGINE      ? 'C4 H8 N2 O3'    132.118 
ASP 'L-peptide linking' y 'ASPARTIC ACID' ? 'C4 H7 N O4'     133.103 
CYS 'L-peptide linking' y CYSTEINE        ? 'C3 H7 N O2 S'   121.158 
GLN 'L-peptide linking' y GLUTAMINE       ? 'C5 H10 N2 O3'   146.144 
GLU 'L-peptide linking' y 'GLUTAMIC ACID' ? 'C5 H9 N O4'     147.129 
GLY 'peptide linking'   y GLYCINE         ? 'C2 H5 N O2'     75.067  
HIS 'L-peptide linking' y HISTIDINE       ? 'C6 H10 N3 O2 1' 156.162 
ILE 'L-peptide linking' y ISOLEUCINE      ? 'C6 H13 N O2'    131.173 
LEU 'L-peptide linking' y LEUCINE         ? 'C6 H13 N O2'    131.173 
LYS 'L-peptide linking' y LYSINE          ? 'C6 H15 N2 O2 1' 147.195 
MET 'L-peptide linking' y METHIONINE      ? 'C5 H11 N O2 S'  149.211 
PHE 'L-peptide linking' y PHENYLALANINE   ? 'C9 H11 N O2'    165.189 
PRO 'L-peptide linking' y PROLINE         ? 'C5 H9 N O2'     115.130 
SER 'L-peptide linking' y SERINE          ? 'C3 H7 N O3'     105.093 
THR 'L-peptide linking' y THREONINE       ? 'C4 H9 N O3'     119.119 
TRP 'L-peptide linking' y TRYPTOPHAN      ? 'C11 H12 N2 O2'  204.225 
TYR 'L-peptide linking' y TYROSINE        ? 'C9 H11 N O3'    181.189 
VAL 'L-peptide linking' y VALINE          ? 'C5 H11 N O2'    117.146 
# 
loop_
_pdbx_poly_seq_scheme.asym_id 
_pdbx_poly_seq_scheme.entity_id 
_pdbx_poly_seq_scheme.seq_id 
_pdbx_poly_seq_scheme.mon_id 
_pdbx_poly_seq_scheme.ndb_seq_num 
_pdbx_poly_seq_scheme.pdb_seq_num 
_pdbx_poly_seq_scheme.auth_seq_num 
_pdbx_poly_seq_scheme.pdb_mon_id 
_pdbx_poly_seq_scheme.auth_mon_id 
_pdbx_poly_seq_scheme.pdb_strand_id 
_pdbx_poly_seq_scheme.pdb_ins_code 
_pdbx_poly_seq_scheme.hetero 
A 1 1   SER 1   1   1   SER SER A . n 
A 1 2   GLU 2   2   2   GLU GLU A . n 
A 1 3   PHE 3   3   3   PHE PHE A . n 
A 1 4   ILE 4   4   4   ILE ILE A . n 
A 1 5   THR 5   5   5   THR THR A . n 
A 1 6   VAL 6   6   6   VAL VAL A . n 
A 1 7   ALA 7   7   7   ALA ALA A . n 
A 1 8   ARG 8   8   8   ARG ARG A . n 
A 1 9   PRO 9   9   9   PRO PRO A . n 
A 1 10  TYR 10  10  10  TYR TYR A . n 
A 1 11  ALA 11  11  11  ALA ALA A . n 
A 1 12  LYS 12  12  12  LYS LYS A . n 
A 1 13  ALA 13  13  13  ALA ALA A . n 
A 1 14  ALA 14  14  14  ALA ALA A . n 
A 1 15  PHE 15  15  15  PHE PHE A . n 
A 1 16  ASP 16  16  16  ASP ASP A . n 
A 1 17  PHE 17  17  17  PHE PHE A . n 
A 1 18  ALA 18  18  18  ALA ALA A . n 
A 1 19  VAL 19  19  19  VAL VAL A . n 
A 1 20  GLU 20  20  20  GLU GLU A . n 
A 1 21  HIS 21  21  21  HIS HIS A . n 
A 1 22  GLN 22  22  22  GLN GLN A . n 
A 1 23  SER 23  23  23  SER SER A . n 
A 1 24  VAL 24  24  24  VAL VAL A . n 
A 1 25  GLU 25  25  25  GLU GLU A . n 
A 1 26  ARG 26  26  26  ARG ARG A . n 
A 1 27  TRP 27  27  27  TRP TRP A . n 
A 1 28  GLN 28  28  28  GLN GLN A . n 
A 1 29  ASP 29  29  29  ASP ASP A . n 
A 1 30  MET 30  30  30  MET MET A . n 
A 1 31  LEU 31  31  31  LEU LEU A . n 
A 1 32  ALA 32  32  32  ALA ALA A . n 
A 1 33  PHE 33  33  33  PHE PHE A . n 
A 1 34  ALA 34  34  34  ALA ALA A . n 
A 1 35  ALA 35  35  35  ALA ALA A . n 
A 1 36  GLU 36  36  36  GLU GLU A . n 
A 1 37  VAL 37  37  37  VAL VAL A . n 
A 1 38  THR 38  38  38  THR THR A . n 
A 1 39  LYS 39  39  39  LYS LYS A . n 
A 1 40  ASN 40  40  40  ASN ASN A . n 
A 1 41  GLU 41  41  41  GLU GLU A . n 
A 1 42  GLN 42  42  42  GLN GLN A . n 
A 1 43  MET 43  43  43  MET MET A . n 
A 1 44  ALA 44  44  44  ALA ALA A . n 
A 1 45  GLU 45  45  45  GLU GLU A . n 
A 1 46  LEU 46  46  46  LEU LEU A . n 
A 1 47  LEU 47  47  47  LEU LEU A . n 
A 1 48  SER 48  48  48  SER SER A . n 
A 1 49  GLY 49  49  49  GLY GLY A . n 
A 1 50  ALA 50  50  50  ALA ALA A . n 
A 1 51  LEU 51  51  51  LEU LEU A . n 
A 1 52  ALA 52  52  52  ALA ALA A . n 
A 1 53  PRO 53  53  53  PRO PRO A . n 
A 1 54  GLU 54  54  54  GLU GLU A . n 
A 1 55  THR 55  55  55  THR THR A . n 
A 1 56  LEU 56  56  56  LEU LEU A . n 
A 1 57  ALA 57  57  57  ALA ALA A . n 
A 1 58  GLU 58  58  58  GLU GLU A . n 
A 1 59  SER 59  59  59  SER SER A . n 
A 1 60  PHE 60  60  60  PHE PHE A . n 
A 1 61  ILE 61  61  61  ILE ILE A . n 
A 1 62  ALA 62  62  62  ALA ALA A . n 
A 1 63  VAL 63  63  63  VAL VAL A . n 
A 1 64  CYS 64  64  64  CYS CYS A . n 
A 1 65  GLY 65  65  65  GLY GLY A . n 
A 1 66  GLU 66  66  66  GLU GLU A . n 
A 1 67  GLN 67  67  67  GLN GLN A . n 
A 1 68  LEU 68  68  68  LEU LEU A . n 
A 1 69  ASP 69  69  69  ASP ASP A . n 
A 1 70  GLU 70  70  70  GLU GLU A . n 
A 1 71  ASN 71  71  71  ASN ASN A . n 
A 1 72  GLY 72  72  72  GLY GLY A . n 
A 1 73  GLN 73  73  73  GLN GLN A . n 
A 1 74  ASN 74  74  74  ASN ASN A . n 
A 1 75  LEU 75  75  75  LEU LEU A . n 
A 1 76  ILE 76  76  76  ILE ILE A . n 
A 1 77  ARG 77  77  77  ARG ARG A . n 
A 1 78  VAL 78  78  78  VAL VAL A . n 
A 1 79  MET 79  79  79  MET MET A . n 
A 1 80  ALA 80  80  80  ALA ALA A . n 
A 1 81  GLU 81  81  81  GLU GLU A . n 
A 1 82  ASN 82  82  82  ASN ASN A . n 
A 1 83  GLY 83  83  83  GLY GLY A . n 
A 1 84  ARG 84  84  84  ARG ARG A . n 
A 1 85  LEU 85  85  85  LEU LEU A . n 
A 1 86  ASN 86  86  86  ASN ASN A . n 
A 1 87  ALA 87  87  87  ALA ALA A . n 
A 1 88  LEU 88  88  88  LEU LEU A . n 
A 1 89  PRO 89  89  89  PRO PRO A . n 
A 1 90  ASP 90  90  90  ASP ASP A . n 
A 1 91  VAL 91  91  91  VAL VAL A . n 
A 1 92  LEU 92  92  92  LEU LEU A . n 
A 1 93  GLU 93  93  93  GLU GLU A . n 
A 1 94  GLN 94  94  94  GLN GLN A . n 
A 1 95  PHE 95  95  95  PHE PHE A . n 
A 1 96  ILE 96  96  96  ILE ILE A . n 
A 1 97  HIS 97  97  97  HIS HIS A . n 
A 1 98  LEU 98  98  98  LEU LEU A . n 
A 1 99  ARG 99  99  99  ARG ARG A . n 
A 1 100 ALA 100 100 100 ALA ALA A . n 
A 1 101 VAL 101 101 101 VAL VAL A . n 
A 1 102 SER 102 102 102 SER SER A . n 
A 1 103 GLU 103 103 103 GLU GLU A . n 
A 1 104 ALA 104 104 104 ALA ALA A . n 
A 1 105 THR 105 105 105 THR THR A . n 
A 1 106 ALA 106 106 ?   ?   ?   A . n 
A 1 107 GLU 107 107 ?   ?   ?   A . n 
A 1 108 VAL 108 108 ?   ?   ?   A . n 
A 1 109 ASP 109 109 ?   ?   ?   A . n 
A 1 110 VAL 110 110 ?   ?   ?   A . n 
A 1 111 ILE 111 111 ?   ?   ?   A . n 
A 1 112 SER 112 112 ?   ?   ?   A . n 
A 1 113 ALA 113 113 ?   ?   ?   A . n 
A 1 114 ALA 114 114 ?   ?   ?   A . n 
A 1 115 ALA 115 115 ?   ?   ?   A . n 
A 1 116 LEU 116 116 ?   ?   ?   A . n 
A 1 117 SER 117 117 ?   ?   ?   A . n 
A 1 118 GLU 118 118 ?   ?   ?   A . n 
A 1 119 GLN 119 119 ?   ?   ?   A . n 
A 1 120 GLN 120 120 ?   ?   ?   A . n 
A 1 121 LEU 121 121 ?   ?   ?   A . n 
A 1 122 ALA 122 122 ?   ?   ?   A . n 
A 1 123 LYS 123 123 ?   ?   ?   A . n 
A 1 124 ILE 124 124 ?   ?   ?   A . n 
A 1 125 SER 125 125 ?   ?   ?   A . n 
A 1 126 ALA 126 126 ?   ?   ?   A . n 
A 1 127 ALA 127 127 ?   ?   ?   A . n 
A 1 128 MET 128 128 ?   ?   ?   A . n 
A 1 129 GLU 129 129 ?   ?   ?   A . n 
A 1 130 LYS 130 130 ?   ?   ?   A . n 
A 1 131 ARG 131 131 ?   ?   ?   A . n 
A 1 132 LEU 132 132 ?   ?   ?   A . n 
A 1 133 SER 133 133 ?   ?   ?   A . n 
A 1 134 ARG 134 134 ?   ?   ?   A . n 
# 
loop_
_software.name 
_software.classification 
_software.version 
_software.citation_id 
_software.pdbx_ordinal 
X-PLOR 'model building' 3.1 ? 1 
X-PLOR refinement       3.1 ? 2 
X-PLOR phasing          3.1 ? 3 
# 
_cell.entry_id           1ABV 
_cell.length_a           1.000 
_cell.length_b           1.000 
_cell.length_c           1.000 
_cell.angle_alpha        90.00 
_cell.angle_beta         90.00 
_cell.angle_gamma        90.00 
_cell.Z_PDB              1 
_cell.pdbx_unique_axis   ? 
# 
_symmetry.entry_id                         1ABV 
_symmetry.space_group_name_H-M             'P 1' 
_symmetry.pdbx_full_space_group_name_H-M   ? 
_symmetry.cell_setting                     ? 
_symmetry.Int_Tables_number                1 
# 
_exptl.entry_id          1ABV 
_exptl.method            'SOLUTION NMR' 
_exptl.crystals_number   ? 
# 
_struct.entry_id                  1ABV 
_struct.title                     
'N-TERMINAL DOMAIN OF THE DELTA SUBUNIT OF THE F1F0-ATP SYNTHASE FROM ESCHERICHIA COLI, NMR, MINIMIZED AVERAGE STRUCTURE' 
_struct.pdbx_model_details        ? 
_struct.pdbx_CASP_flag            ? 
_struct.pdbx_model_type_details   ? 
# 
_struct_keywords.entry_id        1ABV 
_struct_keywords.pdbx_keywords   'ATP SYNTHESIS' 
_struct_keywords.text            'ATP SYNTHESIS, ATP SYNTHASE, F1-ATPASE, DELTA SUBUNIT, NMR SPECTROSCOPY' 
# 
_struct_asym.id                            A 
_struct_asym.pdbx_blank_PDB_chainid_flag   Y 
_struct_asym.pdbx_modified                 N 
_struct_asym.entity_id                     1 
_struct_asym.details                       ? 
# 
_struct_ref.id                         1 
_struct_ref.db_name                    UNP 
_struct_ref.db_code                    ATPD_ECOLI 
_struct_ref.entity_id                  1 
_struct_ref.pdbx_db_accession          P0ABA4 
_struct_ref.pdbx_align_begin           1 
_struct_ref.pdbx_seq_one_letter_code   
;MSEFITVARPYAKAAFDFAVEHQSVERWQDMLAFAAEVTKNEQMAELLSGALAPETLAESFIAVCGEQLDENGQNLIRVM
AENGRLNALPDVLEQFIHLRAVSEATAEVDVISAAALSEQQLAKISAAMEKRLSRKVKLNCKIDKSVMAGVIIRAGDMVI
DGSVRGRLERLADVLQS
;
_struct_ref.pdbx_db_isoform            ? 
# 
_struct_ref_seq.align_id                      1 
_struct_ref_seq.ref_id                        1 
_struct_ref_seq.pdbx_PDB_id_code              1ABV 
_struct_ref_seq.pdbx_strand_id                A 
_struct_ref_seq.seq_align_beg                 1 
_struct_ref_seq.pdbx_seq_align_beg_ins_code   ? 
_struct_ref_seq.seq_align_end                 134 
_struct_ref_seq.pdbx_seq_align_end_ins_code   ? 
_struct_ref_seq.pdbx_db_accession             P0ABA4 
_struct_ref_seq.db_align_beg                  2 
_struct_ref_seq.pdbx_db_align_beg_ins_code    ? 
_struct_ref_seq.db_align_end                  135 
_struct_ref_seq.pdbx_db_align_end_ins_code    ? 
_struct_ref_seq.pdbx_auth_seq_align_beg       1 
_struct_ref_seq.pdbx_auth_seq_align_end       134 
# 
_pdbx_struct_assembly.id                   1 
_pdbx_struct_assembly.details              author_defined_assembly 
_pdbx_struct_assembly.method_details       ? 
_pdbx_struct_assembly.oligomeric_details   monomeric 
_pdbx_struct_assembly.oligomeric_count     1 
# 
_pdbx_struct_assembly_gen.assembly_id       1 
_pdbx_struct_assembly_gen.oper_expression   1 
_pdbx_struct_assembly_gen.asym_id_list      A 
# 
_pdbx_struct_oper_list.id                   1 
_pdbx_struct_oper_list.type                 'identity operation' 
_pdbx_struct_oper_list.name                 1_555 
_pdbx_struct_oper_list.symmetry_operation   ? 
_pdbx_struct_oper_list.matrix[1][1]         1.0000000000 
_pdbx_struct_oper_list.matrix[1][2]         0.0000000000 
_pdbx_struct_oper_list.matrix[1][3]         0.0000000000 
_pdbx_struct_oper_list.vector[1]            0.0000000000 
_pdbx_struct_oper_list.matrix[2][1]         0.0000000000 
_pdbx_struct_oper_list.matrix[2][2]         1.0000000000 
_pdbx_struct_oper_list.matrix[2][3]         0.0000000000 
_pdbx_struct_oper_list.vector[2]            0.0000000000 
_pdbx_struct_oper_list.matrix[3][1]         0.0000000000 
_pdbx_struct_oper_list.matrix[3][2]         0.0000000000 
_pdbx_struct_oper_list.matrix[3][3]         1.0000000000 
_pdbx_struct_oper_list.vector[3]            0.0000000000 
# 
loop_
_struct_conf.conf_type_id 
_struct_conf.id 
_struct_conf.pdbx_PDB_helix_id 
_struct_conf.beg_label_comp_id 
_struct_conf.beg_label_asym_id 
_struct_conf.beg_label_seq_id 
_struct_conf.pdbx_beg_PDB_ins_code 
_struct_conf.end_label_comp_id 
_struct_conf.end_label_asym_id 
_struct_conf.end_label_seq_id 
_struct_conf.pdbx_end_PDB_ins_code 
_struct_conf.beg_auth_comp_id 
_struct_conf.beg_auth_asym_id 
_struct_conf.beg_auth_seq_id 
_struct_conf.end_auth_comp_id 
_struct_conf.end_auth_asym_id 
_struct_conf.end_auth_seq_id 
_struct_conf.pdbx_PDB_helix_class 
_struct_conf.details 
_struct_conf.pdbx_PDB_helix_length 
HELX_P HELX_P1 1 ILE A 4  ? GLU A 20  ? ILE A 4  GLU A 20  1 ? 17 
HELX_P HELX_P2 2 VAL A 24 ? THR A 38  ? VAL A 24 THR A 38  1 ? 15 
HELX_P HELX_P3 3 GLU A 41 ? LEU A 47  ? GLU A 41 LEU A 47  1 ? 7  
HELX_P HELX_P4 4 PRO A 53 ? CYS A 64  ? PRO A 53 CYS A 64  1 ? 12 
HELX_P HELX_P5 5 GLU A 70 ? GLU A 81  ? GLU A 70 GLU A 81  1 ? 12 
HELX_P HELX_P6 6 LEU A 88 ? GLU A 103 ? LEU A 88 GLU A 103 1 ? 16 
# 
_struct_conf_type.id          HELX_P 
_struct_conf_type.criteria    ? 
_struct_conf_type.reference   ? 
# 
loop_
_pdbx_validate_close_contact.id 
_pdbx_validate_close_contact.PDB_model_num 
_pdbx_validate_close_contact.auth_atom_id_1 
_pdbx_validate_close_contact.auth_asym_id_1 
_pdbx_validate_close_contact.auth_comp_id_1 
_pdbx_validate_close_contact.auth_seq_id_1 
_pdbx_validate_close_contact.PDB_ins_code_1 
_pdbx_validate_close_contact.label_alt_id_1 
_pdbx_validate_close_contact.auth_atom_id_2 
_pdbx_validate_close_contact.auth_asym_id_2 
_pdbx_validate_close_contact.auth_comp_id_2 
_pdbx_validate_close_contact.auth_seq_id_2 
_pdbx_validate_close_contact.PDB_ins_code_2 
_pdbx_validate_close_contact.label_alt_id_2 
_pdbx_validate_close_contact.dist 
1 1 OE2 A GLU 36  ? ? HZ2 A LYS 39  ? ? 1.40 
2 1 O   A SER 23  ? ? H   A TRP 27  ? ? 1.49 
3 1 HZ1 A LYS 12  ? ? OD1 A ASP 16  ? ? 1.55 
4 1 O   A ARG 77  ? ? H   A GLU 81  ? ? 1.58 
5 1 O   A VAL 101 ? ? H   A THR 105 ? ? 1.60 
# 
_pdbx_validate_torsion.id              1 
_pdbx_validate_torsion.PDB_model_num   1 
_pdbx_validate_torsion.auth_comp_id    ALA 
_pdbx_validate_torsion.auth_asym_id    A 
_pdbx_validate_torsion.auth_seq_id     87 
_pdbx_validate_torsion.PDB_ins_code    ? 
_pdbx_validate_torsion.label_alt_id    ? 
_pdbx_validate_torsion.phi             -81.00 
_pdbx_validate_torsion.psi             37.02 
# 
loop_
_pdbx_validate_planes.id 
_pdbx_validate_planes.PDB_model_num 
_pdbx_validate_planes.auth_comp_id 
_pdbx_validate_planes.auth_asym_id 
_pdbx_validate_planes.auth_seq_id 
_pdbx_validate_planes.PDB_ins_code 
_pdbx_validate_planes.label_alt_id 
_pdbx_validate_planes.rmsd 
_pdbx_validate_planes.type 
1 1 ARG A 8  ? ? 0.303 'SIDE CHAIN' 
2 1 ARG A 26 ? ? 0.282 'SIDE CHAIN' 
3 1 ARG A 77 ? ? 0.319 'SIDE CHAIN' 
4 1 ARG A 84 ? ? 0.309 'SIDE CHAIN' 
5 1 ARG A 99 ? ? 0.238 'SIDE CHAIN' 
# 
_pdbx_nmr_ensemble.entry_id                                      1ABV 
_pdbx_nmr_ensemble.conformers_calculated_total_number            30 
_pdbx_nmr_ensemble.conformers_submitted_total_number             1 
_pdbx_nmr_ensemble.conformer_selection_criteria                  ALL 
_pdbx_nmr_ensemble.average_constraints_per_residue               ? 
_pdbx_nmr_ensemble.average_constraint_violations_per_residue     ? 
_pdbx_nmr_ensemble.maximum_distance_constraint_violation         ? 
_pdbx_nmr_ensemble.average_distance_constraint_violation         ? 
_pdbx_nmr_ensemble.maximum_upper_distance_constraint_violation   ? 
_pdbx_nmr_ensemble.maximum_lower_distance_constraint_violation   ? 
_pdbx_nmr_ensemble.distance_constraint_violation_method          ? 
_pdbx_nmr_ensemble.maximum_torsion_angle_constraint_violation    ? 
_pdbx_nmr_ensemble.average_torsion_angle_constraint_violation    ? 
_pdbx_nmr_ensemble.torsion_angle_constraint_violation_method     ? 
# 
_pdbx_nmr_representative.conformer_id         1 
_pdbx_nmr_representative.entry_id             1ABV 
_pdbx_nmr_representative.selection_criteria   ? 
# 
_pdbx_nmr_exptl_sample_conditions.conditions_id          1 
_pdbx_nmr_exptl_sample_conditions.temperature            293 
_pdbx_nmr_exptl_sample_conditions.pressure               ? 
_pdbx_nmr_exptl_sample_conditions.pH                     7.2 
_pdbx_nmr_exptl_sample_conditions.ionic_strength         ? 
_pdbx_nmr_exptl_sample_conditions.pressure_units         . 
_pdbx_nmr_exptl_sample_conditions.temperature_units      K 
_pdbx_nmr_exptl_sample_conditions.label                  ? 
_pdbx_nmr_exptl_sample_conditions.pH_units               ? 
_pdbx_nmr_exptl_sample_conditions.ionic_strength_units   ? 
# 
loop_
_pdbx_nmr_exptl.experiment_id 
_pdbx_nmr_exptl.conditions_id 
_pdbx_nmr_exptl.type 
_pdbx_nmr_exptl.solution_id 
1 1 '3D NOESY-HSMQC'                      1 
2 1 '3D TOCSY-HSMQC'                      1 
3 1 '3D C(CO)NH'                          1 
4 1 '3D H(CCO)NH'                         1 
5 1 'SIMULTANEOUS 13C/15N RESOLVED NOESY' 1 
6 1 'VARIOUS 2D EXPERIMENTS'              1 
# 
_pdbx_nmr_refine.entry_id           1ABV 
_pdbx_nmr_refine.method             'DG, SA, MD' 
_pdbx_nmr_refine.details            
;REFINEMENT DETAILS CAN BE FOUND IN THE JRNL CITATION ABOVE. THIS ENTRY CONTAINS THE MINIMIZED AVERAGE OVER 30 FILES. THE AVERAGE RMS DIFFERENCE TO THE MEAN STRUCTURE FOR NON-HYDROGEN ATOMS IS 1.25067.  THE AVERAGE RMS DIFFERENCE TO THE MEAN STRUCTURE FOR THE BACKBONE IS 0.795004. THE B VALUE FIELD (COLUMNS 61 =66) CONTAINS THE RMS DIFFERENCE FROM THE MEAN.
;
_pdbx_nmr_refine.software_ordinal   1 
# 
loop_
_pdbx_nmr_software.classification 
_pdbx_nmr_software.name 
_pdbx_nmr_software.version 
_pdbx_nmr_software.authors 
_pdbx_nmr_software.ordinal 
refinement              X-PLOR 3.1 BRUNGER 1 
'structure calculation' X-PLOR 3.1 BRUNGER 2 
# 
loop_
_pdbx_unobs_or_zero_occ_residues.id 
_pdbx_unobs_or_zero_occ_residues.PDB_model_num 
_pdbx_unobs_or_zero_occ_residues.polymer_flag 
_pdbx_unobs_or_zero_occ_residues.occupancy_flag 
_pdbx_unobs_or_zero_occ_residues.auth_asym_id 
_pdbx_unobs_or_zero_occ_residues.auth_comp_id 
_pdbx_unobs_or_zero_occ_residues.auth_seq_id 
_pdbx_unobs_or_zero_occ_residues.PDB_ins_code 
_pdbx_unobs_or_zero_occ_residues.label_asym_id 
_pdbx_unobs_or_zero_occ_residues.label_comp_id 
_pdbx_unobs_or_zero_occ_residues.label_seq_id 
1  1 Y 1 A ALA 106 ? A ALA 106 
2  1 Y 1 A GLU 107 ? A GLU 107 
3  1 Y 1 A VAL 108 ? A VAL 108 
4  1 Y 1 A ASP 109 ? A ASP 109 
5  1 Y 1 A VAL 110 ? A VAL 110 
6  1 Y 1 A ILE 111 ? A ILE 111 
7  1 Y 1 A SER 112 ? A SER 112 
8  1 Y 1 A ALA 113 ? A ALA 113 
9  1 Y 1 A ALA 114 ? A ALA 114 
10 1 Y 1 A ALA 115 ? A ALA 115 
11 1 Y 1 A LEU 116 ? A LEU 116 
12 1 Y 1 A SER 117 ? A SER 117 
13 1 Y 1 A GLU 118 ? A GLU 118 
14 1 Y 1 A GLN 119 ? A GLN 119 
15 1 Y 1 A GLN 120 ? A GLN 120 
16 1 Y 1 A LEU 121 ? A LEU 121 
17 1 Y 1 A ALA 122 ? A ALA 122 
18 1 Y 1 A LYS 123 ? A LYS 123 
19 1 Y 1 A ILE 124 ? A ILE 124 
20 1 Y 1 A SER 125 ? A SER 125 
21 1 Y 1 A ALA 126 ? A ALA 126 
22 1 Y 1 A ALA 127 ? A ALA 127 
23 1 Y 1 A MET 128 ? A MET 128 
24 1 Y 1 A GLU 129 ? A GLU 129 
25 1 Y 1 A LYS 130 ? A LYS 130 
26 1 Y 1 A ARG 131 ? A ARG 131 
27 1 Y 1 A LEU 132 ? A LEU 132 
28 1 Y 1 A SER 133 ? A SER 133 
29 1 Y 1 A ARG 134 ? A ARG 134 
# 
loop_
_chem_comp_atom.comp_id 
_chem_comp_atom.atom_id 
_chem_comp_atom.type_symbol 
_chem_comp_atom.pdbx_aromatic_flag 
_chem_comp_atom.pdbx_stereo_config 
_chem_comp_atom.pdbx_ordinal 
ALA N    N N N 1   
ALA CA   C N S 2   
ALA C    C N N 3   
ALA O    O N N 4   
ALA CB   C N N 5   
ALA OXT  O N N 6   
ALA H    H N N 7   
ALA H2   H N N 8   
ALA HA   H N N 9   
ALA HB1  H N N 10  
ALA HB2  H N N 11  
ALA HB3  H N N 12  
ALA HXT  H N N 13  
ARG N    N N N 14  
ARG CA   C N S 15  
ARG C    C N N 16  
ARG O    O N N 17  
ARG CB   C N N 18  
ARG CG   C N N 19  
ARG CD   C N N 20  
ARG NE   N N N 21  
ARG CZ   C N N 22  
ARG NH1  N N N 23  
ARG NH2  N N N 24  
ARG OXT  O N N 25  
ARG H    H N N 26  
ARG H2   H N N 27  
ARG HA   H N N 28  
ARG HB2  H N N 29  
ARG HB3  H N N 30  
ARG HG2  H N N 31  
ARG HG3  H N N 32  
ARG HD2  H N N 33  
ARG HD3  H N N 34  
ARG HE   H N N 35  
ARG HH11 H N N 36  
ARG HH12 H N N 37  
ARG HH21 H N N 38  
ARG HH22 H N N 39  
ARG HXT  H N N 40  
ASN N    N N N 41  
ASN CA   C N S 42  
ASN C    C N N 43  
ASN O    O N N 44  
ASN CB   C N N 45  
ASN CG   C N N 46  
ASN OD1  O N N 47  
ASN ND2  N N N 48  
ASN OXT  O N N 49  
ASN H    H N N 50  
ASN H2   H N N 51  
ASN HA   H N N 52  
ASN HB2  H N N 53  
ASN HB3  H N N 54  
ASN HD21 H N N 55  
ASN HD22 H N N 56  
ASN HXT  H N N 57  
ASP N    N N N 58  
ASP CA   C N S 59  
ASP C    C N N 60  
ASP O    O N N 61  
ASP CB   C N N 62  
ASP CG   C N N 63  
ASP OD1  O N N 64  
ASP OD2  O N N 65  
ASP OXT  O N N 66  
ASP H    H N N 67  
ASP H2   H N N 68  
ASP HA   H N N 69  
ASP HB2  H N N 70  
ASP HB3  H N N 71  
ASP HD2  H N N 72  
ASP HXT  H N N 73  
CYS N    N N N 74  
CYS CA   C N R 75  
CYS C    C N N 76  
CYS O    O N N 77  
CYS CB   C N N 78  
CYS SG   S N N 79  
CYS OXT  O N N 80  
CYS H    H N N 81  
CYS H2   H N N 82  
CYS HA   H N N 83  
CYS HB2  H N N 84  
CYS HB3  H N N 85  
CYS HG   H N N 86  
CYS HXT  H N N 87  
GLN N    N N N 88  
GLN CA   C N S 89  
GLN C    C N N 90  
GLN O    O N N 91  
GLN CB   C N N 92  
GLN CG   C N N 93  
GLN CD   C N N 94  
GLN OE1  O N N 95  
GLN NE2  N N N 96  
GLN OXT  O N N 97  
GLN H    H N N 98  
GLN H2   H N N 99  
GLN HA   H N N 100 
GLN HB2  H N N 101 
GLN HB3  H N N 102 
GLN HG2  H N N 103 
GLN HG3  H N N 104 
GLN HE21 H N N 105 
GLN HE22 H N N 106 
GLN HXT  H N N 107 
GLU N    N N N 108 
GLU CA   C N S 109 
GLU C    C N N 110 
GLU O    O N N 111 
GLU CB   C N N 112 
GLU CG   C N N 113 
GLU CD   C N N 114 
GLU OE1  O N N 115 
GLU OE2  O N N 116 
GLU OXT  O N N 117 
GLU H    H N N 118 
GLU H2   H N N 119 
GLU HA   H N N 120 
GLU HB2  H N N 121 
GLU HB3  H N N 122 
GLU HG2  H N N 123 
GLU HG3  H N N 124 
GLU HE2  H N N 125 
GLU HXT  H N N 126 
GLY N    N N N 127 
GLY CA   C N N 128 
GLY C    C N N 129 
GLY O    O N N 130 
GLY OXT  O N N 131 
GLY H    H N N 132 
GLY H2   H N N 133 
GLY HA2  H N N 134 
GLY HA3  H N N 135 
GLY HXT  H N N 136 
HIS N    N N N 137 
HIS CA   C N S 138 
HIS C    C N N 139 
HIS O    O N N 140 
HIS CB   C N N 141 
HIS CG   C Y N 142 
HIS ND1  N Y N 143 
HIS CD2  C Y N 144 
HIS CE1  C Y N 145 
HIS NE2  N Y N 146 
HIS OXT  O N N 147 
HIS H    H N N 148 
HIS H2   H N N 149 
HIS HA   H N N 150 
HIS HB2  H N N 151 
HIS HB3  H N N 152 
HIS HD1  H N N 153 
HIS HD2  H N N 154 
HIS HE1  H N N 155 
HIS HE2  H N N 156 
HIS HXT  H N N 157 
ILE N    N N N 158 
ILE CA   C N S 159 
ILE C    C N N 160 
ILE O    O N N 161 
ILE CB   C N S 162 
ILE CG1  C N N 163 
ILE CG2  C N N 164 
ILE CD1  C N N 165 
ILE OXT  O N N 166 
ILE H    H N N 167 
ILE H2   H N N 168 
ILE HA   H N N 169 
ILE HB   H N N 170 
ILE HG12 H N N 171 
ILE HG13 H N N 172 
ILE HG21 H N N 173 
ILE HG22 H N N 174 
ILE HG23 H N N 175 
ILE HD11 H N N 176 
ILE HD12 H N N 177 
ILE HD13 H N N 178 
ILE HXT  H N N 179 
LEU N    N N N 180 
LEU CA   C N S 181 
LEU C    C N N 182 
LEU O    O N N 183 
LEU CB   C N N 184 
LEU CG   C N N 185 
LEU CD1  C N N 186 
LEU CD2  C N N 187 
LEU OXT  O N N 188 
LEU H    H N N 189 
LEU H2   H N N 190 
LEU HA   H N N 191 
LEU HB2  H N N 192 
LEU HB3  H N N 193 
LEU HG   H N N 194 
LEU HD11 H N N 195 
LEU HD12 H N N 196 
LEU HD13 H N N 197 
LEU HD21 H N N 198 
LEU HD22 H N N 199 
LEU HD23 H N N 200 
LEU HXT  H N N 201 
LYS N    N N N 202 
LYS CA   C N S 203 
LYS C    C N N 204 
LYS O    O N N 205 
LYS CB   C N N 206 
LYS CG   C N N 207 
LYS CD   C N N 208 
LYS CE   C N N 209 
LYS NZ   N N N 210 
LYS OXT  O N N 211 
LYS H    H N N 212 
LYS H2   H N N 213 
LYS HA   H N N 214 
LYS HB2  H N N 215 
LYS HB3  H N N 216 
LYS HG2  H N N 217 
LYS HG3  H N N 218 
LYS HD2  H N N 219 
LYS HD3  H N N 220 
LYS HE2  H N N 221 
LYS HE3  H N N 222 
LYS HZ1  H N N 223 
LYS HZ2  H N N 224 
LYS HZ3  H N N 225 
LYS HXT  H N N 226 
MET N    N N N 227 
MET CA   C N S 228 
MET C    C N N 229 
MET O    O N N 230 
MET CB   C N N 231 
MET CG   C N N 232 
MET SD   S N N 233 
MET CE   C N N 234 
MET OXT  O N N 235 
MET H    H N N 236 
MET H2   H N N 237 
MET HA   H N N 238 
MET HB2  H N N 239 
MET HB3  H N N 240 
MET HG2  H N N 241 
MET HG3  H N N 242 
MET HE1  H N N 243 
MET HE2  H N N 244 
MET HE3  H N N 245 
MET HXT  H N N 246 
PHE N    N N N 247 
PHE CA   C N S 248 
PHE C    C N N 249 
PHE O    O N N 250 
PHE CB   C N N 251 
PHE CG   C Y N 252 
PHE CD1  C Y N 253 
PHE CD2  C Y N 254 
PHE CE1  C Y N 255 
PHE CE2  C Y N 256 
PHE CZ   C Y N 257 
PHE OXT  O N N 258 
PHE H    H N N 259 
PHE H2   H N N 260 
PHE HA   H N N 261 
PHE HB2  H N N 262 
PHE HB3  H N N 263 
PHE HD1  H N N 264 
PHE HD2  H N N 265 
PHE HE1  H N N 266 
PHE HE2  H N N 267 
PHE HZ   H N N 268 
PHE HXT  H N N 269 
PRO N    N N N 270 
PRO CA   C N S 271 
PRO C    C N N 272 
PRO O    O N N 273 
PRO CB   C N N 274 
PRO CG   C N N 275 
PRO CD   C N N 276 
PRO OXT  O N N 277 
PRO H    H N N 278 
PRO HA   H N N 279 
PRO HB2  H N N 280 
PRO HB3  H N N 281 
PRO HG2  H N N 282 
PRO HG3  H N N 283 
PRO HD2  H N N 284 
PRO HD3  H N N 285 
PRO HXT  H N N 286 
SER N    N N N 287 
SER CA   C N S 288 
SER C    C N N 289 
SER O    O N N 290 
SER CB   C N N 291 
SER OG   O N N 292 
SER OXT  O N N 293 
SER H    H N N 294 
SER H2   H N N 295 
SER HA   H N N 296 
SER HB2  H N N 297 
SER HB3  H N N 298 
SER HG   H N N 299 
SER HXT  H N N 300 
THR N    N N N 301 
THR CA   C N S 302 
THR C    C N N 303 
THR O    O N N 304 
THR CB   C N R 305 
THR OG1  O N N 306 
THR CG2  C N N 307 
THR OXT  O N N 308 
THR H    H N N 309 
THR H2   H N N 310 
THR HA   H N N 311 
THR HB   H N N 312 
THR HG1  H N N 313 
THR HG21 H N N 314 
THR HG22 H N N 315 
THR HG23 H N N 316 
THR HXT  H N N 317 
TRP N    N N N 318 
TRP CA   C N S 319 
TRP C    C N N 320 
TRP O    O N N 321 
TRP CB   C N N 322 
TRP CG   C Y N 323 
TRP CD1  C Y N 324 
TRP CD2  C Y N 325 
TRP NE1  N Y N 326 
TRP CE2  C Y N 327 
TRP CE3  C Y N 328 
TRP CZ2  C Y N 329 
TRP CZ3  C Y N 330 
TRP CH2  C Y N 331 
TRP OXT  O N N 332 
TRP H    H N N 333 
TRP H2   H N N 334 
TRP HA   H N N 335 
TRP HB2  H N N 336 
TRP HB3  H N N 337 
TRP HD1  H N N 338 
TRP HE1  H N N 339 
TRP HE3  H N N 340 
TRP HZ2  H N N 341 
TRP HZ3  H N N 342 
TRP HH2  H N N 343 
TRP HXT  H N N 344 
TYR N    N N N 345 
TYR CA   C N S 346 
TYR C    C N N 347 
TYR O    O N N 348 
TYR CB   C N N 349 
TYR CG   C Y N 350 
TYR CD1  C Y N 351 
TYR CD2  C Y N 352 
TYR CE1  C Y N 353 
TYR CE2  C Y N 354 
TYR CZ   C Y N 355 
TYR OH   O N N 356 
TYR OXT  O N N 357 
TYR H    H N N 358 
TYR H2   H N N 359 
TYR HA   H N N 360 
TYR HB2  H N N 361 
TYR HB3  H N N 362 
TYR HD1  H N N 363 
TYR HD2  H N N 364 
TYR HE1  H N N 365 
TYR HE2  H N N 366 
TYR HH   H N N 367 
TYR HXT  H N N 368 
VAL N    N N N 369 
VAL CA   C N S 370 
VAL C    C N N 371 
VAL O    O N N 372 
VAL CB   C N N 373 
VAL CG1  C N N 374 
VAL CG2  C N N 375 
VAL OXT  O N N 376 
VAL H    H N N 377 
VAL H2   H N N 378 
VAL HA   H N N 379 
VAL HB   H N N 380 
VAL HG11 H N N 381 
VAL HG12 H N N 382 
VAL HG13 H N N 383 
VAL HG21 H N N 384 
VAL HG22 H N N 385 
VAL HG23 H N N 386 
VAL HXT  H N N 387 
# 
loop_
_chem_comp_bond.comp_id 
_chem_comp_bond.atom_id_1 
_chem_comp_bond.atom_id_2 
_chem_comp_bond.value_order 
_chem_comp_bond.pdbx_aromatic_flag 
_chem_comp_bond.pdbx_stereo_config 
_chem_comp_bond.pdbx_ordinal 
ALA N   CA   sing N N 1   
ALA N   H    sing N N 2   
ALA N   H2   sing N N 3   
ALA CA  C    sing N N 4   
ALA CA  CB   sing N N 5   
ALA CA  HA   sing N N 6   
ALA C   O    doub N N 7   
ALA C   OXT  sing N N 8   
ALA CB  HB1  sing N N 9   
ALA CB  HB2  sing N N 10  
ALA CB  HB3  sing N N 11  
ALA OXT HXT  sing N N 12  
ARG N   CA   sing N N 13  
ARG N   H    sing N N 14  
ARG N   H2   sing N N 15  
ARG CA  C    sing N N 16  
ARG CA  CB   sing N N 17  
ARG CA  HA   sing N N 18  
ARG C   O    doub N N 19  
ARG C   OXT  sing N N 20  
ARG CB  CG   sing N N 21  
ARG CB  HB2  sing N N 22  
ARG CB  HB3  sing N N 23  
ARG CG  CD   sing N N 24  
ARG CG  HG2  sing N N 25  
ARG CG  HG3  sing N N 26  
ARG CD  NE   sing N N 27  
ARG CD  HD2  sing N N 28  
ARG CD  HD3  sing N N 29  
ARG NE  CZ   sing N N 30  
ARG NE  HE   sing N N 31  
ARG CZ  NH1  sing N N 32  
ARG CZ  NH2  doub N N 33  
ARG NH1 HH11 sing N N 34  
ARG NH1 HH12 sing N N 35  
ARG NH2 HH21 sing N N 36  
ARG NH2 HH22 sing N N 37  
ARG OXT HXT  sing N N 38  
ASN N   CA   sing N N 39  
ASN N   H    sing N N 40  
ASN N   H2   sing N N 41  
ASN CA  C    sing N N 42  
ASN CA  CB   sing N N 43  
ASN CA  HA   sing N N 44  
ASN C   O    doub N N 45  
ASN C   OXT  sing N N 46  
ASN CB  CG   sing N N 47  
ASN CB  HB2  sing N N 48  
ASN CB  HB3  sing N N 49  
ASN CG  OD1  doub N N 50  
ASN CG  ND2  sing N N 51  
ASN ND2 HD21 sing N N 52  
ASN ND2 HD22 sing N N 53  
ASN OXT HXT  sing N N 54  
ASP N   CA   sing N N 55  
ASP N   H    sing N N 56  
ASP N   H2   sing N N 57  
ASP CA  C    sing N N 58  
ASP CA  CB   sing N N 59  
ASP CA  HA   sing N N 60  
ASP C   O    doub N N 61  
ASP C   OXT  sing N N 62  
ASP CB  CG   sing N N 63  
ASP CB  HB2  sing N N 64  
ASP CB  HB3  sing N N 65  
ASP CG  OD1  doub N N 66  
ASP CG  OD2  sing N N 67  
ASP OD2 HD2  sing N N 68  
ASP OXT HXT  sing N N 69  
CYS N   CA   sing N N 70  
CYS N   H    sing N N 71  
CYS N   H2   sing N N 72  
CYS CA  C    sing N N 73  
CYS CA  CB   sing N N 74  
CYS CA  HA   sing N N 75  
CYS C   O    doub N N 76  
CYS C   OXT  sing N N 77  
CYS CB  SG   sing N N 78  
CYS CB  HB2  sing N N 79  
CYS CB  HB3  sing N N 80  
CYS SG  HG   sing N N 81  
CYS OXT HXT  sing N N 82  
GLN N   CA   sing N N 83  
GLN N   H    sing N N 84  
GLN N   H2   sing N N 85  
GLN CA  C    sing N N 86  
GLN CA  CB   sing N N 87  
GLN CA  HA   sing N N 88  
GLN C   O    doub N N 89  
GLN C   OXT  sing N N 90  
GLN CB  CG   sing N N 91  
GLN CB  HB2  sing N N 92  
GLN CB  HB3  sing N N 93  
GLN CG  CD   sing N N 94  
GLN CG  HG2  sing N N 95  
GLN CG  HG3  sing N N 96  
GLN CD  OE1  doub N N 97  
GLN CD  NE2  sing N N 98  
GLN NE2 HE21 sing N N 99  
GLN NE2 HE22 sing N N 100 
GLN OXT HXT  sing N N 101 
GLU N   CA   sing N N 102 
GLU N   H    sing N N 103 
GLU N   H2   sing N N 104 
GLU CA  C    sing N N 105 
GLU CA  CB   sing N N 106 
GLU CA  HA   sing N N 107 
GLU C   O    doub N N 108 
GLU C   OXT  sing N N 109 
GLU CB  CG   sing N N 110 
GLU CB  HB2  sing N N 111 
GLU CB  HB3  sing N N 112 
GLU CG  CD   sing N N 113 
GLU CG  HG2  sing N N 114 
GLU CG  HG3  sing N N 115 
GLU CD  OE1  doub N N 116 
GLU CD  OE2  sing N N 117 
GLU OE2 HE2  sing N N 118 
GLU OXT HXT  sing N N 119 
GLY N   CA   sing N N 120 
GLY N   H    sing N N 121 
GLY N   H2   sing N N 122 
GLY CA  C    sing N N 123 
GLY CA  HA2  sing N N 124 
GLY CA  HA3  sing N N 125 
GLY C   O    doub N N 126 
GLY C   OXT  sing N N 127 
GLY OXT HXT  sing N N 128 
HIS N   CA   sing N N 129 
HIS N   H    sing N N 130 
HIS N   H2   sing N N 131 
HIS CA  C    sing N N 132 
HIS CA  CB   sing N N 133 
HIS CA  HA   sing N N 134 
HIS C   O    doub N N 135 
HIS C   OXT  sing N N 136 
HIS CB  CG   sing N N 137 
HIS CB  HB2  sing N N 138 
HIS CB  HB3  sing N N 139 
HIS CG  ND1  sing Y N 140 
HIS CG  CD2  doub Y N 141 
HIS ND1 CE1  doub Y N 142 
HIS ND1 HD1  sing N N 143 
HIS CD2 NE2  sing Y N 144 
HIS CD2 HD2  sing N N 145 
HIS CE1 NE2  sing Y N 146 
HIS CE1 HE1  sing N N 147 
HIS NE2 HE2  sing N N 148 
HIS OXT HXT  sing N N 149 
ILE N   CA   sing N N 150 
ILE N   H    sing N N 151 
ILE N   H2   sing N N 152 
ILE CA  C    sing N N 153 
ILE CA  CB   sing N N 154 
ILE CA  HA   sing N N 155 
ILE C   O    doub N N 156 
ILE C   OXT  sing N N 157 
ILE CB  CG1  sing N N 158 
ILE CB  CG2  sing N N 159 
ILE CB  HB   sing N N 160 
ILE CG1 CD1  sing N N 161 
ILE CG1 HG12 sing N N 162 
ILE CG1 HG13 sing N N 163 
ILE CG2 HG21 sing N N 164 
ILE CG2 HG22 sing N N 165 
ILE CG2 HG23 sing N N 166 
ILE CD1 HD11 sing N N 167 
ILE CD1 HD12 sing N N 168 
ILE CD1 HD13 sing N N 169 
ILE OXT HXT  sing N N 170 
LEU N   CA   sing N N 171 
LEU N   H    sing N N 172 
LEU N   H2   sing N N 173 
LEU CA  C    sing N N 174 
LEU CA  CB   sing N N 175 
LEU CA  HA   sing N N 176 
LEU C   O    doub N N 177 
LEU C   OXT  sing N N 178 
LEU CB  CG   sing N N 179 
LEU CB  HB2  sing N N 180 
LEU CB  HB3  sing N N 181 
LEU CG  CD1  sing N N 182 
LEU CG  CD2  sing N N 183 
LEU CG  HG   sing N N 184 
LEU CD1 HD11 sing N N 185 
LEU CD1 HD12 sing N N 186 
LEU CD1 HD13 sing N N 187 
LEU CD2 HD21 sing N N 188 
LEU CD2 HD22 sing N N 189 
LEU CD2 HD23 sing N N 190 
LEU OXT HXT  sing N N 191 
LYS N   CA   sing N N 192 
LYS N   H    sing N N 193 
LYS N   H2   sing N N 194 
LYS CA  C    sing N N 195 
LYS CA  CB   sing N N 196 
LYS CA  HA   sing N N 197 
LYS C   O    doub N N 198 
LYS C   OXT  sing N N 199 
LYS CB  CG   sing N N 200 
LYS CB  HB2  sing N N 201 
LYS CB  HB3  sing N N 202 
LYS CG  CD   sing N N 203 
LYS CG  HG2  sing N N 204 
LYS CG  HG3  sing N N 205 
LYS CD  CE   sing N N 206 
LYS CD  HD2  sing N N 207 
LYS CD  HD3  sing N N 208 
LYS CE  NZ   sing N N 209 
LYS CE  HE2  sing N N 210 
LYS CE  HE3  sing N N 211 
LYS NZ  HZ1  sing N N 212 
LYS NZ  HZ2  sing N N 213 
LYS NZ  HZ3  sing N N 214 
LYS OXT HXT  sing N N 215 
MET N   CA   sing N N 216 
MET N   H    sing N N 217 
MET N   H2   sing N N 218 
MET CA  C    sing N N 219 
MET CA  CB   sing N N 220 
MET CA  HA   sing N N 221 
MET C   O    doub N N 222 
MET C   OXT  sing N N 223 
MET CB  CG   sing N N 224 
MET CB  HB2  sing N N 225 
MET CB  HB3  sing N N 226 
MET CG  SD   sing N N 227 
MET CG  HG2  sing N N 228 
MET CG  HG3  sing N N 229 
MET SD  CE   sing N N 230 
MET CE  HE1  sing N N 231 
MET CE  HE2  sing N N 232 
MET CE  HE3  sing N N 233 
MET OXT HXT  sing N N 234 
PHE N   CA   sing N N 235 
PHE N   H    sing N N 236 
PHE N   H2   sing N N 237 
PHE CA  C    sing N N 238 
PHE CA  CB   sing N N 239 
PHE CA  HA   sing N N 240 
PHE C   O    doub N N 241 
PHE C   OXT  sing N N 242 
PHE CB  CG   sing N N 243 
PHE CB  HB2  sing N N 244 
PHE CB  HB3  sing N N 245 
PHE CG  CD1  doub Y N 246 
PHE CG  CD2  sing Y N 247 
PHE CD1 CE1  sing Y N 248 
PHE CD1 HD1  sing N N 249 
PHE CD2 CE2  doub Y N 250 
PHE CD2 HD2  sing N N 251 
PHE CE1 CZ   doub Y N 252 
PHE CE1 HE1  sing N N 253 
PHE CE2 CZ   sing Y N 254 
PHE CE2 HE2  sing N N 255 
PHE CZ  HZ   sing N N 256 
PHE OXT HXT  sing N N 257 
PRO N   CA   sing N N 258 
PRO N   CD   sing N N 259 
PRO N   H    sing N N 260 
PRO CA  C    sing N N 261 
PRO CA  CB   sing N N 262 
PRO CA  HA   sing N N 263 
PRO C   O    doub N N 264 
PRO C   OXT  sing N N 265 
PRO CB  CG   sing N N 266 
PRO CB  HB2  sing N N 267 
PRO CB  HB3  sing N N 268 
PRO CG  CD   sing N N 269 
PRO CG  HG2  sing N N 270 
PRO CG  HG3  sing N N 271 
PRO CD  HD2  sing N N 272 
PRO CD  HD3  sing N N 273 
PRO OXT HXT  sing N N 274 
SER N   CA   sing N N 275 
SER N   H    sing N N 276 
SER N   H2   sing N N 277 
SER CA  C    sing N N 278 
SER CA  CB   sing N N 279 
SER CA  HA   sing N N 280 
SER C   O    doub N N 281 
SER C   OXT  sing N N 282 
SER CB  OG   sing N N 283 
SER CB  HB2  sing N N 284 
SER CB  HB3  sing N N 285 
SER OG  HG   sing N N 286 
SER OXT HXT  sing N N 287 
THR N   CA   sing N N 288 
THR N   H    sing N N 289 
THR N   H2   sing N N 290 
THR CA  C    sing N N 291 
THR CA  CB   sing N N 292 
THR CA  HA   sing N N 293 
THR C   O    doub N N 294 
THR C   OXT  sing N N 295 
THR CB  OG1  sing N N 296 
THR CB  CG2  sing N N 297 
THR CB  HB   sing N N 298 
THR OG1 HG1  sing N N 299 
THR CG2 HG21 sing N N 300 
THR CG2 HG22 sing N N 301 
THR CG2 HG23 sing N N 302 
THR OXT HXT  sing N N 303 
TRP N   CA   sing N N 304 
TRP N   H    sing N N 305 
TRP N   H2   sing N N 306 
TRP CA  C    sing N N 307 
TRP CA  CB   sing N N 308 
TRP CA  HA   sing N N 309 
TRP C   O    doub N N 310 
TRP C   OXT  sing N N 311 
TRP CB  CG   sing N N 312 
TRP CB  HB2  sing N N 313 
TRP CB  HB3  sing N N 314 
TRP CG  CD1  doub Y N 315 
TRP CG  CD2  sing Y N 316 
TRP CD1 NE1  sing Y N 317 
TRP CD1 HD1  sing N N 318 
TRP CD2 CE2  doub Y N 319 
TRP CD2 CE3  sing Y N 320 
TRP NE1 CE2  sing Y N 321 
TRP NE1 HE1  sing N N 322 
TRP CE2 CZ2  sing Y N 323 
TRP CE3 CZ3  doub Y N 324 
TRP CE3 HE3  sing N N 325 
TRP CZ2 CH2  doub Y N 326 
TRP CZ2 HZ2  sing N N 327 
TRP CZ3 CH2  sing Y N 328 
TRP CZ3 HZ3  sing N N 329 
TRP CH2 HH2  sing N N 330 
TRP OXT HXT  sing N N 331 
TYR N   CA   sing N N 332 
TYR N   H    sing N N 333 
TYR N   H2   sing N N 334 
TYR CA  C    sing N N 335 
TYR CA  CB   sing N N 336 
TYR CA  HA   sing N N 337 
TYR C   O    doub N N 338 
TYR C   OXT  sing N N 339 
TYR CB  CG   sing N N 340 
TYR CB  HB2  sing N N 341 
TYR CB  HB3  sing N N 342 
TYR CG  CD1  doub Y N 343 
TYR CG  CD2  sing Y N 344 
TYR CD1 CE1  sing Y N 345 
TYR CD1 HD1  sing N N 346 
TYR CD2 CE2  doub Y N 347 
TYR CD2 HD2  sing N N 348 
TYR CE1 CZ   doub Y N 349 
TYR CE1 HE1  sing N N 350 
TYR CE2 CZ   sing Y N 351 
TYR CE2 HE2  sing N N 352 
TYR CZ  OH   sing N N 353 
TYR OH  HH   sing N N 354 
TYR OXT HXT  sing N N 355 
VAL N   CA   sing N N 356 
VAL N   H    sing N N 357 
VAL N   H2   sing N N 358 
VAL CA  C    sing N N 359 
VAL CA  CB   sing N N 360 
VAL CA  HA   sing N N 361 
VAL C   O    doub N N 362 
VAL C   OXT  sing N N 363 
VAL CB  CG1  sing N N 364 
VAL CB  CG2  sing N N 365 
VAL CB  HB   sing N N 366 
VAL CG1 HG11 sing N N 367 
VAL CG1 HG12 sing N N 368 
VAL CG1 HG13 sing N N 369 
VAL CG2 HG21 sing N N 370 
VAL CG2 HG22 sing N N 371 
VAL CG2 HG23 sing N N 372 
VAL OXT HXT  sing N N 373 
# 
loop_
_pdbx_nmr_spectrometer.spectrometer_id 
_pdbx_nmr_spectrometer.model 
_pdbx_nmr_spectrometer.manufacturer 
_pdbx_nmr_spectrometer.field_strength 
_pdbx_nmr_spectrometer.type 
1 GN    GE     500 ? 
2 UNITY Varian 500 ? 
# 
_atom_sites.entry_id                    1ABV 
_atom_sites.fract_transf_matrix[1][1]   1.000000 
_atom_sites.fract_transf_matrix[1][2]   0.000000 
_atom_sites.fract_transf_matrix[1][3]   0.000000 
_atom_sites.fract_transf_matrix[2][1]   0.000000 
_atom_sites.fract_transf_matrix[2][2]   1.000000 
_atom_sites.fract_transf_matrix[2][3]   0.000000 
_atom_sites.fract_transf_matrix[3][1]   0.000000 
_atom_sites.fract_transf_matrix[3][2]   0.000000 
_atom_sites.fract_transf_matrix[3][3]   1.000000 
_atom_sites.fract_transf_vector[1]      0.00000 
_atom_sites.fract_transf_vector[2]      0.00000 
_atom_sites.fract_transf_vector[3]      0.00000 
# 
loop_
_atom_type.symbol 
C 
H 
N 
O 
S 
# 
loop_
_atom_site.group_PDB 
_atom_site.id 
_atom_site.type_symbol 
_atom_site.label_atom_id 
_atom_site.label_alt_id 
_atom_site.label_comp_id 
_atom_site.label_asym_id 
_atom_site.label_entity_id 
_atom_site.label_seq_id 
_atom_site.pdbx_PDB_ins_code 
_atom_site.Cartn_x 
_atom_site.Cartn_y 
_atom_site.Cartn_z 
_atom_site.occupancy 
_atom_site.B_iso_or_equiv 
_atom_site.pdbx_formal_charge 
_atom_site.auth_seq_id 
_atom_site.auth_comp_id 
_atom_site.auth_asym_id 
_atom_site.auth_atom_id 
_atom_site.pdbx_PDB_model_num 
ATOM 1    N N    . SER A 1 1   ? -2.920  -15.417 7.322   1.00 4.13 ? 1   SER A N    1 
ATOM 2    C CA   . SER A 1 1   ? -3.019  -14.260 8.270   1.00 3.49 ? 1   SER A CA   1 
ATOM 3    C C    . SER A 1 1   ? -3.144  -12.965 7.466   1.00 2.52 ? 1   SER A C    1 
ATOM 4    O O    . SER A 1 1   ? -2.219  -12.178 7.379   1.00 2.83 ? 1   SER A O    1 
ATOM 5    C CB   . SER A 1 1   ? -1.773  -14.216 9.166   1.00 4.04 ? 1   SER A CB   1 
ATOM 6    O OG   . SER A 1 1   ? -1.412  -15.548 9.530   1.00 4.42 ? 1   SER A OG   1 
ATOM 7    H H1   . SER A 1 1   ? -2.500  -15.098 6.415   1.00 4.29 ? 1   SER A H1   1 
ATOM 8    H H2   . SER A 1 1   ? -2.323  -16.159 7.738   1.00 4.55 ? 1   SER A H2   1 
ATOM 9    H H3   . SER A 1 1   ? -3.869  -15.798 7.136   1.00 4.48 ? 1   SER A H3   1 
ATOM 10   H HA   . SER A 1 1   ? -3.898  -14.378 8.883   1.00 3.86 ? 1   SER A HA   1 
ATOM 11   H HB2  . SER A 1 1   ? -0.957  -13.758 8.630   1.00 4.46 ? 1   SER A HB2  1 
ATOM 12   H HB3  . SER A 1 1   ? -1.990  -13.634 10.054  1.00 4.28 ? 1   SER A HB3  1 
ATOM 13   H HG   . SER A 1 1   ? -0.640  -15.506 10.110  1.00 4.70 ? 1   SER A HG   1 
ATOM 14   N N    . GLU A 1 2   ? -4.279  -12.768 6.855   1.00 2.03 ? 2   GLU A N    1 
ATOM 15   C CA   . GLU A 1 2   ? -4.499  -11.562 6.004   1.00 1.73 ? 2   GLU A CA   1 
ATOM 16   C C    . GLU A 1 2   ? -5.302  -10.498 6.776   1.00 1.52 ? 2   GLU A C    1 
ATOM 17   O O    . GLU A 1 2   ? -5.831  -10.756 7.845   1.00 1.94 ? 2   GLU A O    1 
ATOM 18   C CB   . GLU A 1 2   ? -5.271  -12.002 4.751   1.00 2.43 ? 2   GLU A CB   1 
ATOM 19   C CG   . GLU A 1 2   ? -4.425  -12.995 3.919   1.00 3.10 ? 2   GLU A CG   1 
ATOM 20   C CD   . GLU A 1 2   ? -4.072  -14.249 4.736   1.00 3.61 ? 2   GLU A CD   1 
ATOM 21   O OE1  . GLU A 1 2   ? -4.978  -14.896 5.237   1.00 4.24 ? 2   GLU A OE1  1 
ATOM 22   O OE2  . GLU A 1 2   ? -2.891  -14.536 4.871   1.00 3.86 ? 2   GLU A OE2  1 
ATOM 23   H H    . GLU A 1 2   ? -4.991  -13.437 6.928   1.00 2.50 ? 2   GLU A H    1 
ATOM 24   H HA   . GLU A 1 2   ? -3.545  -11.150 5.709   1.00 2.08 ? 2   GLU A HA   1 
ATOM 25   H HB2  . GLU A 1 2   ? -6.192  -12.482 5.050   1.00 2.76 ? 2   GLU A HB2  1 
ATOM 26   H HB3  . GLU A 1 2   ? -5.499  -11.134 4.148   1.00 2.84 ? 2   GLU A HB3  1 
ATOM 27   H HG2  . GLU A 1 2   ? -4.983  -13.291 3.044   1.00 3.44 ? 2   GLU A HG2  1 
ATOM 28   H HG3  . GLU A 1 2   ? -3.513  -12.509 3.608   1.00 3.49 ? 2   GLU A HG3  1 
ATOM 29   N N    . PHE A 1 3   ? -5.393  -9.306  6.240   1.00 1.15 ? 3   PHE A N    1 
ATOM 30   C CA   . PHE A 1 3   ? -6.154  -8.217  6.932   1.00 1.09 ? 3   PHE A CA   1 
ATOM 31   C C    . PHE A 1 3   ? -6.965  -7.403  5.904   1.00 0.96 ? 3   PHE A C    1 
ATOM 32   O O    . PHE A 1 3   ? -7.040  -6.184  5.973   1.00 0.92 ? 3   PHE A O    1 
ATOM 33   C CB   . PHE A 1 3   ? -5.159  -7.312  7.672   1.00 1.16 ? 3   PHE A CB   1 
ATOM 34   C CG   . PHE A 1 3   ? -5.421  -7.387  9.157   1.00 1.57 ? 3   PHE A CG   1 
ATOM 35   C CD1  . PHE A 1 3   ? -6.419  -6.591  9.730   1.00 2.39 ? 3   PHE A CD1  1 
ATOM 36   C CD2  . PHE A 1 3   ? -4.672  -8.255  9.959   1.00 2.08 ? 3   PHE A CD2  1 
ATOM 37   C CE1  . PHE A 1 3   ? -6.668  -6.662  11.105  1.00 2.99 ? 3   PHE A CE1  1 
ATOM 38   C CE2  . PHE A 1 3   ? -4.921  -8.327  11.336  1.00 2.76 ? 3   PHE A CE2  1 
ATOM 39   C CZ   . PHE A 1 3   ? -5.918  -7.529  11.909  1.00 3.00 ? 3   PHE A CZ   1 
ATOM 40   H H    . PHE A 1 3   ? -4.958  -9.125  5.374   1.00 1.22 ? 3   PHE A H    1 
ATOM 41   H HA   . PHE A 1 3   ? -6.834  -8.660  7.647   1.00 1.27 ? 3   PHE A HA   1 
ATOM 42   H HB2  . PHE A 1 3   ? -4.150  -7.645  7.468   1.00 1.40 ? 3   PHE A HB2  1 
ATOM 43   H HB3  . PHE A 1 3   ? -5.275  -6.293  7.336   1.00 1.31 ? 3   PHE A HB3  1 
ATOM 44   H HD1  . PHE A 1 3   ? -6.998  -5.925  9.110   1.00 2.92 ? 3   PHE A HD1  1 
ATOM 45   H HD2  . PHE A 1 3   ? -3.903  -8.871  9.516   1.00 2.46 ? 3   PHE A HD2  1 
ATOM 46   H HE1  . PHE A 1 3   ? -7.439  -6.048  11.547  1.00 3.78 ? 3   PHE A HE1  1 
ATOM 47   H HE2  . PHE A 1 3   ? -4.343  -8.998  11.955  1.00 3.45 ? 3   PHE A HE2  1 
ATOM 48   H HZ   . PHE A 1 3   ? -6.111  -7.586  12.971  1.00 3.62 ? 3   PHE A HZ   1 
ATOM 49   N N    . ILE A 1 4   ? -7.570  -8.074  4.951   1.00 1.01 ? 4   ILE A N    1 
ATOM 50   C CA   . ILE A 1 4   ? -8.379  -7.371  3.893   1.00 0.98 ? 4   ILE A CA   1 
ATOM 51   C C    . ILE A 1 4   ? -9.331  -6.332  4.513   1.00 0.94 ? 4   ILE A C    1 
ATOM 52   O O    . ILE A 1 4   ? -9.522  -5.265  3.959   1.00 0.85 ? 4   ILE A O    1 
ATOM 53   C CB   . ILE A 1 4   ? -9.187  -8.399  3.084   1.00 1.19 ? 4   ILE A CB   1 
ATOM 54   C CG1  . ILE A 1 4   ? -9.984  -9.309  4.026   1.00 1.25 ? 4   ILE A CG1  1 
ATOM 55   C CG2  . ILE A 1 4   ? -8.232  -9.257  2.251   1.00 1.74 ? 4   ILE A CG2  1 
ATOM 56   C CD1  . ILE A 1 4   ? -11.475 -8.994  3.901   1.00 1.48 ? 4   ILE A CD1  1 
ATOM 57   H H    . ILE A 1 4   ? -7.483  -9.049  4.924   1.00 1.12 ? 4   ILE A H    1 
ATOM 58   H HA   . ILE A 1 4   ? -7.701  -6.861  3.224   1.00 0.95 ? 4   ILE A HA   1 
ATOM 59   H HB   . ILE A 1 4   ? -9.866  -7.877  2.425   1.00 1.44 ? 4   ILE A HB   1 
ATOM 60   H HG12 . ILE A 1 4   ? -9.810  -10.342 3.759   1.00 1.40 ? 4   ILE A HG12 1 
ATOM 61   H HG13 . ILE A 1 4   ? -9.668  -9.146  5.044   1.00 1.46 ? 4   ILE A HG13 1 
ATOM 62   H HG21 . ILE A 1 4   ? -7.217  -8.918  2.400   1.00 2.10 ? 4   ILE A HG21 1 
ATOM 63   H HG22 . ILE A 1 4   ? -8.311  -10.290 2.556   1.00 2.10 ? 4   ILE A HG22 1 
ATOM 64   H HG23 . ILE A 1 4   ? -8.489  -9.172  1.205   1.00 2.27 ? 4   ILE A HG23 1 
ATOM 65   H HD11 . ILE A 1 4   ? -11.720 -8.815  2.864   1.00 1.91 ? 4   ILE A HD11 1 
ATOM 66   H HD12 . ILE A 1 4   ? -12.050 -9.832  4.268   1.00 1.94 ? 4   ILE A HD12 1 
ATOM 67   H HD13 . ILE A 1 4   ? -11.708 -8.115  4.484   1.00 1.76 ? 4   ILE A HD13 1 
ATOM 68   N N    . THR A 1 5   ? -9.920  -6.624  5.651   1.00 1.10 ? 5   THR A N    1 
ATOM 69   C CA   . THR A 1 5   ? -10.850 -5.637  6.307   1.00 1.19 ? 5   THR A CA   1 
ATOM 70   C C    . THR A 1 5   ? -10.140 -4.286  6.466   1.00 1.06 ? 5   THR A C    1 
ATOM 71   O O    . THR A 1 5   ? -10.726 -3.241  6.254   1.00 1.05 ? 5   THR A O    1 
ATOM 72   C CB   . THR A 1 5   ? -11.272 -6.153  7.689   1.00 1.49 ? 5   THR A CB   1 
ATOM 73   O OG1  . THR A 1 5   ? -11.621 -7.526  7.595   1.00 1.76 ? 5   THR A OG1  1 
ATOM 74   C CG2  . THR A 1 5   ? -12.477 -5.360  8.190   1.00 1.66 ? 5   THR A CG2  1 
ATOM 75   H H    . THR A 1 5   ? -9.748  -7.487  6.080   1.00 1.20 ? 5   THR A H    1 
ATOM 76   H HA   . THR A 1 5   ? -11.728 -5.506  5.691   1.00 1.23 ? 5   THR A HA   1 
ATOM 77   H HB   . THR A 1 5   ? -10.453 -6.035  8.385   1.00 1.67 ? 5   THR A HB   1 
ATOM 78   H HG1  . THR A 1 5   ? -12.065 -7.781  8.409   1.00 2.18 ? 5   THR A HG1  1 
ATOM 79   H HG21 . THR A 1 5   ? -12.336 -4.311  7.969   1.00 1.79 ? 5   THR A HG21 1 
ATOM 80   H HG22 . THR A 1 5   ? -13.370 -5.714  7.697   1.00 2.04 ? 5   THR A HG22 1 
ATOM 81   H HG23 . THR A 1 5   ? -12.579 -5.492  9.257   1.00 2.14 ? 5   THR A HG23 1 
ATOM 82   N N    . VAL A 1 6   ? -8.876  -4.306  6.819   1.00 1.03 ? 6   VAL A N    1 
ATOM 83   C CA   . VAL A 1 6   ? -8.103  -3.032  6.978   1.00 1.02 ? 6   VAL A CA   1 
ATOM 84   C C    . VAL A 1 6   ? -7.746  -2.476  5.588   1.00 0.83 ? 6   VAL A C    1 
ATOM 85   O O    . VAL A 1 6   ? -7.766  -1.281  5.366   1.00 0.90 ? 6   VAL A O    1 
ATOM 86   C CB   . VAL A 1 6   ? -6.820  -3.317  7.780   1.00 1.12 ? 6   VAL A CB   1 
ATOM 87   C CG1  . VAL A 1 6   ? -5.797  -2.198  7.564   1.00 1.33 ? 6   VAL A CG1  1 
ATOM 88   C CG2  . VAL A 1 6   ? -7.159  -3.392  9.268   1.00 1.44 ? 6   VAL A CG2  1 
ATOM 89   H H    . VAL A 1 6   ? -8.428  -5.167  6.967   1.00 1.06 ? 6   VAL A H    1 
ATOM 90   H HA   . VAL A 1 6   ? -8.705  -2.307  7.506   1.00 1.15 ? 6   VAL A HA   1 
ATOM 91   H HB   . VAL A 1 6   ? -6.396  -4.258  7.457   1.00 1.65 ? 6   VAL A HB   1 
ATOM 92   H HG11 . VAL A 1 6   ? -6.311  -1.264  7.392   1.00 1.80 ? 6   VAL A HG11 1 
ATOM 93   H HG12 . VAL A 1 6   ? -5.172  -2.108  8.440   1.00 1.74 ? 6   VAL A HG12 1 
ATOM 94   H HG13 . VAL A 1 6   ? -5.181  -2.432  6.707   1.00 1.81 ? 6   VAL A HG13 1 
ATOM 95   H HG21 . VAL A 1 6   ? -8.026  -4.020  9.411   1.00 1.96 ? 6   VAL A HG21 1 
ATOM 96   H HG22 . VAL A 1 6   ? -6.320  -3.807  9.808   1.00 1.95 ? 6   VAL A HG22 1 
ATOM 97   H HG23 . VAL A 1 6   ? -7.369  -2.399  9.640   1.00 1.76 ? 6   VAL A HG23 1 
ATOM 98   N N    . ALA A 1 7   ? -7.422  -3.338  4.656   1.00 0.68 ? 7   ALA A N    1 
ATOM 99   C CA   . ALA A 1 7   ? -7.062  -2.877  3.276   1.00 0.56 ? 7   ALA A CA   1 
ATOM 100  C C    . ALA A 1 7   ? -8.305  -2.357  2.529   1.00 0.53 ? 7   ALA A C    1 
ATOM 101  O O    . ALA A 1 7   ? -8.201  -1.476  1.695   1.00 0.53 ? 7   ALA A O    1 
ATOM 102  C CB   . ALA A 1 7   ? -6.467  -4.055  2.505   1.00 0.55 ? 7   ALA A CB   1 
ATOM 103  H H    . ALA A 1 7   ? -7.414  -4.297  4.864   1.00 0.72 ? 7   ALA A H    1 
ATOM 104  H HA   . ALA A 1 7   ? -6.330  -2.087  3.341   1.00 0.63 ? 7   ALA A HA   1 
ATOM 105  H HB1  . ALA A 1 7   ? -7.041  -4.946  2.708   1.00 1.15 ? 7   ALA A HB1  1 
ATOM 106  H HB2  . ALA A 1 7   ? -6.492  -3.843  1.447   1.00 1.08 ? 7   ALA A HB2  1 
ATOM 107  H HB3  . ALA A 1 7   ? -5.443  -4.207  2.817   1.00 1.23 ? 7   ALA A HB3  1 
ATOM 108  N N    . ARG A 1 8   ? -9.466  -2.909  2.811   1.00 0.63 ? 8   ARG A N    1 
ATOM 109  C CA   . ARG A 1 8   ? -10.730 -2.473  2.120   1.00 0.67 ? 8   ARG A CA   1 
ATOM 110  C C    . ARG A 1 8   ? -10.793 -0.935  1.984   1.00 0.66 ? 8   ARG A C    1 
ATOM 111  O O    . ARG A 1 8   ? -10.878 -0.433  0.880   1.00 0.63 ? 8   ARG A O    1 
ATOM 112  C CB   . ARG A 1 8   ? -11.944 -2.977  2.912   1.00 0.82 ? 8   ARG A CB   1 
ATOM 113  C CG   . ARG A 1 8   ? -12.400 -4.326  2.350   1.00 0.98 ? 8   ARG A CG   1 
ATOM 114  C CD   . ARG A 1 8   ? -13.696 -4.755  3.044   1.00 1.37 ? 8   ARG A CD   1 
ATOM 115  N NE   . ARG A 1 8   ? -14.737 -5.040  2.007   1.00 1.74 ? 8   ARG A NE   1 
ATOM 116  C CZ   . ARG A 1 8   ? -15.473 -6.098  2.097   1.00 2.08 ? 8   ARG A CZ   1 
ATOM 117  N NH1  . ARG A 1 8   ? -14.969 -7.253  1.820   1.00 2.67 ? 8   ARG A NH1  1 
ATOM 118  N NH2  . ARG A 1 8   ? -16.706 -5.994  2.459   1.00 2.57 ? 8   ARG A NH2  1 
ATOM 119  H H    . ARG A 1 8   ? -9.506  -3.632  3.478   1.00 0.74 ? 8   ARG A H    1 
ATOM 120  H HA   . ARG A 1 8   ? -10.754 -2.906  1.132   1.00 0.66 ? 8   ARG A HA   1 
ATOM 121  H HB2  . ARG A 1 8   ? -11.673 -3.092  3.953   1.00 0.98 ? 8   ARG A HB2  1 
ATOM 122  H HB3  . ARG A 1 8   ? -12.750 -2.262  2.828   1.00 0.91 ? 8   ARG A HB3  1 
ATOM 123  H HG2  . ARG A 1 8   ? -12.569 -4.236  1.287   1.00 1.54 ? 8   ARG A HG2  1 
ATOM 124  H HG3  . ARG A 1 8   ? -11.634 -5.068  2.533   1.00 1.37 ? 8   ARG A HG3  1 
ATOM 125  H HD2  . ARG A 1 8   ? -13.512 -5.644  3.633   1.00 1.90 ? 8   ARG A HD2  1 
ATOM 126  H HD3  . ARG A 1 8   ? -14.038 -3.958  3.694   1.00 1.95 ? 8   ARG A HD3  1 
ATOM 127  H HE   . ARG A 1 8   ? -14.861 -4.425  1.253   1.00 2.28 ? 8   ARG A HE   1 
ATOM 128  H HH11 . ARG A 1 8   ? -14.012 -7.322  1.539   1.00 2.97 ? 8   ARG A HH11 1 
ATOM 129  H HH12 . ARG A 1 8   ? -15.528 -8.075  1.888   1.00 3.18 ? 8   ARG A HH12 1 
ATOM 130  H HH21 . ARG A 1 8   ? -17.088 -5.094  2.670   1.00 2.85 ? 8   ARG A HH21 1 
ATOM 131  H HH22 . ARG A 1 8   ? -17.279 -6.806  2.528   1.00 3.07 ? 8   ARG A HH22 1 
ATOM 132  N N    . PRO A 1 9   ? -10.746 -0.230  3.100   1.00 0.72 ? 9   PRO A N    1 
ATOM 133  C CA   . PRO A 1 9   ? -10.796 1.251   3.100   1.00 0.77 ? 9   PRO A CA   1 
ATOM 134  C C    . PRO A 1 9   ? -9.471  1.849   2.598   1.00 0.72 ? 9   PRO A C    1 
ATOM 135  O O    . PRO A 1 9   ? -9.468  2.807   1.848   1.00 0.82 ? 9   PRO A O    1 
ATOM 136  C CB   . PRO A 1 9   ? -11.056 1.604   4.568   1.00 0.91 ? 9   PRO A CB   1 
ATOM 137  C CG   . PRO A 1 9   ? -10.592 0.386   5.398   1.00 0.92 ? 9   PRO A CG   1 
ATOM 138  C CD   . PRO A 1 9   ? -10.630 -0.828  4.450   1.00 0.80 ? 9   PRO A CD   1 
ATOM 139  H HA   . PRO A 1 9   ? -11.615 1.598   2.492   1.00 0.78 ? 9   PRO A HA   1 
ATOM 140  H HB2  . PRO A 1 9   ? -10.490 2.485   4.845   1.00 0.96 ? 9   PRO A HB2  1 
ATOM 141  H HB3  . PRO A 1 9   ? -12.110 1.774   4.728   1.00 0.99 ? 9   PRO A HB3  1 
ATOM 142  H HG2  . PRO A 1 9   ? -9.586  0.545   5.760   1.00 0.93 ? 9   PRO A HG2  1 
ATOM 143  H HG3  . PRO A 1 9   ? -11.264 0.221   6.226   1.00 1.03 ? 9   PRO A HG3  1 
ATOM 144  H HD2  . PRO A 1 9   ? -9.720  -1.404  4.537   1.00 0.75 ? 9   PRO A HD2  1 
ATOM 145  H HD3  . PRO A 1 9   ? -11.490 -1.443  4.660   1.00 0.86 ? 9   PRO A HD3  1 
ATOM 146  N N    . TYR A 1 10  ? -8.353  1.283   2.994   1.00 0.63 ? 10  TYR A N    1 
ATOM 147  C CA   . TYR A 1 10  ? -7.023  1.807   2.532   1.00 0.63 ? 10  TYR A CA   1 
ATOM 148  C C    . TYR A 1 10  ? -6.973  1.793   0.995   1.00 0.58 ? 10  TYR A C    1 
ATOM 149  O O    . TYR A 1 10  ? -6.636  2.780   0.367   1.00 0.79 ? 10  TYR A O    1 
ATOM 150  C CB   . TYR A 1 10  ? -5.903  0.919   3.091   1.00 0.63 ? 10  TYR A CB   1 
ATOM 151  C CG   . TYR A 1 10  ? -5.503  1.402   4.466   1.00 0.62 ? 10  TYR A CG   1 
ATOM 152  C CD1  . TYR A 1 10  ? -6.389  1.269   5.542   1.00 1.31 ? 10  TYR A CD1  1 
ATOM 153  C CD2  . TYR A 1 10  ? -4.244  1.974   4.668   1.00 1.31 ? 10  TYR A CD2  1 
ATOM 154  C CE1  . TYR A 1 10  ? -6.016  1.710   6.817   1.00 1.31 ? 10  TYR A CE1  1 
ATOM 155  C CE2  . TYR A 1 10  ? -3.871  2.413   5.944   1.00 1.37 ? 10  TYR A CE2  1 
ATOM 156  C CZ   . TYR A 1 10  ? -4.757  2.280   7.017   1.00 0.73 ? 10  TYR A CZ   1 
ATOM 157  O OH   . TYR A 1 10  ? -4.390  2.710   8.273   1.00 0.84 ? 10  TYR A OH   1 
ATOM 158  H H    . TYR A 1 10  ? -8.388  0.506   3.590   1.00 0.63 ? 10  TYR A H    1 
ATOM 159  H HA   . TYR A 1 10  ? -6.893  2.819   2.884   1.00 0.73 ? 10  TYR A HA   1 
ATOM 160  H HB2  . TYR A 1 10  ? -6.252  -0.100  3.157   1.00 0.65 ? 10  TYR A HB2  1 
ATOM 161  H HB3  . TYR A 1 10  ? -5.047  0.964   2.433   1.00 0.66 ? 10  TYR A HB3  1 
ATOM 162  H HD1  . TYR A 1 10  ? -7.361  0.828   5.387   1.00 2.14 ? 10  TYR A HD1  1 
ATOM 163  H HD2  . TYR A 1 10  ? -3.557  2.076   3.840   1.00 2.12 ? 10  TYR A HD2  1 
ATOM 164  H HE1  . TYR A 1 10  ? -6.699  1.609   7.646   1.00 2.12 ? 10  TYR A HE1  1 
ATOM 165  H HE2  . TYR A 1 10  ? -2.899  2.857   6.102   1.00 2.20 ? 10  TYR A HE2  1 
ATOM 166  H HH   . TYR A 1 10  ? -3.597  2.233   8.531   1.00 0.97 ? 10  TYR A HH   1 
ATOM 167  N N    . ALA A 1 11  ? -7.323  0.681   0.391   1.00 0.45 ? 11  ALA A N    1 
ATOM 168  C CA   . ALA A 1 11  ? -7.321  0.592   -1.102  1.00 0.48 ? 11  ALA A CA   1 
ATOM 169  C C    . ALA A 1 11  ? -8.492  1.414   -1.663  1.00 0.44 ? 11  ALA A C    1 
ATOM 170  O O    . ALA A 1 11  ? -8.354  2.097   -2.660  1.00 0.44 ? 11  ALA A O    1 
ATOM 171  C CB   . ALA A 1 11  ? -7.470  -0.875  -1.524  1.00 0.56 ? 11  ALA A CB   1 
ATOM 172  H H    . ALA A 1 11  ? -7.603  -0.096  0.926   1.00 0.48 ? 11  ALA A H    1 
ATOM 173  H HA   . ALA A 1 11  ? -6.390  0.986   -1.487  1.00 0.58 ? 11  ALA A HA   1 
ATOM 174  H HB1  . ALA A 1 11  ? -7.916  -1.437  -0.715  1.00 1.18 ? 11  ALA A HB1  1 
ATOM 175  H HB2  . ALA A 1 11  ? -8.104  -0.937  -2.396  1.00 1.12 ? 11  ALA A HB2  1 
ATOM 176  H HB3  . ALA A 1 11  ? -6.499  -1.285  -1.755  1.00 1.12 ? 11  ALA A HB3  1 
ATOM 177  N N    . LYS A 1 12  ? -9.639  1.350   -1.023  1.00 0.50 ? 12  LYS A N    1 
ATOM 178  C CA   . LYS A 1 12  ? -10.834 2.123   -1.501  1.00 0.48 ? 12  LYS A CA   1 
ATOM 179  C C    . LYS A 1 12  ? -10.508 3.625   -1.531  1.00 0.47 ? 12  LYS A C    1 
ATOM 180  O O    . LYS A 1 12  ? -10.551 4.250   -2.575  1.00 0.54 ? 12  LYS A O    1 
ATOM 181  C CB   . LYS A 1 12  ? -12.024 1.872   -0.552  1.00 0.56 ? 12  LYS A CB   1 
ATOM 182  C CG   . LYS A 1 12  ? -13.358 2.190   -1.254  1.00 1.10 ? 12  LYS A CG   1 
ATOM 183  C CD   . LYS A 1 12  ? -13.370 3.654   -1.728  1.00 1.41 ? 12  LYS A CD   1 
ATOM 184  C CE   . LYS A 1 12  ? -14.728 4.310   -1.448  1.00 2.03 ? 12  LYS A CE   1 
ATOM 185  N NZ   . LYS A 1 12  ? -15.218 5.000   -2.678  1.00 2.67 ? 12  LYS A NZ   1 
ATOM 186  H H    . LYS A 1 12  ? -9.714  0.789   -0.222  1.00 0.59 ? 12  LYS A H    1 
ATOM 187  H HA   . LYS A 1 12  ? -11.093 1.799   -2.497  1.00 0.48 ? 12  LYS A HA   1 
ATOM 188  H HB2  . LYS A 1 12  ? -12.023 0.837   -0.246  1.00 0.83 ? 12  LYS A HB2  1 
ATOM 189  H HB3  . LYS A 1 12  ? -11.922 2.500   0.322   1.00 0.89 ? 12  LYS A HB3  1 
ATOM 190  H HG2  . LYS A 1 12  ? -13.477 1.535   -2.108  1.00 1.74 ? 12  LYS A HG2  1 
ATOM 191  H HG3  . LYS A 1 12  ? -14.175 2.028   -0.562  1.00 1.59 ? 12  LYS A HG3  1 
ATOM 192  H HD2  . LYS A 1 12  ? -12.598 4.205   -1.208  1.00 1.91 ? 12  LYS A HD2  1 
ATOM 193  H HD3  . LYS A 1 12  ? -13.170 3.686   -2.788  1.00 1.88 ? 12  LYS A HD3  1 
ATOM 194  H HE2  . LYS A 1 12  ? -15.443 3.557   -1.145  1.00 2.47 ? 12  LYS A HE2  1 
ATOM 195  H HE3  . LYS A 1 12  ? -14.611 5.037   -0.656  1.00 2.49 ? 12  LYS A HE3  1 
ATOM 196  H HZ1  . LYS A 1 12  ? -14.399 5.265   -3.283  1.00 3.08 ? 12  LYS A HZ1  1 
ATOM 197  H HZ2  . LYS A 1 12  ? -15.849 4.375   -3.213  1.00 2.99 ? 12  LYS A HZ2  1 
ATOM 198  H HZ3  . LYS A 1 12  ? -15.727 5.865   -2.409  1.00 3.08 ? 12  LYS A HZ3  1 
ATOM 199  N N    . ALA A 1 13  ? -10.198 4.202   -0.392  1.00 0.49 ? 13  ALA A N    1 
ATOM 200  C CA   . ALA A 1 13  ? -9.884  5.668   -0.329  1.00 0.51 ? 13  ALA A CA   1 
ATOM 201  C C    . ALA A 1 13  ? -8.775  6.023   -1.333  1.00 0.48 ? 13  ALA A C    1 
ATOM 202  O O    . ALA A 1 13  ? -8.871  6.996   -2.057  1.00 0.52 ? 13  ALA A O    1 
ATOM 203  C CB   . ALA A 1 13  ? -9.432  6.024   1.091   1.00 0.57 ? 13  ALA A CB   1 
ATOM 204  H H    . ALA A 1 13  ? -10.179 3.667   0.431   1.00 0.57 ? 13  ALA A H    1 
ATOM 205  H HA   . ALA A 1 13  ? -10.772 6.234   -0.573  1.00 0.51 ? 13  ALA A HA   1 
ATOM 206  H HB1  . ALA A 1 13  ? -8.809  5.231   1.481   1.00 0.97 ? 13  ALA A HB1  1 
ATOM 207  H HB2  . ALA A 1 13  ? -8.872  6.946   1.070   1.00 1.29 ? 13  ALA A HB2  1 
ATOM 208  H HB3  . ALA A 1 13  ? -10.298 6.144   1.724   1.00 1.22 ? 13  ALA A HB3  1 
ATOM 209  N N    . ALA A 1 14  ? -7.726  5.241   -1.381  1.00 0.45 ? 14  ALA A N    1 
ATOM 210  C CA   . ALA A 1 14  ? -6.614  5.527   -2.339  1.00 0.46 ? 14  ALA A CA   1 
ATOM 211  C C    . ALA A 1 14  ? -7.118  5.364   -3.788  1.00 0.46 ? 14  ALA A C    1 
ATOM 212  O O    . ALA A 1 14  ? -6.744  6.118   -4.667  1.00 0.60 ? 14  ALA A O    1 
ATOM 213  C CB   . ALA A 1 14  ? -5.459  4.561   -2.067  1.00 0.47 ? 14  ALA A CB   1 
ATOM 214  H H    . ALA A 1 14  ? -7.672  4.461   -0.788  1.00 0.46 ? 14  ALA A H    1 
ATOM 215  H HA   . ALA A 1 14  ? -6.274  6.542   -2.195  1.00 0.48 ? 14  ALA A HA   1 
ATOM 216  H HB1  . ALA A 1 14  ? -5.802  3.545   -2.187  1.00 1.08 ? 14  ALA A HB1  1 
ATOM 217  H HB2  . ALA A 1 14  ? -4.657  4.756   -2.764  1.00 1.02 ? 14  ALA A HB2  1 
ATOM 218  H HB3  . ALA A 1 14  ? -5.101  4.703   -1.058  1.00 1.17 ? 14  ALA A HB3  1 
ATOM 219  N N    . PHE A 1 15  ? -7.973  4.397   -4.035  1.00 0.41 ? 15  PHE A N    1 
ATOM 220  C CA   . PHE A 1 15  ? -8.517  4.188   -5.418  1.00 0.42 ? 15  PHE A CA   1 
ATOM 221  C C    . PHE A 1 15  ? -9.378  5.394   -5.829  1.00 0.42 ? 15  PHE A C    1 
ATOM 222  O O    . PHE A 1 15  ? -9.270  5.880   -6.942  1.00 0.49 ? 15  PHE A O    1 
ATOM 223  C CB   . PHE A 1 15  ? -9.365  2.912   -5.443  1.00 0.45 ? 15  PHE A CB   1 
ATOM 224  C CG   . PHE A 1 15  ? -9.829  2.635   -6.855  1.00 0.48 ? 15  PHE A CG   1 
ATOM 225  C CD1  . PHE A 1 15  ? -8.924  2.155   -7.808  1.00 1.32 ? 15  PHE A CD1  1 
ATOM 226  C CD2  . PHE A 1 15  ? -11.164 2.856   -7.208  1.00 1.33 ? 15  PHE A CD2  1 
ATOM 227  C CE1  . PHE A 1 15  ? -9.355  1.898   -9.115  1.00 1.43 ? 15  PHE A CE1  1 
ATOM 228  C CE2  . PHE A 1 15  ? -11.594 2.599   -8.514  1.00 1.39 ? 15  PHE A CE2  1 
ATOM 229  C CZ   . PHE A 1 15  ? -10.690 2.119   -9.467  1.00 0.84 ? 15  PHE A CZ   1 
ATOM 230  H H    . PHE A 1 15  ? -8.264  3.807   -3.307  1.00 0.45 ? 15  PHE A H    1 
ATOM 231  H HA   . PHE A 1 15  ? -7.695  4.088   -6.113  1.00 0.43 ? 15  PHE A HA   1 
ATOM 232  H HB2  . PHE A 1 15  ? -8.774  2.080   -5.086  1.00 0.52 ? 15  PHE A HB2  1 
ATOM 233  H HB3  . PHE A 1 15  ? -10.225 3.041   -4.802  1.00 0.56 ? 15  PHE A HB3  1 
ATOM 234  H HD1  . PHE A 1 15  ? -7.894  1.987   -7.537  1.00 2.17 ? 15  PHE A HD1  1 
ATOM 235  H HD2  . PHE A 1 15  ? -11.862 3.228   -6.473  1.00 2.20 ? 15  PHE A HD2  1 
ATOM 236  H HE1  . PHE A 1 15  ? -8.656  1.527   -9.851  1.00 2.32 ? 15  PHE A HE1  1 
ATOM 237  H HE2  . PHE A 1 15  ? -12.627 2.770   -8.787  1.00 2.25 ? 15  PHE A HE2  1 
ATOM 238  H HZ   . PHE A 1 15  ? -11.024 1.921   -10.476 1.00 1.01 ? 15  PHE A HZ   1 
ATOM 239  N N    . ASP A 1 16  ? -10.221 5.882   -4.939  1.00 0.44 ? 16  ASP A N    1 
ATOM 240  C CA   . ASP A 1 16  ? -11.088 7.068   -5.265  1.00 0.47 ? 16  ASP A CA   1 
ATOM 241  C C    . ASP A 1 16  ? -10.231 8.178   -5.882  1.00 0.47 ? 16  ASP A C    1 
ATOM 242  O O    . ASP A 1 16  ? -10.331 8.489   -7.060  1.00 0.51 ? 16  ASP A O    1 
ATOM 243  C CB   . ASP A 1 16  ? -11.719 7.614   -3.971  1.00 0.51 ? 16  ASP A CB   1 
ATOM 244  C CG   . ASP A 1 16  ? -12.790 6.678   -3.445  1.00 0.74 ? 16  ASP A CG   1 
ATOM 245  O OD1  . ASP A 1 16  ? -13.533 6.127   -4.242  1.00 1.51 ? 16  ASP A OD1  1 
ATOM 246  O OD2  . ASP A 1 16  ? -12.871 6.529   -2.241  1.00 1.23 ? 16  ASP A OD2  1 
ATOM 247  H H    . ASP A 1 16  ? -10.279 5.471   -4.049  1.00 0.49 ? 16  ASP A H    1 
ATOM 248  H HA   . ASP A 1 16  ? -11.867 6.776   -5.957  1.00 0.48 ? 16  ASP A HA   1 
ATOM 249  H HB2  . ASP A 1 16  ? -10.954 7.725   -3.220  1.00 0.61 ? 16  ASP A HB2  1 
ATOM 250  H HB3  . ASP A 1 16  ? -12.162 8.578   -4.175  1.00 0.67 ? 16  ASP A HB3  1 
ATOM 251  N N    . PHE A 1 17  ? -9.385  8.766   -5.073  1.00 0.46 ? 17  PHE A N    1 
ATOM 252  C CA   . PHE A 1 17  ? -8.489  9.862   -5.544  1.00 0.48 ? 17  PHE A CA   1 
ATOM 253  C C    . PHE A 1 17  ? -7.638  9.363   -6.731  1.00 0.44 ? 17  PHE A C    1 
ATOM 254  O O    . PHE A 1 17  ? -7.384  10.098  -7.670  1.00 0.47 ? 17  PHE A O    1 
ATOM 255  C CB   . PHE A 1 17  ? -7.615  10.322  -4.356  1.00 0.53 ? 17  PHE A CB   1 
ATOM 256  C CG   . PHE A 1 17  ? -6.150  10.075  -4.626  1.00 0.49 ? 17  PHE A CG   1 
ATOM 257  C CD1  . PHE A 1 17  ? -5.389  11.045  -5.284  1.00 1.14 ? 17  PHE A CD1  1 
ATOM 258  C CD2  . PHE A 1 17  ? -5.558  8.874   -4.222  1.00 1.28 ? 17  PHE A CD2  1 
ATOM 259  C CE1  . PHE A 1 17  ? -4.034  10.816  -5.538  1.00 1.15 ? 17  PHE A CE1  1 
ATOM 260  C CE2  . PHE A 1 17  ? -4.202  8.643   -4.476  1.00 1.28 ? 17  PHE A CE2  1 
ATOM 261  C CZ   . PHE A 1 17  ? -3.439  9.615   -5.136  1.00 0.50 ? 17  PHE A CZ   1 
ATOM 262  H H    . PHE A 1 17  ? -9.342  8.476   -4.138  1.00 0.46 ? 17  PHE A H    1 
ATOM 263  H HA   . PHE A 1 17  ? -9.098  10.692  -5.877  1.00 0.52 ? 17  PHE A HA   1 
ATOM 264  H HB2  . PHE A 1 17  ? -7.771  11.378  -4.189  1.00 0.59 ? 17  PHE A HB2  1 
ATOM 265  H HB3  . PHE A 1 17  ? -7.909  9.778   -3.469  1.00 0.55 ? 17  PHE A HB3  1 
ATOM 266  H HD1  . PHE A 1 17  ? -5.849  11.972  -5.594  1.00 1.95 ? 17  PHE A HD1  1 
ATOM 267  H HD2  . PHE A 1 17  ? -6.147  8.125   -3.713  1.00 2.11 ? 17  PHE A HD2  1 
ATOM 268  H HE1  . PHE A 1 17  ? -3.445  11.565  -6.045  1.00 1.97 ? 17  PHE A HE1  1 
ATOM 269  H HE2  . PHE A 1 17  ? -3.744  7.716   -4.167  1.00 2.09 ? 17  PHE A HE2  1 
ATOM 270  H HZ   . PHE A 1 17  ? -2.392  9.440   -5.333  1.00 0.53 ? 17  PHE A HZ   1 
ATOM 271  N N    . ALA A 1 18  ? -7.215  8.114   -6.708  1.00 0.39 ? 18  ALA A N    1 
ATOM 272  C CA   . ALA A 1 18  ? -6.410  7.563   -7.846  1.00 0.37 ? 18  ALA A CA   1 
ATOM 273  C C    . ALA A 1 18  ? -7.209  7.737   -9.151  1.00 0.36 ? 18  ALA A C    1 
ATOM 274  O O    . ALA A 1 18  ? -6.651  8.044   -10.192 1.00 0.37 ? 18  ALA A O    1 
ATOM 275  C CB   . ALA A 1 18  ? -6.126  6.076   -7.602  1.00 0.34 ? 18  ALA A CB   1 
ATOM 276  H H    . ALA A 1 18  ? -7.444  7.534   -5.949  1.00 0.39 ? 18  ALA A H    1 
ATOM 277  H HA   . ALA A 1 18  ? -5.476  8.102   -7.922  1.00 0.41 ? 18  ALA A HA   1 
ATOM 278  H HB1  . ALA A 1 18  ? -5.644  5.954   -6.643  1.00 1.11 ? 18  ALA A HB1  1 
ATOM 279  H HB2  . ALA A 1 18  ? -7.056  5.526   -7.609  1.00 1.10 ? 18  ALA A HB2  1 
ATOM 280  H HB3  . ALA A 1 18  ? -5.480  5.698   -8.381  1.00 1.01 ? 18  ALA A HB3  1 
ATOM 281  N N    . VAL A 1 19  ? -8.513  7.563   -9.087  1.00 0.38 ? 19  VAL A N    1 
ATOM 282  C CA   . VAL A 1 19  ? -9.370  7.743   -10.302 1.00 0.40 ? 19  VAL A CA   1 
ATOM 283  C C    . VAL A 1 19  ? -9.506  9.246   -10.587 1.00 0.49 ? 19  VAL A C    1 
ATOM 284  O O    . VAL A 1 19  ? -9.260  9.696   -11.692 1.00 0.61 ? 19  VAL A O    1 
ATOM 285  C CB   . VAL A 1 19  ? -10.759 7.127   -10.053 1.00 0.39 ? 19  VAL A CB   1 
ATOM 286  C CG1  . VAL A 1 19  ? -11.694 7.471   -11.213 1.00 0.44 ? 19  VAL A CG1  1 
ATOM 287  C CG2  . VAL A 1 19  ? -10.636 5.605   -9.959  1.00 0.43 ? 19  VAL A CG2  1 
ATOM 288  H H    . VAL A 1 19  ? -8.931  7.330   -8.228  1.00 0.42 ? 19  VAL A H    1 
ATOM 289  H HA   . VAL A 1 19  ? -8.905  7.259   -11.148 1.00 0.42 ? 19  VAL A HA   1 
ATOM 290  H HB   . VAL A 1 19  ? -11.167 7.516   -9.129  1.00 0.40 ? 19  VAL A HB   1 
ATOM 291  H HG11 . VAL A 1 19  ? -11.199 7.261   -12.150 1.00 1.16 ? 19  VAL A HG11 1 
ATOM 292  H HG12 . VAL A 1 19  ? -12.593 6.875   -11.139 1.00 1.13 ? 19  VAL A HG12 1 
ATOM 293  H HG13 . VAL A 1 19  ? -11.954 8.519   -11.169 1.00 1.02 ? 19  VAL A HG13 1 
ATOM 294  H HG21 . VAL A 1 19  ? -10.231 5.219   -10.882 1.00 1.18 ? 19  VAL A HG21 1 
ATOM 295  H HG22 . VAL A 1 19  ? -9.978  5.346   -9.141  1.00 1.12 ? 19  VAL A HG22 1 
ATOM 296  H HG23 . VAL A 1 19  ? -11.612 5.175   -9.786  1.00 1.04 ? 19  VAL A HG23 1 
ATOM 297  N N    . GLU A 1 20  ? -9.878  10.025  -9.593  1.00 0.52 ? 20  GLU A N    1 
ATOM 298  C CA   . GLU A 1 20  ? -10.019 11.510  -9.785  1.00 0.63 ? 20  GLU A CA   1 
ATOM 299  C C    . GLU A 1 20  ? -8.702  12.101  -10.315 1.00 0.67 ? 20  GLU A C    1 
ATOM 300  O O    . GLU A 1 20  ? -8.691  12.890  -11.241 1.00 1.08 ? 20  GLU A O    1 
ATOM 301  C CB   . GLU A 1 20  ? -10.352 12.167  -8.443  1.00 0.85 ? 20  GLU A CB   1 
ATOM 302  C CG   . GLU A 1 20  ? -11.776 11.791  -8.016  1.00 1.34 ? 20  GLU A CG   1 
ATOM 303  C CD   . GLU A 1 20  ? -11.999 12.190  -6.556  1.00 1.56 ? 20  GLU A CD   1 
ATOM 304  O OE1  . GLU A 1 20  ? -11.282 11.690  -5.705  1.00 2.15 ? 20  GLU A OE1  1 
ATOM 305  O OE2  . GLU A 1 20  ? -12.884 12.992  -6.315  1.00 2.04 ? 20  GLU A OE2  1 
ATOM 306  H H    . GLU A 1 20  ? -10.057 9.632   -8.710  1.00 0.53 ? 20  GLU A H    1 
ATOM 307  H HA   . GLU A 1 20  ? -10.813 11.709  -10.491 1.00 0.85 ? 20  GLU A HA   1 
ATOM 308  H HB2  . GLU A 1 20  ? -9.652  11.827  -7.693  1.00 1.16 ? 20  GLU A HB2  1 
ATOM 309  H HB3  . GLU A 1 20  ? -10.280 13.240  -8.541  1.00 1.35 ? 20  GLU A HB3  1 
ATOM 310  H HG2  . GLU A 1 20  ? -12.488 12.310  -8.640  1.00 1.94 ? 20  GLU A HG2  1 
ATOM 311  H HG3  . GLU A 1 20  ? -11.915 10.726  -8.119  1.00 2.01 ? 20  GLU A HG3  1 
ATOM 312  N N    . HIS A 1 21  ? -7.593  11.719  -9.726  1.00 0.71 ? 21  HIS A N    1 
ATOM 313  C CA   . HIS A 1 21  ? -6.260  12.242  -10.176 1.00 0.91 ? 21  HIS A CA   1 
ATOM 314  C C    . HIS A 1 21  ? -5.781  11.507  -11.447 1.00 0.95 ? 21  HIS A C    1 
ATOM 315  O O    . HIS A 1 21  ? -4.676  11.730  -11.909 1.00 1.77 ? 21  HIS A O    1 
ATOM 316  C CB   . HIS A 1 21  ? -5.237  12.027  -9.051  1.00 1.14 ? 21  HIS A CB   1 
ATOM 317  C CG   . HIS A 1 21  ? -5.319  13.156  -8.060  1.00 1.10 ? 21  HIS A CG   1 
ATOM 318  N ND1  . HIS A 1 21  ? -4.212  13.597  -7.356  1.00 1.19 ? 21  HIS A ND1  1 
ATOM 319  C CD2  . HIS A 1 21  ? -6.365  13.936  -7.638  1.00 1.67 ? 21  HIS A CD2  1 
ATOM 320  C CE1  . HIS A 1 21  ? -4.615  14.603  -6.557  1.00 1.82 ? 21  HIS A CE1  1 
ATOM 321  N NE2  . HIS A 1 21  ? -5.918  14.849  -6.689  1.00 2.22 ? 21  HIS A NE2  1 
ATOM 322  H H    . HIS A 1 21  ? -7.640  11.080  -8.977  1.00 0.93 ? 21  HIS A H    1 
ATOM 323  H HA   . HIS A 1 21  ? -6.341  13.299  -10.386 1.00 1.05 ? 21  HIS A HA   1 
ATOM 324  H HB2  . HIS A 1 21  ? -5.445  11.094  -8.546  1.00 1.44 ? 21  HIS A HB2  1 
ATOM 325  H HB3  . HIS A 1 21  ? -4.242  11.993  -9.471  1.00 1.81 ? 21  HIS A HB3  1 
ATOM 326  H HD1  . HIS A 1 21  ? -3.300  13.238  -7.424  1.00 1.11 ? 21  HIS A HD1  1 
ATOM 327  H HD2  . HIS A 1 21  ? -7.383  13.854  -7.988  1.00 1.86 ? 21  HIS A HD2  1 
ATOM 328  H HE1  . HIS A 1 21  ? -3.961  15.144  -5.887  1.00 2.13 ? 21  HIS A HE1  1 
ATOM 329  N N    . GLN A 1 22  ? -6.594  10.632  -12.013 1.00 0.62 ? 22  GLN A N    1 
ATOM 330  C CA   . GLN A 1 22  ? -6.185  9.880   -13.248 1.00 0.67 ? 22  GLN A CA   1 
ATOM 331  C C    . GLN A 1 22  ? -4.853  9.135   -13.010 1.00 0.61 ? 22  GLN A C    1 
ATOM 332  O O    . GLN A 1 22  ? -4.119  8.840   -13.939 1.00 0.81 ? 22  GLN A O    1 
ATOM 333  C CB   . GLN A 1 22  ? -6.037  10.870  -14.416 1.00 0.81 ? 22  GLN A CB   1 
ATOM 334  C CG   . GLN A 1 22  ? -7.146  10.618  -15.446 1.00 1.46 ? 22  GLN A CG   1 
ATOM 335  C CD   . GLN A 1 22  ? -7.000  11.589  -16.620 1.00 2.03 ? 22  GLN A CD   1 
ATOM 336  O OE1  . GLN A 1 22  ? -7.622  12.627  -16.648 1.00 2.60 ? 22  GLN A OE1  1 
ATOM 337  N NE2  . GLN A 1 22  ? -6.203  11.293  -17.600 1.00 2.67 ? 22  GLN A NE2  1 
ATOM 338  H H    . GLN A 1 22  ? -7.476  10.466  -11.623 1.00 1.11 ? 22  GLN A H    1 
ATOM 339  H HA   . GLN A 1 22  ? -6.951  9.158   -13.490 1.00 0.74 ? 22  GLN A HA   1 
ATOM 340  H HB2  . GLN A 1 22  ? -6.115  11.883  -14.041 1.00 1.29 ? 22  GLN A HB2  1 
ATOM 341  H HB3  . GLN A 1 22  ? -5.074  10.734  -14.885 1.00 1.31 ? 22  GLN A HB3  1 
ATOM 342  H HG2  . GLN A 1 22  ? -7.074  9.605   -15.811 1.00 2.04 ? 22  GLN A HG2  1 
ATOM 343  H HG3  . GLN A 1 22  ? -8.110  10.766  -14.981 1.00 1.97 ? 22  GLN A HG3  1 
ATOM 344  H HE21 . GLN A 1 22  ? -5.699  10.455  -17.586 1.00 2.92 ? 22  GLN A HE21 1 
ATOM 345  H HE22 . GLN A 1 22  ? -6.106  11.913  -18.350 1.00 3.23 ? 22  GLN A HE22 1 
ATOM 346  N N    . SER A 1 23  ? -4.543  8.819   -11.774 1.00 0.43 ? 23  SER A N    1 
ATOM 347  C CA   . SER A 1 23  ? -3.266  8.093   -11.470 1.00 0.40 ? 23  SER A CA   1 
ATOM 348  C C    . SER A 1 23  ? -3.489  6.573   -11.490 1.00 0.36 ? 23  SER A C    1 
ATOM 349  O O    . SER A 1 23  ? -2.548  5.818   -11.583 1.00 0.36 ? 23  SER A O    1 
ATOM 350  C CB   . SER A 1 23  ? -2.752  8.520   -10.091 1.00 0.40 ? 23  SER A CB   1 
ATOM 351  O OG   . SER A 1 23  ? -1.458  7.962   -9.879  1.00 0.63 ? 23  SER A OG   1 
ATOM 352  H H    . SER A 1 23  ? -5.153  9.056   -11.043 1.00 0.45 ? 23  SER A H    1 
ATOM 353  H HA   . SER A 1 23  ? -2.527  8.348   -12.217 1.00 0.43 ? 23  SER A HA   1 
ATOM 354  H HB2  . SER A 1 23  ? -2.686  9.596   -10.046 1.00 0.58 ? 23  SER A HB2  1 
ATOM 355  H HB3  . SER A 1 23  ? -3.437  8.173   -9.326  1.00 0.51 ? 23  SER A HB3  1 
ATOM 356  H HG   . SER A 1 23  ? -1.028  8.457   -9.166  1.00 1.04 ? 23  SER A HG   1 
ATOM 357  N N    . VAL A 1 24  ? -4.724  6.121   -11.398 1.00 0.34 ? 24  VAL A N    1 
ATOM 358  C CA   . VAL A 1 24  ? -5.030  4.640   -11.400 1.00 0.32 ? 24  VAL A CA   1 
ATOM 359  C C    . VAL A 1 24  ? -4.055  3.851   -12.300 1.00 0.36 ? 24  VAL A C    1 
ATOM 360  O O    . VAL A 1 24  ? -3.459  2.884   -11.861 1.00 0.37 ? 24  VAL A O    1 
ATOM 361  C CB   . VAL A 1 24  ? -6.469  4.425   -11.888 1.00 0.33 ? 24  VAL A CB   1 
ATOM 362  C CG1  . VAL A 1 24  ? -6.746  2.932   -12.067 1.00 0.33 ? 24  VAL A CG1  1 
ATOM 363  C CG2  . VAL A 1 24  ? -7.446  4.986   -10.856 1.00 0.34 ? 24  VAL A CG2  1 
ATOM 364  H H    . VAL A 1 24  ? -5.462  6.762   -11.318 1.00 0.36 ? 24  VAL A H    1 
ATOM 365  H HA   . VAL A 1 24  ? -4.945  4.267   -10.390 1.00 0.30 ? 24  VAL A HA   1 
ATOM 366  H HB   . VAL A 1 24  ? -6.609  4.935   -12.832 1.00 0.35 ? 24  VAL A HB   1 
ATOM 367  H HG11 . VAL A 1 24  ? -6.173  2.369   -11.345 1.00 1.03 ? 24  VAL A HG11 1 
ATOM 368  H HG12 . VAL A 1 24  ? -7.799  2.742   -11.918 1.00 0.94 ? 24  VAL A HG12 1 
ATOM 369  H HG13 . VAL A 1 24  ? -6.465  2.629   -13.066 1.00 1.06 ? 24  VAL A HG13 1 
ATOM 370  H HG21 . VAL A 1 24  ? -7.072  4.791   -9.862  1.00 1.05 ? 24  VAL A HG21 1 
ATOM 371  H HG22 . VAL A 1 24  ? -7.549  6.050   -10.999 1.00 1.10 ? 24  VAL A HG22 1 
ATOM 372  H HG23 . VAL A 1 24  ? -8.409  4.512   -10.976 1.00 1.08 ? 24  VAL A HG23 1 
ATOM 373  N N    . GLU A 1 25  ? -3.898  4.247   -13.541 1.00 0.40 ? 25  GLU A N    1 
ATOM 374  C CA   . GLU A 1 25  ? -2.965  3.511   -14.463 1.00 0.45 ? 25  GLU A CA   1 
ATOM 375  C C    . GLU A 1 25  ? -1.540  3.495   -13.877 1.00 0.46 ? 25  GLU A C    1 
ATOM 376  O O    . GLU A 1 25  ? -0.919  2.453   -13.762 1.00 0.48 ? 25  GLU A O    1 
ATOM 377  C CB   . GLU A 1 25  ? -2.961  4.197   -15.835 1.00 0.52 ? 25  GLU A CB   1 
ATOM 378  C CG   . GLU A 1 25  ? -4.256  3.844   -16.590 1.00 0.89 ? 25  GLU A CG   1 
ATOM 379  C CD   . GLU A 1 25  ? -4.113  2.514   -17.346 1.00 1.51 ? 25  GLU A CD   1 
ATOM 380  O OE1  . GLU A 1 25  ? -3.556  1.578   -16.785 1.00 2.06 ? 25  GLU A OE1  1 
ATOM 381  O OE2  . GLU A 1 25  ? -4.598  2.442   -18.464 1.00 2.15 ? 25  GLU A OE2  1 
ATOM 382  H H    . GLU A 1 25  ? -4.393  5.024   -13.872 1.00 0.41 ? 25  GLU A H    1 
ATOM 383  H HA   . GLU A 1 25  ? -3.309  2.492   -14.577 1.00 0.47 ? 25  GLU A HA   1 
ATOM 384  H HB2  . GLU A 1 25  ? -2.902  5.268   -15.700 1.00 0.70 ? 25  GLU A HB2  1 
ATOM 385  H HB3  . GLU A 1 25  ? -2.110  3.857   -16.406 1.00 0.73 ? 25  GLU A HB3  1 
ATOM 386  H HG2  . GLU A 1 25  ? -5.067  3.757   -15.886 1.00 1.18 ? 25  GLU A HG2  1 
ATOM 387  H HG3  . GLU A 1 25  ? -4.482  4.628   -17.298 1.00 1.24 ? 25  GLU A HG3  1 
ATOM 388  N N    . ARG A 1 26  ? -1.026  4.638   -13.489 1.00 0.47 ? 26  ARG A N    1 
ATOM 389  C CA   . ARG A 1 26  ? 0.351   4.691   -12.898 1.00 0.50 ? 26  ARG A CA   1 
ATOM 390  C C    . ARG A 1 26  ? 0.331   4.132   -11.462 1.00 0.46 ? 26  ARG A C    1 
ATOM 391  O O    . ARG A 1 26  ? 1.234   3.427   -11.050 1.00 0.51 ? 26  ARG A O    1 
ATOM 392  C CB   . ARG A 1 26  ? 0.836   6.146   -12.881 1.00 0.54 ? 26  ARG A CB   1 
ATOM 393  C CG   . ARG A 1 26  ? 2.367   6.176   -12.933 1.00 0.98 ? 26  ARG A CG   1 
ATOM 394  C CD   . ARG A 1 26  ? 2.834   5.927   -14.368 1.00 1.50 ? 26  ARG A CD   1 
ATOM 395  N NE   . ARG A 1 26  ? 3.970   6.848   -14.680 1.00 2.09 ? 26  ARG A NE   1 
ATOM 396  C CZ   . ARG A 1 26  ? 5.136   6.370   -14.970 1.00 2.85 ? 26  ARG A CZ   1 
ATOM 397  N NH1  . ARG A 1 26  ? 5.791   5.691   -14.087 1.00 3.56 ? 26  ARG A NH1  1 
ATOM 398  N NH2  . ARG A 1 26  ? 5.637   6.567   -16.141 1.00 3.43 ? 26  ARG A NH2  1 
ATOM 399  H H    . ARG A 1 26  ? -1.551  5.460   -13.578 1.00 0.48 ? 26  ARG A H    1 
ATOM 400  H HA   . ARG A 1 26  ? 1.022   4.095   -13.499 1.00 0.53 ? 26  ARG A HA   1 
ATOM 401  H HB2  . ARG A 1 26  ? 0.434   6.670   -13.739 1.00 0.65 ? 26  ARG A HB2  1 
ATOM 402  H HB3  . ARG A 1 26  ? 0.497   6.629   -11.975 1.00 0.76 ? 26  ARG A HB3  1 
ATOM 403  H HG2  . ARG A 1 26  ? 2.717   7.143   -12.602 1.00 1.61 ? 26  ARG A HG2  1 
ATOM 404  H HG3  . ARG A 1 26  ? 2.765   5.406   -12.287 1.00 1.64 ? 26  ARG A HG3  1 
ATOM 405  H HD2  . ARG A 1 26  ? 3.155   4.898   -14.467 1.00 2.16 ? 26  ARG A HD2  1 
ATOM 406  H HD3  . ARG A 1 26  ? 2.015   6.116   -15.052 1.00 1.90 ? 26  ARG A HD3  1 
ATOM 407  H HE   . ARG A 1 26  ? 3.832   7.820   -14.658 1.00 2.42 ? 26  ARG A HE   1 
ATOM 408  H HH11 . ARG A 1 26  ? 5.393   5.539   -13.182 1.00 3.63 ? 26  ARG A HH11 1 
ATOM 409  H HH12 . ARG A 1 26  ? 6.688   5.315   -14.305 1.00 4.31 ? 26  ARG A HH12 1 
ATOM 410  H HH21 . ARG A 1 26  ? 5.122   7.087   -16.820 1.00 3.43 ? 26  ARG A HH21 1 
ATOM 411  H HH22 . ARG A 1 26  ? 6.536   6.202   -16.369 1.00 4.17 ? 26  ARG A HH22 1 
ATOM 412  N N    . TRP A 1 27  ? -0.696  4.439   -10.707 1.00 0.42 ? 27  TRP A N    1 
ATOM 413  C CA   . TRP A 1 27  ? -0.806  3.932   -9.299  1.00 0.42 ? 27  TRP A CA   1 
ATOM 414  C C    . TRP A 1 27  ? -0.779  2.392   -9.295  1.00 0.43 ? 27  TRP A C    1 
ATOM 415  O O    . TRP A 1 27  ? -0.304  1.777   -8.357  1.00 0.51 ? 27  TRP A O    1 
ATOM 416  C CB   . TRP A 1 27  ? -2.121  4.445   -8.692  1.00 0.44 ? 27  TRP A CB   1 
ATOM 417  C CG   . TRP A 1 27  ? -2.162  4.156   -7.222  1.00 0.48 ? 27  TRP A CG   1 
ATOM 418  C CD1  . TRP A 1 27  ? -1.142  4.359   -6.356  1.00 0.85 ? 27  TRP A CD1  1 
ATOM 419  C CD2  . TRP A 1 27  ? -3.267  3.625   -6.435  1.00 0.44 ? 27  TRP A CD2  1 
ATOM 420  N NE1  . TRP A 1 27  ? -1.548  3.973   -5.088  1.00 1.03 ? 27  TRP A NE1  1 
ATOM 421  C CE2  . TRP A 1 27  ? -2.850  3.516   -5.088  1.00 0.75 ? 27  TRP A CE2  1 
ATOM 422  C CE3  . TRP A 1 27  ? -4.577  3.226   -6.758  1.00 0.48 ? 27  TRP A CE3  1 
ATOM 423  C CZ2  . TRP A 1 27  ? -3.700  3.029   -4.099  1.00 0.80 ? 27  TRP A CZ2  1 
ATOM 424  C CZ3  . TRP A 1 27  ? -5.437  2.736   -5.764  1.00 0.54 ? 27  TRP A CZ3  1 
ATOM 425  C CH2  . TRP A 1 27  ? -5.000  2.636   -4.437  1.00 0.57 ? 27  TRP A CH2  1 
ATOM 426  H H    . TRP A 1 27  ? -1.411  5.007   -11.072 1.00 0.42 ? 27  TRP A H    1 
ATOM 427  H HA   . TRP A 1 27  ? 0.026   4.304   -8.719  1.00 0.43 ? 27  TRP A HA   1 
ATOM 428  H HB2  . TRP A 1 27  ? -2.195  5.512   -8.847  1.00 0.61 ? 27  TRP A HB2  1 
ATOM 429  H HB3  . TRP A 1 27  ? -2.954  3.957   -9.176  1.00 0.53 ? 27  TRP A HB3  1 
ATOM 430  H HD1  . TRP A 1 27  ? -0.169  4.751   -6.613  1.00 1.03 ? 27  TRP A HD1  1 
ATOM 431  H HE1  . TRP A 1 27  ? -0.997  4.013   -4.282  1.00 1.35 ? 27  TRP A HE1  1 
ATOM 432  H HE3  . TRP A 1 27  ? -4.923  3.298   -7.779  1.00 0.70 ? 27  TRP A HE3  1 
ATOM 433  H HZ2  . TRP A 1 27  ? -3.359  2.953   -3.078  1.00 1.10 ? 27  TRP A HZ2  1 
ATOM 434  H HZ3  . TRP A 1 27  ? -6.441  2.433   -6.023  1.00 0.76 ? 27  TRP A HZ3  1 
ATOM 435  H HH2  . TRP A 1 27  ? -5.667  2.259   -3.676  1.00 0.65 ? 27  TRP A HH2  1 
ATOM 436  N N    . GLN A 1 28  ? -1.272  1.771   -10.349 1.00 0.46 ? 28  GLN A N    1 
ATOM 437  C CA   . GLN A 1 28  ? -1.269  0.273   -10.438 1.00 0.50 ? 28  GLN A CA   1 
ATOM 438  C C    . GLN A 1 28  ? 0.126   -0.267  -10.071 1.00 0.48 ? 28  GLN A C    1 
ATOM 439  O O    . GLN A 1 28  ? 0.255   -1.194  -9.287  1.00 0.47 ? 28  GLN A O    1 
ATOM 440  C CB   . GLN A 1 28  ? -1.625  -0.141  -11.872 1.00 0.60 ? 28  GLN A CB   1 
ATOM 441  C CG   . GLN A 1 28  ? -2.106  -1.600  -11.892 1.00 1.01 ? 28  GLN A CG   1 
ATOM 442  C CD   . GLN A 1 28  ? -3.582  -1.662  -12.294 1.00 1.30 ? 28  GLN A CD   1 
ATOM 443  O OE1  . GLN A 1 28  ? -4.015  -0.963  -13.183 1.00 2.01 ? 28  GLN A OE1  1 
ATOM 444  N NE2  . GLN A 1 28  ? -4.381  -2.476  -11.674 1.00 1.50 ? 28  GLN A NE2  1 
ATOM 445  H H    . GLN A 1 28  ? -1.639  2.298   -11.091 1.00 0.54 ? 28  GLN A H    1 
ATOM 446  H HA   . GLN A 1 28  ? -1.999  -0.128  -9.753  1.00 0.53 ? 28  GLN A HA   1 
ATOM 447  H HB2  . GLN A 1 28  ? -2.408  0.503   -12.248 1.00 0.85 ? 28  GLN A HB2  1 
ATOM 448  H HB3  . GLN A 1 28  ? -0.751  -0.043  -12.500 1.00 0.96 ? 28  GLN A HB3  1 
ATOM 449  H HG2  . GLN A 1 28  ? -1.521  -2.160  -12.606 1.00 1.58 ? 28  GLN A HG2  1 
ATOM 450  H HG3  . GLN A 1 28  ? -1.985  -2.034  -10.911 1.00 1.60 ? 28  GLN A HG3  1 
ATOM 451  H HE21 . GLN A 1 28  ? -4.040  -3.046  -10.956 1.00 1.52 ? 28  GLN A HE21 1 
ATOM 452  H HE22 . GLN A 1 28  ? -5.325  -2.514  -11.926 1.00 2.01 ? 28  GLN A HE22 1 
ATOM 453  N N    . ASP A 1 29  ? 1.162   0.322   -10.622 1.00 0.52 ? 29  ASP A N    1 
ATOM 454  C CA   . ASP A 1 29  ? 2.556   -0.120  -10.305 1.00 0.54 ? 29  ASP A CA   1 
ATOM 455  C C    . ASP A 1 29  ? 2.851   0.192   -8.828  1.00 0.48 ? 29  ASP A C    1 
ATOM 456  O O    . ASP A 1 29  ? 3.341   -0.645  -8.094  1.00 0.51 ? 29  ASP A O    1 
ATOM 457  C CB   . ASP A 1 29  ? 3.537   0.629   -11.225 1.00 0.61 ? 29  ASP A CB   1 
ATOM 458  C CG   . ASP A 1 29  ? 4.932   0.664   -10.601 1.00 0.88 ? 29  ASP A CG   1 
ATOM 459  O OD1  . ASP A 1 29  ? 5.546   -0.384  -10.513 1.00 1.30 ? 29  ASP A OD1  1 
ATOM 460  O OD2  . ASP A 1 29  ? 5.362   1.741   -10.226 1.00 1.63 ? 29  ASP A OD2  1 
ATOM 461  H H    . ASP A 1 29  ? 1.022   1.073   -11.236 1.00 0.57 ? 29  ASP A H    1 
ATOM 462  H HA   . ASP A 1 29  ? 2.645   -1.185  -10.470 1.00 0.58 ? 29  ASP A HA   1 
ATOM 463  H HB2  . ASP A 1 29  ? 3.589   0.128   -12.177 1.00 0.68 ? 29  ASP A HB2  1 
ATOM 464  H HB3  . ASP A 1 29  ? 3.190   1.642   -11.372 1.00 0.65 ? 29  ASP A HB3  1 
ATOM 465  N N    . MET A 1 30  ? 2.533   1.392   -8.394  1.00 0.51 ? 30  MET A N    1 
ATOM 466  C CA   . MET A 1 30  ? 2.768   1.785   -6.965  1.00 0.51 ? 30  MET A CA   1 
ATOM 467  C C    . MET A 1 30  ? 2.241   0.685   -6.029  1.00 0.49 ? 30  MET A C    1 
ATOM 468  O O    . MET A 1 30  ? 2.924   0.263   -5.112  1.00 0.52 ? 30  MET A O    1 
ATOM 469  C CB   . MET A 1 30  ? 2.033   3.097   -6.676  1.00 0.51 ? 30  MET A CB   1 
ATOM 470  C CG   . MET A 1 30  ? 2.791   4.264   -7.312  1.00 1.33 ? 30  MET A CG   1 
ATOM 471  S SD   . MET A 1 30  ? 2.104   5.817   -6.694  1.00 1.43 ? 30  MET A SD   1 
ATOM 472  C CE   . MET A 1 30  ? 2.205   6.751   -8.241  1.00 0.79 ? 30  MET A CE   1 
ATOM 473  H H    . MET A 1 30  ? 2.129   2.034   -9.014  1.00 0.61 ? 30  MET A H    1 
ATOM 474  H HA   . MET A 1 30  ? 3.826   1.919   -6.799  1.00 0.55 ? 30  MET A HA   1 
ATOM 475  H HB2  . MET A 1 30  ? 1.036   3.049   -7.089  1.00 1.18 ? 30  MET A HB2  1 
ATOM 476  H HB3  . MET A 1 30  ? 1.974   3.249   -5.610  1.00 0.92 ? 30  MET A HB3  1 
ATOM 477  H HG2  . MET A 1 30  ? 3.837   4.203   -7.052  1.00 1.85 ? 30  MET A HG2  1 
ATOM 478  H HG3  . MET A 1 30  ? 2.684   4.222   -8.387  1.00 1.93 ? 30  MET A HG3  1 
ATOM 479  H HE1  . MET A 1 30  ? 1.958   6.102   -9.071  1.00 1.31 ? 30  MET A HE1  1 
ATOM 480  H HE2  . MET A 1 30  ? 1.511   7.581   -8.209  1.00 1.32 ? 30  MET A HE2  1 
ATOM 481  H HE3  . MET A 1 30  ? 3.207   7.131   -8.369  1.00 1.24 ? 30  MET A HE3  1 
ATOM 482  N N    . LEU A 1 31  ? 1.038   0.212   -6.260  1.00 0.50 ? 31  LEU A N    1 
ATOM 483  C CA   . LEU A 1 31  ? 0.468   -0.873  -5.393  1.00 0.54 ? 31  LEU A CA   1 
ATOM 484  C C    . LEU A 1 31  ? 1.266   -2.166  -5.608  1.00 0.50 ? 31  LEU A C    1 
ATOM 485  O O    . LEU A 1 31  ? 1.671   -2.816  -4.661  1.00 0.55 ? 31  LEU A O    1 
ATOM 486  C CB   . LEU A 1 31  ? -0.996  -1.120  -5.767  1.00 0.70 ? 31  LEU A CB   1 
ATOM 487  C CG   . LEU A 1 31  ? -1.845  0.089   -5.379  1.00 0.52 ? 31  LEU A CG   1 
ATOM 488  C CD1  . LEU A 1 31  ? -2.534  0.638   -6.624  1.00 1.22 ? 31  LEU A CD1  1 
ATOM 489  C CD2  . LEU A 1 31  ? -2.904  -0.338  -4.366  1.00 0.54 ? 31  LEU A CD2  1 
ATOM 490  H H    . LEU A 1 31  ? 0.512   0.566   -7.011  1.00 0.55 ? 31  LEU A H    1 
ATOM 491  H HA   . LEU A 1 31  ? 0.533   -0.580  -4.355  1.00 0.57 ? 31  LEU A HA   1 
ATOM 492  H HB2  . LEU A 1 31  ? -1.070  -1.285  -6.832  1.00 1.18 ? 31  LEU A HB2  1 
ATOM 493  H HB3  . LEU A 1 31  ? -1.356  -1.993  -5.244  1.00 1.16 ? 31  LEU A HB3  1 
ATOM 494  H HG   . LEU A 1 31  ? -1.216  0.855   -4.947  1.00 0.95 ? 31  LEU A HG   1 
ATOM 495  H HD11 . LEU A 1 31  ? -2.406  -0.054  -7.440  1.00 1.76 ? 31  LEU A HD11 1 
ATOM 496  H HD12 . LEU A 1 31  ? -3.587  0.770   -6.424  1.00 1.67 ? 31  LEU A HD12 1 
ATOM 497  H HD13 . LEU A 1 31  ? -2.096  1.588   -6.885  1.00 1.81 ? 31  LEU A HD13 1 
ATOM 498  H HD21 . LEU A 1 31  ? -2.425  -0.789  -3.510  1.00 1.23 ? 31  LEU A HD21 1 
ATOM 499  H HD22 . LEU A 1 31  ? -3.468  0.525   -4.050  1.00 1.12 ? 31  LEU A HD22 1 
ATOM 500  H HD23 . LEU A 1 31  ? -3.571  -1.053  -4.824  1.00 1.18 ? 31  LEU A HD23 1 
ATOM 501  N N    . ALA A 1 32  ? 1.492   -2.537  -6.849  1.00 0.54 ? 32  ALA A N    1 
ATOM 502  C CA   . ALA A 1 32  ? 2.266   -3.782  -7.144  1.00 0.55 ? 32  ALA A CA   1 
ATOM 503  C C    . ALA A 1 32  ? 3.667   -3.670  -6.529  1.00 0.47 ? 32  ALA A C    1 
ATOM 504  O O    . ALA A 1 32  ? 4.043   -4.465  -5.690  1.00 0.51 ? 32  ALA A O    1 
ATOM 505  C CB   . ALA A 1 32  ? 2.375   -3.963  -8.663  1.00 0.68 ? 32  ALA A CB   1 
ATOM 506  H H    . ALA A 1 32  ? 1.155   -1.987  -7.590  1.00 0.63 ? 32  ALA A H    1 
ATOM 507  H HA   . ALA A 1 32  ? 1.756   -4.634  -6.717  1.00 0.58 ? 32  ALA A HA   1 
ATOM 508  H HB1  . ALA A 1 32  ? 1.394   -3.891  -9.108  1.00 1.09 ? 32  ALA A HB1  1 
ATOM 509  H HB2  . ALA A 1 32  ? 3.013   -3.195  -9.073  1.00 1.34 ? 32  ALA A HB2  1 
ATOM 510  H HB3  . ALA A 1 32  ? 2.797   -4.935  -8.880  1.00 1.28 ? 32  ALA A HB3  1 
ATOM 511  N N    . PHE A 1 33  ? 4.430   -2.676  -6.921  1.00 0.44 ? 33  PHE A N    1 
ATOM 512  C CA   . PHE A 1 33  ? 5.802   -2.495  -6.350  1.00 0.44 ? 33  PHE A CA   1 
ATOM 513  C C    . PHE A 1 33  ? 5.723   -2.472  -4.813  1.00 0.39 ? 33  PHE A C    1 
ATOM 514  O O    . PHE A 1 33  ? 6.529   -3.084  -4.133  1.00 0.38 ? 33  PHE A O    1 
ATOM 515  C CB   . PHE A 1 33  ? 6.402   -1.180  -6.867  1.00 0.51 ? 33  PHE A CB   1 
ATOM 516  C CG   . PHE A 1 33  ? 7.909   -1.263  -6.818  1.00 0.54 ? 33  PHE A CG   1 
ATOM 517  C CD1  . PHE A 1 33  ? 8.603   -1.954  -7.817  1.00 1.37 ? 33  PHE A CD1  1 
ATOM 518  C CD2  . PHE A 1 33  ? 8.611   -0.652  -5.774  1.00 1.31 ? 33  PHE A CD2  1 
ATOM 519  C CE1  . PHE A 1 33  ? 9.999   -2.035  -7.771  1.00 1.42 ? 33  PHE A CE1  1 
ATOM 520  C CE2  . PHE A 1 33  ? 10.008  -0.733  -5.727  1.00 1.39 ? 33  PHE A CE2  1 
ATOM 521  C CZ   . PHE A 1 33  ? 10.701  -1.425  -6.725  1.00 0.79 ? 33  PHE A CZ   1 
ATOM 522  H H    . PHE A 1 33  ? 4.089   -2.035  -7.590  1.00 0.48 ? 33  PHE A H    1 
ATOM 523  H HA   . PHE A 1 33  ? 6.428   -3.320  -6.659  1.00 0.50 ? 33  PHE A HA   1 
ATOM 524  H HB2  . PHE A 1 33  ? 6.084   -1.013  -7.888  1.00 0.62 ? 33  PHE A HB2  1 
ATOM 525  H HB3  . PHE A 1 33  ? 6.066   -0.361  -6.249  1.00 0.55 ? 33  PHE A HB3  1 
ATOM 526  H HD1  . PHE A 1 33  ? 8.060   -2.425  -8.625  1.00 2.25 ? 33  PHE A HD1  1 
ATOM 527  H HD2  . PHE A 1 33  ? 8.075   -0.117  -5.003  1.00 2.16 ? 33  PHE A HD2  1 
ATOM 528  H HE1  . PHE A 1 33  ? 10.533  -2.570  -8.541  1.00 2.28 ? 33  PHE A HE1  1 
ATOM 529  H HE2  . PHE A 1 33  ? 10.549  -0.260  -4.919  1.00 2.27 ? 33  PHE A HE2  1 
ATOM 530  H HZ   . PHE A 1 33  ? 11.780  -1.487  -6.688  1.00 0.93 ? 33  PHE A HZ   1 
ATOM 531  N N    . ALA A 1 34  ? 4.746   -1.785  -4.263  1.00 0.39 ? 34  ALA A N    1 
ATOM 532  C CA   . ALA A 1 34  ? 4.595   -1.734  -2.772  1.00 0.39 ? 34  ALA A CA   1 
ATOM 533  C C    . ALA A 1 34  ? 4.371   -3.156  -2.224  1.00 0.39 ? 34  ALA A C    1 
ATOM 534  O O    . ALA A 1 34  ? 5.006   -3.563  -1.265  1.00 0.41 ? 34  ALA A O    1 
ATOM 535  C CB   . ALA A 1 34  ? 3.399   -0.845  -2.414  1.00 0.44 ? 34  ALA A CB   1 
ATOM 536  H H    . ALA A 1 34  ? 4.103   -1.310  -4.836  1.00 0.42 ? 34  ALA A H    1 
ATOM 537  H HA   . ALA A 1 34  ? 5.493   -1.322  -2.334  1.00 0.41 ? 34  ALA A HA   1 
ATOM 538  H HB1  . ALA A 1 34  ? 3.524   0.125   -2.871  1.00 1.16 ? 34  ALA A HB1  1 
ATOM 539  H HB2  . ALA A 1 34  ? 2.489   -1.301  -2.777  1.00 1.04 ? 34  ALA A HB2  1 
ATOM 540  H HB3  . ALA A 1 34  ? 3.343   -0.732  -1.341  1.00 1.13 ? 34  ALA A HB3  1 
ATOM 541  N N    . ALA A 1 35  ? 3.482   -3.909  -2.829  1.00 0.41 ? 35  ALA A N    1 
ATOM 542  C CA   . ALA A 1 35  ? 3.217   -5.309  -2.359  1.00 0.44 ? 35  ALA A CA   1 
ATOM 543  C C    . ALA A 1 35  ? 4.396   -6.228  -2.744  1.00 0.46 ? 35  ALA A C    1 
ATOM 544  O O    . ALA A 1 35  ? 4.724   -7.162  -2.031  1.00 0.54 ? 35  ALA A O    1 
ATOM 545  C CB   . ALA A 1 35  ? 1.923   -5.817  -3.008  1.00 0.51 ? 35  ALA A CB   1 
ATOM 546  H H    . ALA A 1 35  ? 2.990   -3.554  -3.603  1.00 0.44 ? 35  ALA A H    1 
ATOM 547  H HA   . ALA A 1 35  ? 3.102   -5.310  -1.285  1.00 0.45 ? 35  ALA A HA   1 
ATOM 548  H HB1  . ALA A 1 35  ? 2.016   -5.769  -4.084  1.00 1.08 ? 35  ALA A HB1  1 
ATOM 549  H HB2  . ALA A 1 35  ? 1.745   -6.838  -2.706  1.00 1.12 ? 35  ALA A HB2  1 
ATOM 550  H HB3  . ALA A 1 35  ? 1.096   -5.199  -2.691  1.00 1.14 ? 35  ALA A HB3  1 
ATOM 551  N N    . GLU A 1 36  ? 5.030   -5.968  -3.864  1.00 0.45 ? 36  GLU A N    1 
ATOM 552  C CA   . GLU A 1 36  ? 6.191   -6.808  -4.313  1.00 0.51 ? 36  GLU A CA   1 
ATOM 553  C C    . GLU A 1 36  ? 7.311   -6.766  -3.256  1.00 0.51 ? 36  GLU A C    1 
ATOM 554  O O    . GLU A 1 36  ? 7.818   -7.794  -2.836  1.00 0.69 ? 36  GLU A O    1 
ATOM 555  C CB   . GLU A 1 36  ? 6.725   -6.252  -5.642  1.00 0.56 ? 36  GLU A CB   1 
ATOM 556  C CG   . GLU A 1 36  ? 6.743   -7.356  -6.709  1.00 0.64 ? 36  GLU A CG   1 
ATOM 557  C CD   . GLU A 1 36  ? 5.314   -7.796  -7.041  1.00 1.41 ? 36  GLU A CD   1 
ATOM 558  O OE1  . GLU A 1 36  ? 4.602   -7.030  -7.662  1.00 1.99 ? 36  GLU A OE1  1 
ATOM 559  O OE2  . GLU A 1 36  ? 4.958   -8.899  -6.666  1.00 2.20 ? 36  GLU A OE2  1 
ATOM 560  H H    . GLU A 1 36  ? 4.737   -5.211  -4.423  1.00 0.45 ? 36  GLU A H    1 
ATOM 561  H HA   . GLU A 1 36  ? 5.867   -7.827  -4.455  1.00 0.56 ? 36  GLU A HA   1 
ATOM 562  H HB2  . GLU A 1 36  ? 6.085   -5.445  -5.974  1.00 0.60 ? 36  GLU A HB2  1 
ATOM 563  H HB3  . GLU A 1 36  ? 7.728   -5.876  -5.499  1.00 0.54 ? 36  GLU A HB3  1 
ATOM 564  H HG2  . GLU A 1 36  ? 7.212   -6.978  -7.605  1.00 1.04 ? 36  GLU A HG2  1 
ATOM 565  H HG3  . GLU A 1 36  ? 7.304   -8.205  -6.343  1.00 1.08 ? 36  GLU A HG3  1 
ATOM 566  N N    . VAL A 1 37  ? 7.700   -5.584  -2.832  1.00 0.44 ? 37  VAL A N    1 
ATOM 567  C CA   . VAL A 1 37  ? 8.795   -5.457  -1.811  1.00 0.46 ? 37  VAL A CA   1 
ATOM 568  C C    . VAL A 1 37  ? 8.333   -5.986  -0.438  1.00 0.46 ? 37  VAL A C    1 
ATOM 569  O O    . VAL A 1 37  ? 9.082   -6.662  0.243   1.00 0.58 ? 37  VAL A O    1 
ATOM 570  C CB   . VAL A 1 37  ? 9.233   -3.981  -1.699  1.00 0.46 ? 37  VAL A CB   1 
ATOM 571  C CG1  . VAL A 1 37  ? 8.058   -3.104  -1.265  1.00 0.44 ? 37  VAL A CG1  1 
ATOM 572  C CG2  . VAL A 1 37  ? 10.353  -3.848  -0.664  1.00 0.59 ? 37  VAL A CG2  1 
ATOM 573  H H    . VAL A 1 37  ? 7.276   -4.777  -3.195  1.00 0.50 ? 37  VAL A H    1 
ATOM 574  H HA   . VAL A 1 37  ? 9.639   -6.046  -2.138  1.00 0.52 ? 37  VAL A HA   1 
ATOM 575  H HB   . VAL A 1 37  ? 9.593   -3.643  -2.660  1.00 0.61 ? 37  VAL A HB   1 
ATOM 576  H HG11 . VAL A 1 37  ? 7.207   -3.300  -1.898  1.00 1.02 ? 37  VAL A HG11 1 
ATOM 577  H HG12 . VAL A 1 37  ? 7.805   -3.323  -0.239  1.00 1.19 ? 37  VAL A HG12 1 
ATOM 578  H HG13 . VAL A 1 37  ? 8.336   -2.063  -1.351  1.00 1.14 ? 37  VAL A HG13 1 
ATOM 579  H HG21 . VAL A 1 37  ? 10.897  -4.777  -0.596  1.00 1.29 ? 37  VAL A HG21 1 
ATOM 580  H HG22 . VAL A 1 37  ? 11.025  -3.056  -0.964  1.00 1.18 ? 37  VAL A HG22 1 
ATOM 581  H HG23 . VAL A 1 37  ? 9.927   -3.609  0.300   1.00 1.11 ? 37  VAL A HG23 1 
ATOM 582  N N    . THR A 1 38  ? 7.118   -5.692  -0.026  1.00 0.40 ? 38  THR A N    1 
ATOM 583  C CA   . THR A 1 38  ? 6.623   -6.182  1.315   1.00 0.43 ? 38  THR A CA   1 
ATOM 584  C C    . THR A 1 38  ? 6.667   -7.715  1.389   1.00 0.51 ? 38  THR A C    1 
ATOM 585  O O    . THR A 1 38  ? 6.851   -8.277  2.452   1.00 0.59 ? 38  THR A O    1 
ATOM 586  C CB   . THR A 1 38  ? 5.179   -5.719  1.579   1.00 0.42 ? 38  THR A CB   1 
ATOM 587  O OG1  . THR A 1 38  ? 4.509   -5.463  0.354   1.00 0.47 ? 38  THR A OG1  1 
ATOM 588  C CG2  . THR A 1 38  ? 5.199   -4.447  2.423   1.00 0.48 ? 38  THR A CG2  1 
ATOM 589  H H    . THR A 1 38  ? 6.531   -5.149  -0.593  1.00 0.43 ? 38  THR A H    1 
ATOM 590  H HA   . THR A 1 38  ? 7.262   -5.785  2.088   1.00 0.44 ? 38  THR A HA   1 
ATOM 591  H HB   . THR A 1 38  ? 4.651   -6.490  2.120   1.00 0.52 ? 38  THR A HB   1 
ATOM 592  H HG1  . THR A 1 38  ? 4.724   -4.565  0.067   1.00 0.78 ? 38  THR A HG1  1 
ATOM 593  H HG21 . THR A 1 38  ? 6.171   -3.984  2.352   1.00 1.11 ? 38  THR A HG21 1 
ATOM 594  H HG22 . THR A 1 38  ? 4.446   -3.764  2.061   1.00 1.22 ? 38  THR A HG22 1 
ATOM 595  H HG23 . THR A 1 38  ? 4.994   -4.696  3.452   1.00 1.09 ? 38  THR A HG23 1 
ATOM 596  N N    . LYS A 1 39  ? 6.499   -8.392  0.280   1.00 0.54 ? 39  LYS A N    1 
ATOM 597  C CA   . LYS A 1 39  ? 6.530   -9.893  0.296   1.00 0.66 ? 39  LYS A CA   1 
ATOM 598  C C    . LYS A 1 39  ? 7.969   -10.410 0.518   1.00 0.68 ? 39  LYS A C    1 
ATOM 599  O O    . LYS A 1 39  ? 8.170   -11.566 0.837   1.00 0.80 ? 39  LYS A O    1 
ATOM 600  C CB   . LYS A 1 39  ? 5.990   -10.421 -1.036  1.00 0.73 ? 39  LYS A CB   1 
ATOM 601  C CG   . LYS A 1 39  ? 4.469   -10.227 -1.080  1.00 1.23 ? 39  LYS A CG   1 
ATOM 602  C CD   . LYS A 1 39  ? 3.928   -10.685 -2.439  1.00 1.64 ? 39  LYS A CD   1 
ATOM 603  C CE   . LYS A 1 39  ? 4.374   -9.704  -3.527  1.00 1.73 ? 39  LYS A CE   1 
ATOM 604  N NZ   . LYS A 1 39  ? 4.625   -10.458 -4.787  1.00 2.48 ? 39  LYS A NZ   1 
ATOM 605  H H    . LYS A 1 39  ? 6.347   -7.915  -0.567  1.00 0.52 ? 39  LYS A H    1 
ATOM 606  H HA   . LYS A 1 39  ? 5.902   -10.251 1.100   1.00 0.72 ? 39  LYS A HA   1 
ATOM 607  H HB2  . LYS A 1 39  ? 6.450   -9.878  -1.849  1.00 1.13 ? 39  LYS A HB2  1 
ATOM 608  H HB3  . LYS A 1 39  ? 6.222   -11.472 -1.125  1.00 1.32 ? 39  LYS A HB3  1 
ATOM 609  H HG2  . LYS A 1 39  ? 4.010   -10.813 -0.294  1.00 1.74 ? 39  LYS A HG2  1 
ATOM 610  H HG3  . LYS A 1 39  ? 4.235   -9.183  -0.933  1.00 1.66 ? 39  LYS A HG3  1 
ATOM 611  H HD2  . LYS A 1 39  ? 4.308   -11.671 -2.663  1.00 2.08 ? 39  LYS A HD2  1 
ATOM 612  H HD3  . LYS A 1 39  ? 2.849   -10.715 -2.404  1.00 2.23 ? 39  LYS A HD3  1 
ATOM 613  H HE2  . LYS A 1 39  ? 3.596   -8.968  -3.691  1.00 1.89 ? 39  LYS A HE2  1 
ATOM 614  H HE3  . LYS A 1 39  ? 5.281   -9.204  -3.214  1.00 2.16 ? 39  LYS A HE3  1 
ATOM 615  H HZ1  . LYS A 1 39  ? 3.818   -11.075 -4.996  1.00 2.90 ? 39  LYS A HZ1  1 
ATOM 616  H HZ2  . LYS A 1 39  ? 4.752   -9.771  -5.585  1.00 2.82 ? 39  LYS A HZ2  1 
ATOM 617  H HZ3  . LYS A 1 39  ? 5.486   -11.028 -4.690  1.00 2.90 ? 39  LYS A HZ3  1 
ATOM 618  N N    . ASN A 1 40  ? 8.965   -9.564  0.355   1.00 0.64 ? 40  ASN A N    1 
ATOM 619  C CA   . ASN A 1 40  ? 10.385  -10.003 0.562   1.00 0.71 ? 40  ASN A CA   1 
ATOM 620  C C    . ASN A 1 40  ? 10.626  -10.277 2.057   1.00 0.73 ? 40  ASN A C    1 
ATOM 621  O O    . ASN A 1 40  ? 10.298  -9.463  2.906   1.00 0.81 ? 40  ASN A O    1 
ATOM 622  C CB   . ASN A 1 40  ? 11.325  -8.886  0.067   1.00 0.71 ? 40  ASN A CB   1 
ATOM 623  C CG   . ASN A 1 40  ? 12.793  -9.224  0.358   1.00 1.02 ? 40  ASN A CG   1 
ATOM 624  O OD1  . ASN A 1 40  ? 13.106  -10.243 0.927   1.00 1.80 ? 40  ASN A OD1  1 
ATOM 625  N ND2  . ASN A 1 40  ? 13.721  -8.396  -0.008  1.00 1.43 ? 40  ASN A ND2  1 
ATOM 626  H H    . ASN A 1 40  ? 8.779   -8.636  0.102   1.00 0.64 ? 40  ASN A H    1 
ATOM 627  H HA   . ASN A 1 40  ? 10.570  -10.908 -0.001  1.00 0.79 ? 40  ASN A HA   1 
ATOM 628  H HB2  . ASN A 1 40  ? 11.198  -8.765  -0.997  1.00 0.86 ? 40  ASN A HB2  1 
ATOM 629  H HB3  . ASN A 1 40  ? 11.068  -7.963  0.563   1.00 0.87 ? 40  ASN A HB3  1 
ATOM 630  H HD21 . ASN A 1 40  ? 13.487  -7.563  -0.466  1.00 1.96 ? 40  ASN A HD21 1 
ATOM 631  H HD22 . ASN A 1 40  ? 14.661  -8.612  0.175   1.00 1.69 ? 40  ASN A HD22 1 
ATOM 632  N N    . GLU A 1 41  ? 11.206  -11.409 2.378   1.00 0.86 ? 41  GLU A N    1 
ATOM 633  C CA   . GLU A 1 41  ? 11.487  -11.756 3.809   1.00 0.92 ? 41  GLU A CA   1 
ATOM 634  C C    . GLU A 1 41  ? 12.178  -10.579 4.515   1.00 0.86 ? 41  GLU A C    1 
ATOM 635  O O    . GLU A 1 41  ? 11.715  -10.105 5.537   1.00 0.84 ? 41  GLU A O    1 
ATOM 636  C CB   . GLU A 1 41  ? 12.400  -12.985 3.855   1.00 1.14 ? 41  GLU A CB   1 
ATOM 637  C CG   . GLU A 1 41  ? 11.608  -14.235 3.441   1.00 1.71 ? 41  GLU A CG   1 
ATOM 638  C CD   . GLU A 1 41  ? 12.523  -15.205 2.694   1.00 2.30 ? 41  GLU A CD   1 
ATOM 639  O OE1  . GLU A 1 41  ? 12.765  -14.974 1.521   1.00 2.89 ? 41  GLU A OE1  1 
ATOM 640  O OE2  . GLU A 1 41  ? 12.963  -16.161 3.305   1.00 2.78 ? 41  GLU A OE2  1 
ATOM 641  H H    . GLU A 1 41  ? 11.465  -12.038 1.670   1.00 1.01 ? 41  GLU A H    1 
ATOM 642  H HA   . GLU A 1 41  ? 10.560  -11.981 4.314   1.00 0.91 ? 41  GLU A HA   1 
ATOM 643  H HB2  . GLU A 1 41  ? 13.227  -12.843 3.173   1.00 1.32 ? 41  GLU A HB2  1 
ATOM 644  H HB3  . GLU A 1 41  ? 12.780  -13.117 4.857   1.00 1.36 ? 41  GLU A HB3  1 
ATOM 645  H HG2  . GLU A 1 41  ? 11.218  -14.722 4.322   1.00 2.10 ? 41  GLU A HG2  1 
ATOM 646  H HG3  . GLU A 1 41  ? 10.792  -13.950 2.797   1.00 2.15 ? 41  GLU A HG3  1 
ATOM 647  N N    . GLN A 1 42  ? 13.272  -10.099 3.967   1.00 0.92 ? 42  GLN A N    1 
ATOM 648  C CA   . GLN A 1 42  ? 14.000  -8.946  4.595   1.00 0.92 ? 42  GLN A CA   1 
ATOM 649  C C    . GLN A 1 42  ? 13.045  -7.757  4.791   1.00 0.78 ? 42  GLN A C    1 
ATOM 650  O O    . GLN A 1 42  ? 13.146  -7.026  5.760   1.00 0.76 ? 42  GLN A O    1 
ATOM 651  C CB   . GLN A 1 42  ? 15.175  -8.535  3.706   1.00 1.06 ? 42  GLN A CB   1 
ATOM 652  C CG   . GLN A 1 42  ? 16.326  -9.532  3.897   1.00 1.54 ? 42  GLN A CG   1 
ATOM 653  C CD   . GLN A 1 42  ? 17.387  -9.315  2.819   1.00 2.04 ? 42  GLN A CD   1 
ATOM 654  O OE1  . GLN A 1 42  ? 17.097  -9.353  1.643   1.00 2.58 ? 42  GLN A OE1  1 
ATOM 655  N NE2  . GLN A 1 42  ? 18.616  -9.087  3.170   1.00 2.64 ? 42  GLN A NE2  1 
ATOM 656  H H    . GLN A 1 42  ? 13.612  -10.497 3.138   1.00 0.99 ? 42  GLN A H    1 
ATOM 657  H HA   . GLN A 1 42  ? 14.374  -9.251  5.562   1.00 0.98 ? 42  GLN A HA   1 
ATOM 658  H HB2  . GLN A 1 42  ? 14.863  -8.534  2.670   1.00 1.19 ? 42  GLN A HB2  1 
ATOM 659  H HB3  . GLN A 1 42  ? 15.508  -7.545  3.984   1.00 1.42 ? 42  GLN A HB3  1 
ATOM 660  H HG2  . GLN A 1 42  ? 16.768  -9.386  4.872   1.00 2.06 ? 42  GLN A HG2  1 
ATOM 661  H HG3  . GLN A 1 42  ? 15.946  -10.540 3.825   1.00 1.88 ? 42  GLN A HG3  1 
ATOM 662  H HE21 . GLN A 1 42  ? 18.859  -9.056  4.117   1.00 2.91 ? 42  GLN A HE21 1 
ATOM 663  H HE22 . GLN A 1 42  ? 19.299  -8.950  2.483   1.00 3.17 ? 42  GLN A HE22 1 
ATOM 664  N N    . MET A 1 43  ? 12.098  -7.571  3.898   1.00 0.74 ? 43  MET A N    1 
ATOM 665  C CA   . MET A 1 43  ? 11.124  -6.451  4.073   1.00 0.66 ? 43  MET A CA   1 
ATOM 666  C C    . MET A 1 43  ? 10.278  -6.756  5.314   1.00 0.62 ? 43  MET A C    1 
ATOM 667  O O    . MET A 1 43  ? 10.068  -5.904  6.157   1.00 0.68 ? 43  MET A O    1 
ATOM 668  C CB   . MET A 1 43  ? 10.230  -6.339  2.836   1.00 0.63 ? 43  MET A CB   1 
ATOM 669  C CG   . MET A 1 43  ? 9.531   -4.977  2.828   1.00 0.53 ? 43  MET A CG   1 
ATOM 670  S SD   . MET A 1 43  ? 10.773  -3.662  2.821   1.00 0.82 ? 43  MET A SD   1 
ATOM 671  C CE   . MET A 1 43  ? 10.562  -3.129  4.539   1.00 0.57 ? 43  MET A CE   1 
ATOM 672  H H    . MET A 1 43  ? 12.012  -8.182  3.138   1.00 0.81 ? 43  MET A H    1 
ATOM 673  H HA   . MET A 1 43  ? 11.661  -5.526  4.223   1.00 0.73 ? 43  MET A HA   1 
ATOM 674  H HB2  . MET A 1 43  ? 10.835  -6.438  1.945   1.00 0.73 ? 43  MET A HB2  1 
ATOM 675  H HB3  . MET A 1 43  ? 9.488   -7.124  2.854   1.00 0.70 ? 43  MET A HB3  1 
ATOM 676  H HG2  . MET A 1 43  ? 8.917   -4.893  1.944   1.00 0.64 ? 43  MET A HG2  1 
ATOM 677  H HG3  . MET A 1 43  ? 8.910   -4.884  3.708   1.00 0.60 ? 43  MET A HG3  1 
ATOM 678  H HE1  . MET A 1 43  ? 10.435  -3.996  5.172   1.00 1.12 ? 43  MET A HE1  1 
ATOM 679  H HE2  . MET A 1 43  ? 11.434  -2.572  4.853   1.00 1.21 ? 43  MET A HE2  1 
ATOM 680  H HE3  . MET A 1 43  ? 9.690   -2.499  4.618   1.00 1.13 ? 43  MET A HE3  1 
ATOM 681  N N    . ALA A 1 44  ? 9.829   -7.985  5.447   1.00 0.63 ? 44  ALA A N    1 
ATOM 682  C CA   . ALA A 1 44  ? 9.034   -8.379  6.651   1.00 0.70 ? 44  ALA A CA   1 
ATOM 683  C C    . ALA A 1 44  ? 9.908   -8.173  7.898   1.00 0.77 ? 44  ALA A C    1 
ATOM 684  O O    . ALA A 1 44  ? 9.442   -7.692  8.916   1.00 0.90 ? 44  ALA A O    1 
ATOM 685  C CB   . ALA A 1 44  ? 8.623   -9.851  6.536   1.00 0.86 ? 44  ALA A CB   1 
ATOM 686  H H    . ALA A 1 44  ? 10.043  -8.658  4.763   1.00 0.68 ? 44  ALA A H    1 
ATOM 687  H HA   . ALA A 1 44  ? 8.153   -7.757  6.723   1.00 0.66 ? 44  ALA A HA   1 
ATOM 688  H HB1  . ALA A 1 44  ? 9.467   -10.436 6.197   1.00 1.38 ? 44  ALA A HB1  1 
ATOM 689  H HB2  . ALA A 1 44  ? 8.300   -10.212 7.501   1.00 1.19 ? 44  ALA A HB2  1 
ATOM 690  H HB3  . ALA A 1 44  ? 7.814   -9.944  5.826   1.00 1.47 ? 44  ALA A HB3  1 
ATOM 691  N N    . GLU A 1 45  ? 11.179  -8.507  7.808   1.00 0.82 ? 45  GLU A N    1 
ATOM 692  C CA   . GLU A 1 45  ? 12.110  -8.306  8.964   1.00 0.95 ? 45  GLU A CA   1 
ATOM 693  C C    . GLU A 1 45  ? 12.099  -6.820  9.352   1.00 0.91 ? 45  GLU A C    1 
ATOM 694  O O    . GLU A 1 45  ? 11.937  -6.470  10.506  1.00 1.05 ? 45  GLU A O    1 
ATOM 695  C CB   . GLU A 1 45  ? 13.531  -8.722  8.556   1.00 1.16 ? 45  GLU A CB   1 
ATOM 696  C CG   . GLU A 1 45  ? 13.563  -10.225 8.235   1.00 1.08 ? 45  GLU A CG   1 
ATOM 697  C CD   . GLU A 1 45  ? 15.010  -10.685 8.039   1.00 1.61 ? 45  GLU A CD   1 
ATOM 698  O OE1  . GLU A 1 45  ? 15.632  -11.050 9.019   1.00 2.18 ? 45  GLU A OE1  1 
ATOM 699  O OE2  . GLU A 1 45  ? 15.469  -10.665 6.911   1.00 2.10 ? 45  GLU A OE2  1 
ATOM 700  H H    . GLU A 1 45  ? 11.525  -8.874  6.965   1.00 0.85 ? 45  GLU A H    1 
ATOM 701  H HA   . GLU A 1 45  ? 11.783  -8.901  9.805   1.00 1.00 ? 45  GLU A HA   1 
ATOM 702  H HB2  . GLU A 1 45  ? 13.831  -8.163  7.681   1.00 1.56 ? 45  GLU A HB2  1 
ATOM 703  H HB3  . GLU A 1 45  ? 14.214  -8.517  9.366   1.00 1.63 ? 45  GLU A HB3  1 
ATOM 704  H HG2  . GLU A 1 45  ? 13.121  -10.776 9.050   1.00 1.34 ? 45  GLU A HG2  1 
ATOM 705  H HG3  . GLU A 1 45  ? 13.006  -10.413 7.330   1.00 1.37 ? 45  GLU A HG3  1 
ATOM 706  N N    . LEU A 1 46  ? 12.242  -5.945  8.382   1.00 0.86 ? 46  LEU A N    1 
ATOM 707  C CA   . LEU A 1 46  ? 12.211  -4.473  8.669   1.00 0.97 ? 46  LEU A CA   1 
ATOM 708  C C    . LEU A 1 46  ? 10.786  -4.065  9.084   1.00 0.87 ? 46  LEU A C    1 
ATOM 709  O O    . LEU A 1 46  ? 10.599  -3.206  9.926   1.00 1.05 ? 46  LEU A O    1 
ATOM 710  C CB   . LEU A 1 46  ? 12.623  -3.694  7.414   1.00 1.12 ? 46  LEU A CB   1 
ATOM 711  C CG   . LEU A 1 46  ? 14.071  -4.030  7.045   1.00 1.41 ? 46  LEU A CG   1 
ATOM 712  C CD1  . LEU A 1 46  ? 14.294  -3.753  5.560   1.00 1.81 ? 46  LEU A CD1  1 
ATOM 713  C CD2  . LEU A 1 46  ? 15.021  -3.158  7.862   1.00 2.06 ? 46  LEU A CD2  1 
ATOM 714  H H    . LEU A 1 46  ? 12.351  -6.259  7.458   1.00 0.86 ? 46  LEU A H    1 
ATOM 715  H HA   . LEU A 1 46  ? 12.895  -4.248  9.476   1.00 1.13 ? 46  LEU A HA   1 
ATOM 716  H HB2  . LEU A 1 46  ? 11.971  -3.964  6.596   1.00 1.55 ? 46  LEU A HB2  1 
ATOM 717  H HB3  . LEU A 1 46  ? 12.539  -2.635  7.606   1.00 1.65 ? 46  LEU A HB3  1 
ATOM 718  H HG   . LEU A 1 46  ? 14.265  -5.074  7.250   1.00 1.90 ? 46  LEU A HG   1 
ATOM 719  H HD11 . LEU A 1 46  ? 13.511  -4.225  4.985   1.00 2.11 ? 46  LEU A HD11 1 
ATOM 720  H HD12 . LEU A 1 46  ? 14.277  -2.687  5.387   1.00 2.21 ? 46  LEU A HD12 1 
ATOM 721  H HD13 . LEU A 1 46  ? 15.251  -4.151  5.260   1.00 2.26 ? 46  LEU A HD13 1 
ATOM 722  H HD21 . LEU A 1 46  ? 14.777  -2.117  7.709   1.00 2.45 ? 46  LEU A HD21 1 
ATOM 723  H HD22 . LEU A 1 46  ? 14.923  -3.402  8.910   1.00 2.46 ? 46  LEU A HD22 1 
ATOM 724  H HD23 . LEU A 1 46  ? 16.037  -3.341  7.545   1.00 2.54 ? 46  LEU A HD23 1 
ATOM 725  N N    . LEU A 1 47  ? 9.783   -4.686  8.500   1.00 0.69 ? 47  LEU A N    1 
ATOM 726  C CA   . LEU A 1 47  ? 8.363   -4.358  8.854   1.00 0.72 ? 47  LEU A CA   1 
ATOM 727  C C    . LEU A 1 47  ? 8.083   -4.777  10.304  1.00 0.91 ? 47  LEU A C    1 
ATOM 728  O O    . LEU A 1 47  ? 7.524   -4.024  11.079  1.00 1.14 ? 47  LEU A O    1 
ATOM 729  C CB   . LEU A 1 47  ? 7.414   -5.118  7.916   1.00 0.59 ? 47  LEU A CB   1 
ATOM 730  C CG   . LEU A 1 47  ? 7.434   -4.484  6.524   1.00 0.55 ? 47  LEU A CG   1 
ATOM 731  C CD1  . LEU A 1 47  ? 6.954   -5.504  5.494   1.00 0.88 ? 47  LEU A CD1  1 
ATOM 732  C CD2  . LEU A 1 47  ? 6.501   -3.276  6.503   1.00 0.66 ? 47  LEU A CD2  1 
ATOM 733  H H    . LEU A 1 47  ? 9.968   -5.377  7.826   1.00 0.67 ? 47  LEU A H    1 
ATOM 734  H HA   . LEU A 1 47  ? 8.199   -3.296  8.750   1.00 0.86 ? 47  LEU A HA   1 
ATOM 735  H HB2  . LEU A 1 47  ? 7.729   -6.149  7.846   1.00 0.61 ? 47  LEU A HB2  1 
ATOM 736  H HB3  . LEU A 1 47  ? 6.408   -5.078  8.312   1.00 0.70 ? 47  LEU A HB3  1 
ATOM 737  H HG   . LEU A 1 47  ? 8.440   -4.171  6.283   1.00 0.94 ? 47  LEU A HG   1 
ATOM 738  H HD11 . LEU A 1 47  ? 6.079   -6.010  5.871   1.00 1.47 ? 47  LEU A HD11 1 
ATOM 739  H HD12 . LEU A 1 47  ? 6.709   -4.995  4.574   1.00 1.39 ? 47  LEU A HD12 1 
ATOM 740  H HD13 . LEU A 1 47  ? 7.736   -6.224  5.311   1.00 1.40 ? 47  LEU A HD13 1 
ATOM 741  H HD21 . LEU A 1 47  ? 6.685   -2.662  7.371   1.00 1.27 ? 47  LEU A HD21 1 
ATOM 742  H HD22 . LEU A 1 47  ? 6.681   -2.699  5.608   1.00 1.29 ? 47  LEU A HD22 1 
ATOM 743  H HD23 . LEU A 1 47  ? 5.476   -3.616  6.511   1.00 1.26 ? 47  LEU A HD23 1 
ATOM 744  N N    . SER A 1 48  ? 8.476   -5.972  10.676  1.00 0.92 ? 48  SER A N    1 
ATOM 745  C CA   . SER A 1 48  ? 8.244   -6.448  12.077  1.00 1.20 ? 48  SER A CA   1 
ATOM 746  C C    . SER A 1 48  ? 9.399   -5.977  12.978  1.00 1.55 ? 48  SER A C    1 
ATOM 747  O O    . SER A 1 48  ? 10.081  -6.768  13.609  1.00 2.29 ? 48  SER A O    1 
ATOM 748  C CB   . SER A 1 48  ? 8.163   -7.979  12.081  1.00 1.73 ? 48  SER A CB   1 
ATOM 749  O OG   . SER A 1 48  ? 6.865   -8.390  11.656  1.00 2.36 ? 48  SER A OG   1 
ATOM 750  H H    . SER A 1 48  ? 8.931   -6.558  10.030  1.00 0.84 ? 48  SER A H    1 
ATOM 751  H HA   . SER A 1 48  ? 7.316   -6.040  12.448  1.00 1.60 ? 48  SER A HA   1 
ATOM 752  H HB2  . SER A 1 48  ? 8.903   -8.381  11.407  1.00 2.23 ? 48  SER A HB2  1 
ATOM 753  H HB3  . SER A 1 48  ? 8.359   -8.345  13.081  1.00 2.10 ? 48  SER A HB3  1 
ATOM 754  H HG   . SER A 1 48  ? 6.623   -7.873  10.880  1.00 2.75 ? 48  SER A HG   1 
ATOM 755  N N    . GLY A 1 49  ? 9.621   -4.685  13.037  1.00 1.55 ? 49  GLY A N    1 
ATOM 756  C CA   . GLY A 1 49  ? 10.728  -4.132  13.887  1.00 2.38 ? 49  GLY A CA   1 
ATOM 757  C C    . GLY A 1 49  ? 10.350  -4.201  15.373  1.00 2.35 ? 49  GLY A C    1 
ATOM 758  O O    . GLY A 1 49  ? 9.258   -4.608  15.735  1.00 2.73 ? 49  GLY A O    1 
ATOM 759  H H    . GLY A 1 49  ? 9.056   -4.073  12.516  1.00 1.32 ? 49  GLY A H    1 
ATOM 760  H HA2  . GLY A 1 49  ? 11.626  -4.711  13.721  1.00 2.85 ? 49  GLY A HA2  1 
ATOM 761  H HA3  . GLY A 1 49  ? 10.912  -3.104  13.614  1.00 2.87 ? 49  GLY A HA3  1 
ATOM 762  N N    . ALA A 1 50  ? 11.248  -3.802  16.238  1.00 2.08 ? 50  ALA A N    1 
ATOM 763  C CA   . ALA A 1 50  ? 10.963  -3.841  17.707  1.00 2.25 ? 50  ALA A CA   1 
ATOM 764  C C    . ALA A 1 50  ? 9.919   -2.766  18.079  1.00 1.93 ? 50  ALA A C    1 
ATOM 765  O O    . ALA A 1 50  ? 10.238  -1.744  18.662  1.00 2.43 ? 50  ALA A O    1 
ATOM 766  C CB   . ALA A 1 50  ? 12.271  -3.605  18.476  1.00 2.55 ? 50  ALA A CB   1 
ATOM 767  H H    . ALA A 1 50  ? 12.116  -3.481  15.920  1.00 1.90 ? 50  ALA A H    1 
ATOM 768  H HA   . ALA A 1 50  ? 10.570  -4.812  17.967  1.00 2.67 ? 50  ALA A HA   1 
ATOM 769  H HB1  . ALA A 1 50  ? 12.988  -4.367  18.209  1.00 2.77 ? 50  ALA A HB1  1 
ATOM 770  H HB2  . ALA A 1 50  ? 12.666  -2.632  18.224  1.00 2.75 ? 50  ALA A HB2  1 
ATOM 771  H HB3  . ALA A 1 50  ? 12.078  -3.649  19.539  1.00 3.02 ? 50  ALA A HB3  1 
ATOM 772  N N    . LEU A 1 51  ? 8.670   -3.004  17.739  1.00 1.77 ? 51  LEU A N    1 
ATOM 773  C CA   . LEU A 1 51  ? 7.570   -2.030  18.060  1.00 1.96 ? 51  LEU A CA   1 
ATOM 774  C C    . LEU A 1 51  ? 7.870   -0.633  17.471  1.00 1.76 ? 51  LEU A C    1 
ATOM 775  O O    . LEU A 1 51  ? 7.412   0.373   17.983  1.00 2.43 ? 51  LEU A O    1 
ATOM 776  C CB   . LEU A 1 51  ? 7.421   -1.930  19.585  1.00 2.17 ? 51  LEU A CB   1 
ATOM 777  C CG   . LEU A 1 51  ? 6.940   -3.270  20.151  1.00 2.50 ? 51  LEU A CG   1 
ATOM 778  C CD1  . LEU A 1 51  ? 7.294   -3.356  21.633  1.00 2.98 ? 51  LEU A CD1  1 
ATOM 779  C CD2  . LEU A 1 51  ? 5.424   -3.381  19.993  1.00 2.88 ? 51  LEU A CD2  1 
ATOM 780  H H    . LEU A 1 51  ? 8.453   -3.839  17.270  1.00 2.06 ? 51  LEU A H    1 
ATOM 781  H HA   . LEU A 1 51  ? 6.644   -2.392  17.640  1.00 2.36 ? 51  LEU A HA   1 
ATOM 782  H HB2  . LEU A 1 51  ? 8.376   -1.676  20.021  1.00 2.04 ? 51  LEU A HB2  1 
ATOM 783  H HB3  . LEU A 1 51  ? 6.702   -1.159  19.825  1.00 2.51 ? 51  LEU A HB3  1 
ATOM 784  H HG   . LEU A 1 51  ? 7.419   -4.078  19.618  1.00 2.86 ? 51  LEU A HG   1 
ATOM 785  H HD11 . LEU A 1 51  ? 8.329   -3.088  21.775  1.00 3.27 ? 51  LEU A HD11 1 
ATOM 786  H HD12 . LEU A 1 51  ? 6.666   -2.678  22.192  1.00 3.49 ? 51  LEU A HD12 1 
ATOM 787  H HD13 . LEU A 1 51  ? 7.132   -4.365  21.981  1.00 3.24 ? 51  LEU A HD13 1 
ATOM 788  H HD21 . LEU A 1 51  ? 4.968   -2.428  20.219  1.00 3.13 ? 51  LEU A HD21 1 
ATOM 789  H HD22 . LEU A 1 51  ? 5.188   -3.662  18.979  1.00 3.21 ? 51  LEU A HD22 1 
ATOM 790  H HD23 . LEU A 1 51  ? 5.044   -4.130  20.672  1.00 3.31 ? 51  LEU A HD23 1 
ATOM 791  N N    . ALA A 1 52  ? 8.624   -0.561  16.399  1.00 1.38 ? 52  ALA A N    1 
ATOM 792  C CA   . ALA A 1 52  ? 8.945   0.768   15.787  1.00 1.13 ? 52  ALA A CA   1 
ATOM 793  C C    . ALA A 1 52  ? 8.197   0.933   14.444  1.00 0.93 ? 52  ALA A C    1 
ATOM 794  O O    . ALA A 1 52  ? 8.636   0.425   13.425  1.00 0.92 ? 52  ALA A O    1 
ATOM 795  C CB   . ALA A 1 52  ? 10.461  0.857   15.562  1.00 1.17 ? 52  ALA A CB   1 
ATOM 796  H H    . ALA A 1 52  ? 8.977   -1.379  15.998  1.00 1.75 ? 52  ALA A H    1 
ATOM 797  H HA   . ALA A 1 52  ? 8.641   1.554   16.462  1.00 1.18 ? 52  ALA A HA   1 
ATOM 798  H HB1  . ALA A 1 52  ? 10.976  0.423   16.406  1.00 1.51 ? 52  ALA A HB1  1 
ATOM 799  H HB2  . ALA A 1 52  ? 10.725  0.320   14.664  1.00 1.69 ? 52  ALA A HB2  1 
ATOM 800  H HB3  . ALA A 1 52  ? 10.747  1.895   15.458  1.00 1.50 ? 52  ALA A HB3  1 
ATOM 801  N N    . PRO A 1 53  ? 7.094   1.654   14.484  1.00 0.86 ? 53  PRO A N    1 
ATOM 802  C CA   . PRO A 1 53  ? 6.260   1.919   13.284  1.00 0.77 ? 53  PRO A CA   1 
ATOM 803  C C    . PRO A 1 53  ? 6.966   2.884   12.317  1.00 0.69 ? 53  PRO A C    1 
ATOM 804  O O    . PRO A 1 53  ? 7.007   2.645   11.121  1.00 0.72 ? 53  PRO A O    1 
ATOM 805  C CB   . PRO A 1 53  ? 4.976   2.528   13.861  1.00 0.85 ? 53  PRO A CB   1 
ATOM 806  C CG   . PRO A 1 53  ? 5.346   3.075   15.259  1.00 0.95 ? 53  PRO A CG   1 
ATOM 807  C CD   . PRO A 1 53  ? 6.580   2.280   15.723  1.00 0.97 ? 53  PRO A CD   1 
ATOM 808  H HA   . PRO A 1 53  ? 6.028   0.996   12.779  1.00 0.80 ? 53  PRO A HA   1 
ATOM 809  H HB2  . PRO A 1 53  ? 4.627   3.330   13.225  1.00 0.87 ? 53  PRO A HB2  1 
ATOM 810  H HB3  . PRO A 1 53  ? 4.214   1.769   13.957  1.00 0.92 ? 53  PRO A HB3  1 
ATOM 811  H HG2  . PRO A 1 53  ? 5.583   4.130   15.194  1.00 0.97 ? 53  PRO A HG2  1 
ATOM 812  H HG3  . PRO A 1 53  ? 4.531   2.918   15.949  1.00 1.04 ? 53  PRO A HG3  1 
ATOM 813  H HD2  . PRO A 1 53  ? 7.318   2.945   16.153  1.00 1.02 ? 53  PRO A HD2  1 
ATOM 814  H HD3  . PRO A 1 53  ? 6.297   1.520   16.433  1.00 1.07 ? 53  PRO A HD3  1 
ATOM 815  N N    . GLU A 1 54  ? 7.533   3.957   12.815  1.00 0.71 ? 54  GLU A N    1 
ATOM 816  C CA   . GLU A 1 54  ? 8.247   4.914   11.910  1.00 0.72 ? 54  GLU A CA   1 
ATOM 817  C C    . GLU A 1 54  ? 9.423   4.194   11.225  1.00 0.63 ? 54  GLU A C    1 
ATOM 818  O O    . GLU A 1 54  ? 9.720   4.435   10.073  1.00 0.62 ? 54  GLU A O    1 
ATOM 819  C CB   . GLU A 1 54  ? 8.753   6.133   12.706  1.00 0.90 ? 54  GLU A CB   1 
ATOM 820  C CG   . GLU A 1 54  ? 9.637   5.699   13.889  1.00 1.52 ? 54  GLU A CG   1 
ATOM 821  C CD   . GLU A 1 54  ? 8.822   5.723   15.182  1.00 2.30 ? 54  GLU A CD   1 
ATOM 822  O OE1  . GLU A 1 54  ? 8.141   4.750   15.440  1.00 2.83 ? 54  GLU A OE1  1 
ATOM 823  O OE2  . GLU A 1 54  ? 8.894   6.714   15.887  1.00 2.90 ? 54  GLU A OE2  1 
ATOM 824  H H    . GLU A 1 54  ? 7.500   4.127   13.784  1.00 0.79 ? 54  GLU A H    1 
ATOM 825  H HA   . GLU A 1 54  ? 7.558   5.253   11.148  1.00 0.73 ? 54  GLU A HA   1 
ATOM 826  H HB2  . GLU A 1 54  ? 9.328   6.771   12.049  1.00 1.23 ? 54  GLU A HB2  1 
ATOM 827  H HB3  . GLU A 1 54  ? 7.905   6.685   13.081  1.00 1.29 ? 54  GLU A HB3  1 
ATOM 828  H HG2  . GLU A 1 54  ? 10.010  4.703   13.722  1.00 1.83 ? 54  GLU A HG2  1 
ATOM 829  H HG3  . GLU A 1 54  ? 10.467  6.381   13.985  1.00 1.85 ? 54  GLU A HG3  1 
ATOM 830  N N    . THR A 1 55  ? 10.077  3.292   11.919  1.00 0.61 ? 55  THR A N    1 
ATOM 831  C CA   . THR A 1 55  ? 11.224  2.541   11.305  1.00 0.60 ? 55  THR A CA   1 
ATOM 832  C C    . THR A 1 55  ? 10.739  1.770   10.069  1.00 0.50 ? 55  THR A C    1 
ATOM 833  O O    . THR A 1 55  ? 11.264  1.935   8.983   1.00 0.54 ? 55  THR A O    1 
ATOM 834  C CB   . THR A 1 55  ? 11.800  1.553   12.329  1.00 0.70 ? 55  THR A CB   1 
ATOM 835  O OG1  . THR A 1 55  ? 12.384  2.276   13.401  1.00 1.43 ? 55  THR A OG1  1 
ATOM 836  C CG2  . THR A 1 55  ? 12.870  0.681   11.672  1.00 1.58 ? 55  THR A CG2  1 
ATOM 837  H H    . THR A 1 55  ? 9.810   3.102   12.841  1.00 0.65 ? 55  THR A H    1 
ATOM 838  H HA   . THR A 1 55  ? 11.994  3.240   11.010  1.00 0.64 ? 55  THR A HA   1 
ATOM 839  H HB   . THR A 1 55  ? 11.007  0.923   12.706  1.00 1.20 ? 55  THR A HB   1 
ATOM 840  H HG1  . THR A 1 55  ? 12.812  1.648   13.988  1.00 1.84 ? 55  THR A HG1  1 
ATOM 841  H HG21 . THR A 1 55  ? 12.441  0.149   10.836  1.00 2.14 ? 55  THR A HG21 1 
ATOM 842  H HG22 . THR A 1 55  ? 13.679  1.308   11.324  1.00 2.18 ? 55  THR A HG22 1 
ATOM 843  H HG23 . THR A 1 55  ? 13.251  -0.027  12.393  1.00 2.06 ? 55  THR A HG23 1 
ATOM 844  N N    . LEU A 1 56  ? 9.743   0.928   10.224  1.00 0.45 ? 56  LEU A N    1 
ATOM 845  C CA   . LEU A 1 56  ? 9.230   0.141   9.053   1.00 0.42 ? 56  LEU A CA   1 
ATOM 846  C C    . LEU A 1 56  ? 8.555   1.075   8.025   1.00 0.34 ? 56  LEU A C    1 
ATOM 847  O O    . LEU A 1 56  ? 8.683   0.872   6.831   1.00 0.34 ? 56  LEU A O    1 
ATOM 848  C CB   . LEU A 1 56  ? 8.244   -0.942  9.529   1.00 0.50 ? 56  LEU A CB   1 
ATOM 849  C CG   . LEU A 1 56  ? 7.168   -0.347  10.442  1.00 0.58 ? 56  LEU A CG   1 
ATOM 850  C CD1  . LEU A 1 56  ? 5.844   -0.278  9.692   1.00 0.68 ? 56  LEU A CD1  1 
ATOM 851  C CD2  . LEU A 1 56  ? 6.991   -1.244  11.666  1.00 1.18 ? 56  LEU A CD2  1 
ATOM 852  H H    . LEU A 1 56  ? 9.337   0.808   11.110  1.00 0.47 ? 56  LEU A H    1 
ATOM 853  H HA   . LEU A 1 56  ? 10.069  -0.343  8.572   1.00 0.48 ? 56  LEU A HA   1 
ATOM 854  H HB2  . LEU A 1 56  ? 7.771   -1.393  8.670   1.00 0.58 ? 56  LEU A HB2  1 
ATOM 855  H HB3  . LEU A 1 56  ? 8.789   -1.702  10.071  1.00 0.85 ? 56  LEU A HB3  1 
ATOM 856  H HG   . LEU A 1 56  ? 7.460   0.642   10.756  1.00 1.10 ? 56  LEU A HG   1 
ATOM 857  H HD11 . LEU A 1 56  ? 5.740   -1.149  9.064   1.00 1.27 ? 56  LEU A HD11 1 
ATOM 858  H HD12 . LEU A 1 56  ? 5.032   -0.248  10.402  1.00 1.19 ? 56  LEU A HD12 1 
ATOM 859  H HD13 . LEU A 1 56  ? 5.821   0.612   9.083   1.00 1.37 ? 56  LEU A HD13 1 
ATOM 860  H HD21 . LEU A 1 56  ? 7.931   -1.716  11.905  1.00 1.84 ? 56  LEU A HD21 1 
ATOM 861  H HD22 . LEU A 1 56  ? 6.665   -0.649  12.505  1.00 1.67 ? 56  LEU A HD22 1 
ATOM 862  H HD23 . LEU A 1 56  ? 6.251   -2.002  11.452  1.00 1.55 ? 56  LEU A HD23 1 
ATOM 863  N N    . ALA A 1 57  ? 7.855   2.096   8.469   1.00 0.35 ? 57  ALA A N    1 
ATOM 864  C CA   . ALA A 1 57  ? 7.190   3.037   7.504   1.00 0.34 ? 57  ALA A CA   1 
ATOM 865  C C    . ALA A 1 57  ? 8.250   3.837   6.729   1.00 0.36 ? 57  ALA A C    1 
ATOM 866  O O    . ALA A 1 57  ? 8.337   3.748   5.514   1.00 0.42 ? 57  ALA A O    1 
ATOM 867  C CB   . ALA A 1 57  ? 6.280   4.003   8.274   1.00 0.41 ? 57  ALA A CB   1 
ATOM 868  H H    . ALA A 1 57  ? 7.771   2.249   9.436   1.00 0.40 ? 57  ALA A H    1 
ATOM 869  H HA   . ALA A 1 57  ? 6.596   2.469   6.803   1.00 0.35 ? 57  ALA A HA   1 
ATOM 870  H HB1  . ALA A 1 57  ? 6.291   3.752   9.324   1.00 1.08 ? 57  ALA A HB1  1 
ATOM 871  H HB2  . ALA A 1 57  ? 6.633   5.015   8.142   1.00 1.08 ? 57  ALA A HB2  1 
ATOM 872  H HB3  . ALA A 1 57  ? 5.272   3.923   7.896   1.00 1.09 ? 57  ALA A HB3  1 
ATOM 873  N N    . GLU A 1 58  ? 9.052   4.612   7.420   1.00 0.38 ? 58  GLU A N    1 
ATOM 874  C CA   . GLU A 1 58  ? 10.108  5.427   6.732   1.00 0.43 ? 58  GLU A CA   1 
ATOM 875  C C    . GLU A 1 58  ? 11.028  4.497   5.927   1.00 0.40 ? 58  GLU A C    1 
ATOM 876  O O    . GLU A 1 58  ? 11.299  4.736   4.760   1.00 0.46 ? 58  GLU A O    1 
ATOM 877  C CB   . GLU A 1 58  ? 10.937  6.202   7.772   1.00 0.53 ? 58  GLU A CB   1 
ATOM 878  C CG   . GLU A 1 58  ? 10.028  7.034   8.707   1.00 1.43 ? 58  GLU A CG   1 
ATOM 879  C CD   . GLU A 1 58  ? 8.929   7.768   7.927   1.00 1.92 ? 58  GLU A CD   1 
ATOM 880  O OE1  . GLU A 1 58  ? 7.892   7.173   7.684   1.00 2.46 ? 58  GLU A OE1  1 
ATOM 881  O OE2  . GLU A 1 58  ? 9.125   8.931   7.621   1.00 2.41 ? 58  GLU A OE2  1 
ATOM 882  H H    . GLU A 1 58  ? 8.958   4.664   8.397   1.00 0.41 ? 58  GLU A H    1 
ATOM 883  H HA   . GLU A 1 58  ? 9.634   6.129   6.060   1.00 0.46 ? 58  GLU A HA   1 
ATOM 884  H HB2  . GLU A 1 58  ? 11.504  5.497   8.365   1.00 1.04 ? 58  GLU A HB2  1 
ATOM 885  H HB3  . GLU A 1 58  ? 11.620  6.864   7.260   1.00 1.07 ? 58  GLU A HB3  1 
ATOM 886  H HG2  . GLU A 1 58  ? 9.568   6.380   9.430   1.00 2.00 ? 58  GLU A HG2  1 
ATOM 887  H HG3  . GLU A 1 58  ? 10.633  7.761   9.227   1.00 1.95 ? 58  GLU A HG3  1 
ATOM 888  N N    . SER A 1 59  ? 11.495  3.424   6.531   1.00 0.38 ? 59  SER A N    1 
ATOM 889  C CA   . SER A 1 59  ? 12.383  2.464   5.792   1.00 0.42 ? 59  SER A CA   1 
ATOM 890  C C    . SER A 1 59  ? 11.653  1.964   4.538   1.00 0.38 ? 59  SER A C    1 
ATOM 891  O O    . SER A 1 59  ? 12.255  1.774   3.498   1.00 0.43 ? 59  SER A O    1 
ATOM 892  C CB   . SER A 1 59  ? 12.734  1.275   6.692   1.00 0.49 ? 59  SER A CB   1 
ATOM 893  O OG   . SER A 1 59  ? 13.778  0.513   6.090   1.00 0.86 ? 59  SER A OG   1 
ATOM 894  H H    . SER A 1 59  ? 11.252  3.246   7.467   1.00 0.41 ? 59  SER A H    1 
ATOM 895  H HA   . SER A 1 59  ? 13.291  2.970   5.495   1.00 0.46 ? 59  SER A HA   1 
ATOM 896  H HB2  . SER A 1 59  ? 13.070  1.637   7.650   1.00 0.69 ? 59  SER A HB2  1 
ATOM 897  H HB3  . SER A 1 59  ? 11.854  0.659   6.834   1.00 0.78 ? 59  SER A HB3  1 
ATOM 898  H HG   . SER A 1 59  ? 13.444  0.139   5.269   1.00 1.23 ? 59  SER A HG   1 
ATOM 899  N N    . PHE A 1 60  ? 10.355  1.767   4.625   1.00 0.31 ? 60  PHE A N    1 
ATOM 900  C CA   . PHE A 1 60  ? 9.581   1.302   3.434   1.00 0.30 ? 60  PHE A CA   1 
ATOM 901  C C    . PHE A 1 60  ? 9.588   2.398   2.361   1.00 0.32 ? 60  PHE A C    1 
ATOM 902  O O    . PHE A 1 60  ? 9.883   2.140   1.211   1.00 0.35 ? 60  PHE A O    1 
ATOM 903  C CB   . PHE A 1 60  ? 8.137   0.984   3.834   1.00 0.30 ? 60  PHE A CB   1 
ATOM 904  C CG   . PHE A 1 60  ? 7.449   0.305   2.676   1.00 0.33 ? 60  PHE A CG   1 
ATOM 905  C CD1  . PHE A 1 60  ? 7.520   -1.084  2.537   1.00 1.31 ? 60  PHE A CD1  1 
ATOM 906  C CD2  . PHE A 1 60  ? 6.750   1.068   1.734   1.00 1.14 ? 60  PHE A CD2  1 
ATOM 907  C CE1  . PHE A 1 60  ? 6.891   -1.710  1.456   1.00 1.34 ? 60  PHE A CE1  1 
ATOM 908  C CE2  . PHE A 1 60  ? 6.119   0.441   0.654   1.00 1.16 ? 60  PHE A CE2  1 
ATOM 909  C CZ   . PHE A 1 60  ? 6.190   -0.950  0.515   1.00 0.46 ? 60  PHE A CZ   1 
ATOM 910  H H    . PHE A 1 60  ? 9.888   1.941   5.472   1.00 0.29 ? 60  PHE A H    1 
ATOM 911  H HA   . PHE A 1 60  ? 10.045  0.412   3.033   1.00 0.34 ? 60  PHE A HA   1 
ATOM 912  H HB2  . PHE A 1 60  ? 8.136   0.328   4.692   1.00 0.33 ? 60  PHE A HB2  1 
ATOM 913  H HB3  . PHE A 1 60  ? 7.618   1.899   4.077   1.00 0.31 ? 60  PHE A HB3  1 
ATOM 914  H HD1  . PHE A 1 60  ? 8.061   -1.673  3.264   1.00 2.19 ? 60  PHE A HD1  1 
ATOM 915  H HD2  . PHE A 1 60  ? 6.695   2.141   1.842   1.00 2.03 ? 60  PHE A HD2  1 
ATOM 916  H HE1  . PHE A 1 60  ? 6.948   -2.782  1.349   1.00 2.23 ? 60  PHE A HE1  1 
ATOM 917  H HE2  . PHE A 1 60  ? 5.579   1.030   -0.072  1.00 2.03 ? 60  PHE A HE2  1 
ATOM 918  H HZ   . PHE A 1 60  ? 5.704   -1.435  -0.319  1.00 0.52 ? 60  PHE A HZ   1 
ATOM 919  N N    . ILE A 1 61  ? 9.285   3.622   2.727   1.00 0.37 ? 61  ILE A N    1 
ATOM 920  C CA   . ILE A 1 61  ? 9.297   4.737   1.721   1.00 0.46 ? 61  ILE A CA   1 
ATOM 921  C C    . ILE A 1 61  ? 10.688  4.793   1.060   1.00 0.53 ? 61  ILE A C    1 
ATOM 922  O O    . ILE A 1 61  ? 10.809  5.001   -0.133  1.00 0.65 ? 61  ILE A O    1 
ATOM 923  C CB   . ILE A 1 61  ? 8.967   6.070   2.426   1.00 0.48 ? 61  ILE A CB   1 
ATOM 924  C CG1  . ILE A 1 61  ? 7.493   6.411   2.199   1.00 0.82 ? 61  ILE A CG1  1 
ATOM 925  C CG2  . ILE A 1 61  ? 9.822   7.210   1.864   1.00 0.63 ? 61  ILE A CG2  1 
ATOM 926  C CD1  . ILE A 1 61  ? 6.654   5.859   3.353   1.00 1.06 ? 61  ILE A CD1  1 
ATOM 927  H H    . ILE A 1 61  ? 9.062   3.810   3.666   1.00 0.38 ? 61  ILE A H    1 
ATOM 928  H HA   . ILE A 1 61  ? 8.555   4.538   0.961   1.00 0.50 ? 61  ILE A HA   1 
ATOM 929  H HB   . ILE A 1 61  ? 9.154   5.973   3.487   1.00 0.78 ? 61  ILE A HB   1 
ATOM 930  H HG12 . ILE A 1 61  ? 7.376   7.485   2.152   1.00 0.99 ? 61  ILE A HG12 1 
ATOM 931  H HG13 . ILE A 1 61  ? 7.159   5.971   1.271   1.00 1.29 ? 61  ILE A HG13 1 
ATOM 932  H HG21 . ILE A 1 61  ? 9.842   7.149   0.785   1.00 1.26 ? 61  ILE A HG21 1 
ATOM 933  H HG22 . ILE A 1 61  ? 9.396   8.158   2.162   1.00 1.22 ? 61  ILE A HG22 1 
ATOM 934  H HG23 . ILE A 1 61  ? 10.828  7.131   2.248   1.00 1.31 ? 61  ILE A HG23 1 
ATOM 935  H HD11 . ILE A 1 61  ? 6.933   4.833   3.542   1.00 1.40 ? 61  ILE A HD11 1 
ATOM 936  H HD12 . ILE A 1 61  ? 6.833   6.449   4.240   1.00 1.58 ? 61  ILE A HD12 1 
ATOM 937  H HD13 . ILE A 1 61  ? 5.607   5.906   3.093   1.00 1.62 ? 61  ILE A HD13 1 
ATOM 938  N N    . ALA A 1 62  ? 11.729  4.591   1.832   1.00 0.53 ? 62  ALA A N    1 
ATOM 939  C CA   . ALA A 1 62  ? 13.116  4.613   1.269   1.00 0.65 ? 62  ALA A CA   1 
ATOM 940  C C    . ALA A 1 62  ? 13.372  3.342   0.433   1.00 0.64 ? 62  ALA A C    1 
ATOM 941  O O    . ALA A 1 62  ? 13.885  3.414   -0.667  1.00 0.73 ? 62  ALA A O    1 
ATOM 942  C CB   . ALA A 1 62  ? 14.121  4.687   2.424   1.00 0.71 ? 62  ALA A CB   1 
ATOM 943  H H    . ALA A 1 62  ? 11.597  4.417   2.790   1.00 0.49 ? 62  ALA A H    1 
ATOM 944  H HA   . ALA A 1 62  ? 13.233  5.482   0.636   1.00 0.72 ? 62  ALA A HA   1 
ATOM 945  H HB1  . ALA A 1 62  ? 13.893  5.540   3.045   1.00 1.24 ? 62  ALA A HB1  1 
ATOM 946  H HB2  . ALA A 1 62  ? 14.058  3.785   3.014   1.00 1.27 ? 62  ALA A HB2  1 
ATOM 947  H HB3  . ALA A 1 62  ? 15.121  4.788   2.025   1.00 1.22 ? 62  ALA A HB3  1 
ATOM 948  N N    . VAL A 1 63  ? 13.019  2.183   0.946   1.00 0.55 ? 63  VAL A N    1 
ATOM 949  C CA   . VAL A 1 63  ? 13.243  0.911   0.177   1.00 0.57 ? 63  VAL A CA   1 
ATOM 950  C C    . VAL A 1 63  ? 12.298  0.847   -1.039  1.00 0.58 ? 63  VAL A C    1 
ATOM 951  O O    . VAL A 1 63  ? 12.640  0.298   -2.070  1.00 0.69 ? 63  VAL A O    1 
ATOM 952  C CB   . VAL A 1 63  ? 13.010  -0.301  1.098   1.00 0.50 ? 63  VAL A CB   1 
ATOM 953  C CG1  . VAL A 1 63  ? 11.514  -0.539  1.299   1.00 0.45 ? 63  VAL A CG1  1 
ATOM 954  C CG2  . VAL A 1 63  ? 13.627  -1.551  0.469   1.00 0.53 ? 63  VAL A CG2  1 
ATOM 955  H H    . VAL A 1 63  ? 12.607  2.150   1.837   1.00 0.50 ? 63  VAL A H    1 
ATOM 956  H HA   . VAL A 1 63  ? 14.264  0.892   -0.178  1.00 0.67 ? 63  VAL A HA   1 
ATOM 957  H HB   . VAL A 1 63  ? 13.474  -0.114  2.057   1.00 0.56 ? 63  VAL A HB   1 
ATOM 958  H HG11 . VAL A 1 63  ? 11.024  0.401   1.498   1.00 0.96 ? 63  VAL A HG11 1 
ATOM 959  H HG12 . VAL A 1 63  ? 11.096  -0.981  0.407   1.00 1.11 ? 63  VAL A HG12 1 
ATOM 960  H HG13 . VAL A 1 63  ? 11.363  -1.207  2.134   1.00 1.13 ? 63  VAL A HG13 1 
ATOM 961  H HG21 . VAL A 1 63  ? 13.354  -1.599  -0.575  1.00 1.18 ? 63  VAL A HG21 1 
ATOM 962  H HG22 . VAL A 1 63  ? 14.701  -1.507  0.559   1.00 1.08 ? 63  VAL A HG22 1 
ATOM 963  H HG23 . VAL A 1 63  ? 13.257  -2.428  0.978   1.00 1.03 ? 63  VAL A HG23 1 
ATOM 964  N N    . CYS A 1 64  ? 11.116  1.407   -0.924  1.00 0.54 ? 64  CYS A N    1 
ATOM 965  C CA   . CYS A 1 64  ? 10.145  1.387   -2.066  1.00 0.63 ? 64  CYS A CA   1 
ATOM 966  C C    . CYS A 1 64  ? 10.601  2.368   -3.163  1.00 0.78 ? 64  CYS A C    1 
ATOM 967  O O    . CYS A 1 64  ? 10.386  2.134   -4.338  1.00 0.92 ? 64  CYS A O    1 
ATOM 968  C CB   . CYS A 1 64  ? 8.759   1.790   -1.552  1.00 0.67 ? 64  CYS A CB   1 
ATOM 969  S SG   . CYS A 1 64  ? 7.497   1.295   -2.752  1.00 0.84 ? 64  CYS A SG   1 
ATOM 970  H H    . CYS A 1 64  ? 10.863  1.843   -0.081  1.00 0.51 ? 64  CYS A H    1 
ATOM 971  H HA   . CYS A 1 64  ? 10.099  0.390   -2.480  1.00 0.64 ? 64  CYS A HA   1 
ATOM 972  H HB2  . CYS A 1 64  ? 8.571   1.302   -0.608  1.00 0.64 ? 64  CYS A HB2  1 
ATOM 973  H HB3  . CYS A 1 64  ? 8.725   2.862   -1.415  1.00 0.73 ? 64  CYS A HB3  1 
ATOM 974  H HG   . CYS A 1 64  ? 7.757   1.629   -3.615  1.00 1.34 ? 64  CYS A HG   1 
ATOM 975  N N    . GLY A 1 65  ? 11.230  3.460   -2.787  1.00 0.82 ? 65  GLY A N    1 
ATOM 976  C CA   . GLY A 1 65  ? 11.707  4.454   -3.806  1.00 1.03 ? 65  GLY A CA   1 
ATOM 977  C C    . GLY A 1 65  ? 10.862  5.734   -3.755  1.00 1.08 ? 65  GLY A C    1 
ATOM 978  O O    . GLY A 1 65  ? 9.688   5.705   -3.436  1.00 1.89 ? 65  GLY A O    1 
ATOM 979  H H    . GLY A 1 65  ? 11.393  3.625   -1.834  1.00 0.74 ? 65  GLY A H    1 
ATOM 980  H HA2  . GLY A 1 65  ? 12.739  4.702   -3.606  1.00 1.13 ? 65  GLY A HA2  1 
ATOM 981  H HA3  . GLY A 1 65  ? 11.631  4.021   -4.792  1.00 1.17 ? 65  GLY A HA3  1 
ATOM 982  N N    . GLU A 1 66  ? 11.458  6.859   -4.071  1.00 0.96 ? 66  GLU A N    1 
ATOM 983  C CA   . GLU A 1 66  ? 10.714  8.165   -4.048  1.00 0.99 ? 66  GLU A CA   1 
ATOM 984  C C    . GLU A 1 66  ? 9.556   8.177   -5.067  1.00 0.98 ? 66  GLU A C    1 
ATOM 985  O O    . GLU A 1 66  ? 8.699   9.041   -5.014  1.00 1.26 ? 66  GLU A O    1 
ATOM 986  C CB   . GLU A 1 66  ? 11.685  9.304   -4.372  1.00 1.40 ? 66  GLU A CB   1 
ATOM 987  C CG   . GLU A 1 66  ? 12.556  9.597   -3.144  1.00 2.18 ? 66  GLU A CG   1 
ATOM 988  C CD   . GLU A 1 66  ? 14.016  9.277   -3.454  1.00 2.75 ? 66  GLU A CD   1 
ATOM 989  O OE1  . GLU A 1 66  ? 14.305  8.122   -3.727  1.00 3.40 ? 66  GLU A OE1  1 
ATOM 990  O OE2  . GLU A 1 66  ? 14.820  10.190  -3.408  1.00 3.06 ? 66  GLU A OE2  1 
ATOM 991  H H    . GLU A 1 66  ? 12.409  6.851   -4.321  1.00 1.48 ? 66  GLU A H    1 
ATOM 992  H HA   . GLU A 1 66  ? 10.309  8.321   -3.060  1.00 1.07 ? 66  GLU A HA   1 
ATOM 993  H HB2  . GLU A 1 66  ? 12.318  9.014   -5.201  1.00 1.82 ? 66  GLU A HB2  1 
ATOM 994  H HB3  . GLU A 1 66  ? 11.128  10.190  -4.636  1.00 1.67 ? 66  GLU A HB3  1 
ATOM 995  H HG2  . GLU A 1 66  ? 12.467  10.641  -2.881  1.00 2.56 ? 66  GLU A HG2  1 
ATOM 996  H HG3  . GLU A 1 66  ? 12.229  8.989   -2.315  1.00 2.74 ? 66  GLU A HG3  1 
ATOM 997  N N    . GLN A 1 67  ? 9.514   7.238   -5.989  1.00 1.22 ? 67  GLN A N    1 
ATOM 998  C CA   . GLN A 1 67  ? 8.399   7.212   -6.996  1.00 1.61 ? 67  GLN A CA   1 
ATOM 999  C C    . GLN A 1 67  ? 7.080   6.803   -6.303  1.00 1.30 ? 67  GLN A C    1 
ATOM 1000 O O    . GLN A 1 67  ? 6.498   5.769   -6.586  1.00 1.52 ? 67  GLN A O    1 
ATOM 1001 C CB   . GLN A 1 67  ? 8.747   6.227   -8.131  1.00 2.09 ? 67  GLN A CB   1 
ATOM 1002 C CG   . GLN A 1 67  ? 9.048   4.830   -7.563  1.00 1.99 ? 67  GLN A CG   1 
ATOM 1003 C CD   . GLN A 1 67  ? 8.869   3.781   -8.663  1.00 2.70 ? 67  GLN A CD   1 
ATOM 1004 O OE1  . GLN A 1 67  ? 9.741   3.594   -9.483  1.00 3.17 ? 67  GLN A OE1  1 
ATOM 1005 N NE2  . GLN A 1 67  ? 7.771   3.092   -8.723  1.00 3.24 ? 67  GLN A NE2  1 
ATOM 1006 H H    . GLN A 1 67  ? 10.210  6.553   -6.016  1.00 1.43 ? 67  GLN A H    1 
ATOM 1007 H HA   . GLN A 1 67  ? 8.279   8.203   -7.412  1.00 1.97 ? 67  GLN A HA   1 
ATOM 1008 H HB2  . GLN A 1 67  ? 7.911   6.160   -8.813  1.00 2.47 ? 67  GLN A HB2  1 
ATOM 1009 H HB3  . GLN A 1 67  ? 9.614   6.590   -8.664  1.00 2.36 ? 67  GLN A HB3  1 
ATOM 1010 H HG2  . GLN A 1 67  ? 10.065  4.798   -7.203  1.00 1.90 ? 67  GLN A HG2  1 
ATOM 1011 H HG3  . GLN A 1 67  ? 8.371   4.611   -6.752  1.00 1.89 ? 67  GLN A HG3  1 
ATOM 1012 H HE21 . GLN A 1 67  ? 7.061   3.244   -8.069  1.00 3.37 ? 67  GLN A HE21 1 
ATOM 1013 H HE22 . GLN A 1 67  ? 7.653   2.416   -9.425  1.00 3.75 ? 67  GLN A HE22 1 
ATOM 1014 N N    . LEU A 1 68  ? 6.614   7.615   -5.383  1.00 0.89 ? 68  LEU A N    1 
ATOM 1015 C CA   . LEU A 1 68  ? 5.353   7.297   -4.646  1.00 0.71 ? 68  LEU A CA   1 
ATOM 1016 C C    . LEU A 1 68  ? 4.453   8.541   -4.561  1.00 0.75 ? 68  LEU A C    1 
ATOM 1017 O O    . LEU A 1 68  ? 4.899   9.627   -4.236  1.00 0.85 ? 68  LEU A O    1 
ATOM 1018 C CB   . LEU A 1 68  ? 5.711   6.837   -3.228  1.00 0.69 ? 68  LEU A CB   1 
ATOM 1019 C CG   . LEU A 1 68  ? 6.183   5.384   -3.255  1.00 0.67 ? 68  LEU A CG   1 
ATOM 1020 C CD1  . LEU A 1 68  ? 6.914   5.063   -1.954  1.00 0.85 ? 68  LEU A CD1  1 
ATOM 1021 C CD2  . LEU A 1 68  ? 4.978   4.457   -3.391  1.00 0.79 ? 68  LEU A CD2  1 
ATOM 1022 H H    . LEU A 1 68  ? 7.107   8.439   -5.170  1.00 0.85 ? 68  LEU A H    1 
ATOM 1023 H HA   . LEU A 1 68  ? 4.825   6.507   -5.157  1.00 0.78 ? 68  LEU A HA   1 
ATOM 1024 H HB2  . LEU A 1 68  ? 6.499   7.465   -2.838  1.00 0.82 ? 68  LEU A HB2  1 
ATOM 1025 H HB3  . LEU A 1 68  ? 4.841   6.919   -2.594  1.00 0.75 ? 68  LEU A HB3  1 
ATOM 1026 H HG   . LEU A 1 68  ? 6.853   5.235   -4.091  1.00 0.81 ? 68  LEU A HG   1 
ATOM 1027 H HD11 . LEU A 1 68  ? 6.381   5.501   -1.125  1.00 1.24 ? 68  LEU A HD11 1 
ATOM 1028 H HD12 . LEU A 1 68  ? 6.962   3.992   -1.826  1.00 1.50 ? 68  LEU A HD12 1 
ATOM 1029 H HD13 . LEU A 1 68  ? 7.915   5.466   -1.994  1.00 1.35 ? 68  LEU A HD13 1 
ATOM 1030 H HD21 . LEU A 1 68  ? 4.385   4.759   -4.242  1.00 1.37 ? 68  LEU A HD21 1 
ATOM 1031 H HD22 . LEU A 1 68  ? 5.321   3.443   -3.533  1.00 1.27 ? 68  LEU A HD22 1 
ATOM 1032 H HD23 . LEU A 1 68  ? 4.378   4.513   -2.495  1.00 1.30 ? 68  LEU A HD23 1 
ATOM 1033 N N    . ASP A 1 69  ? 3.183   8.372   -4.829  1.00 0.74 ? 69  ASP A N    1 
ATOM 1034 C CA   . ASP A 1 69  ? 2.216   9.513   -4.750  1.00 0.87 ? 69  ASP A CA   1 
ATOM 1035 C C    . ASP A 1 69  ? 2.158   10.030  -3.297  1.00 0.82 ? 69  ASP A C    1 
ATOM 1036 O O    . ASP A 1 69  ? 2.410   9.285   -2.359  1.00 0.89 ? 69  ASP A O    1 
ATOM 1037 C CB   . ASP A 1 69  ? 0.831   9.001   -5.178  1.00 0.92 ? 69  ASP A CB   1 
ATOM 1038 C CG   . ASP A 1 69  ? 0.059   10.094  -5.907  1.00 1.08 ? 69  ASP A CG   1 
ATOM 1039 O OD1  . ASP A 1 69  ? -0.282  11.072  -5.271  1.00 1.63 ? 69  ASP A OD1  1 
ATOM 1040 O OD2  . ASP A 1 69  ? -0.192  9.922   -7.085  1.00 1.50 ? 69  ASP A OD2  1 
ATOM 1041 H H    . ASP A 1 69  ? 2.858   7.483   -5.069  1.00 0.70 ? 69  ASP A H    1 
ATOM 1042 H HA   . ASP A 1 69  ? 2.533   10.310  -5.408  1.00 1.07 ? 69  ASP A HA   1 
ATOM 1043 H HB2  . ASP A 1 69  ? 0.949   8.154   -5.836  1.00 0.81 ? 69  ASP A HB2  1 
ATOM 1044 H HB3  . ASP A 1 69  ? 0.274   8.699   -4.306  1.00 1.04 ? 69  ASP A HB3  1 
ATOM 1045 N N    . GLU A 1 70  ? 1.810   11.282  -3.093  1.00 0.89 ? 70  GLU A N    1 
ATOM 1046 C CA   . GLU A 1 70  ? 1.725   11.813  -1.691  1.00 0.87 ? 70  GLU A CA   1 
ATOM 1047 C C    . GLU A 1 70  ? 0.775   10.914  -0.879  1.00 0.71 ? 70  GLU A C    1 
ATOM 1048 O O    . GLU A 1 70  ? 1.035   10.594  0.271   1.00 0.79 ? 70  GLU A O    1 
ATOM 1049 C CB   . GLU A 1 70  ? 1.226   13.270  -1.688  1.00 0.99 ? 70  GLU A CB   1 
ATOM 1050 C CG   . GLU A 1 70  ? 0.000   13.432  -2.598  1.00 1.65 ? 70  GLU A CG   1 
ATOM 1051 C CD   . GLU A 1 70  ? -1.088  14.219  -1.867  1.00 2.28 ? 70  GLU A CD   1 
ATOM 1052 O OE1  . GLU A 1 70  ? -1.597  13.709  -0.882  1.00 2.75 ? 70  GLU A OE1  1 
ATOM 1053 O OE2  . GLU A 1 70  ? -1.394  15.313  -2.307  1.00 2.89 ? 70  GLU A OE2  1 
ATOM 1054 H H    . GLU A 1 70  ? 1.595   11.862  -3.856  1.00 1.05 ? 70  GLU A H    1 
ATOM 1055 H HA   . GLU A 1 70  ? 2.707   11.773  -1.241  1.00 0.94 ? 70  GLU A HA   1 
ATOM 1056 H HB2  . GLU A 1 70  ? 0.961   13.552  -0.679  1.00 1.49 ? 70  GLU A HB2  1 
ATOM 1057 H HB3  . GLU A 1 70  ? 2.017   13.916  -2.039  1.00 1.33 ? 70  GLU A HB3  1 
ATOM 1058 H HG2  . GLU A 1 70  ? 0.283   13.966  -3.492  1.00 2.05 ? 70  GLU A HG2  1 
ATOM 1059 H HG3  . GLU A 1 70  ? -0.385  12.464  -2.868  1.00 2.19 ? 70  GLU A HG3  1 
ATOM 1060 N N    . ASN A 1 71  ? -0.295  10.462  -1.491  1.00 0.58 ? 71  ASN A N    1 
ATOM 1061 C CA   . ASN A 1 71  ? -1.239  9.540   -0.789  1.00 0.54 ? 71  ASN A CA   1 
ATOM 1062 C C    . ASN A 1 71  ? -0.547  8.178   -0.605  1.00 0.49 ? 71  ASN A C    1 
ATOM 1063 O O    . ASN A 1 71  ? -0.709  7.519   0.405   1.00 0.50 ? 71  ASN A O    1 
ATOM 1064 C CB   . ASN A 1 71  ? -2.506  9.363   -1.638  1.00 0.67 ? 71  ASN A CB   1 
ATOM 1065 C CG   . ASN A 1 71  ? -3.543  10.414  -1.248  1.00 1.52 ? 71  ASN A CG   1 
ATOM 1066 O OD1  . ASN A 1 71  ? -4.480  10.121  -0.540  1.00 2.12 ? 71  ASN A OD1  1 
ATOM 1067 N ND2  . ASN A 1 71  ? -3.417  11.628  -1.679  1.00 2.30 ? 71  ASN A ND2  1 
ATOM 1068 H H    . ASN A 1 71  ? -0.459  10.706  -2.427  1.00 0.61 ? 71  ASN A H    1 
ATOM 1069 H HA   . ASN A 1 71  ? -1.499  9.950   0.179   1.00 0.60 ? 71  ASN A HA   1 
ATOM 1070 H HB2  . ASN A 1 71  ? -2.258  9.478   -2.682  1.00 0.96 ? 71  ASN A HB2  1 
ATOM 1071 H HB3  . ASN A 1 71  ? -2.917  8.380   -1.470  1.00 0.78 ? 71  ASN A HB3  1 
ATOM 1072 H HD21 . ASN A 1 71  ? -2.661  11.872  -2.252  1.00 2.62 ? 71  ASN A HD21 1 
ATOM 1073 H HD22 . ASN A 1 71  ? -4.075  12.305  -1.426  1.00 2.89 ? 71  ASN A HD22 1 
ATOM 1074 N N    . GLY A 1 72  ? 0.237   7.763   -1.579  1.00 0.48 ? 72  GLY A N    1 
ATOM 1075 C CA   . GLY A 1 72  ? 0.965   6.451   -1.488  1.00 0.47 ? 72  GLY A CA   1 
ATOM 1076 C C    . GLY A 1 72  ? 1.947   6.478   -0.314  1.00 0.49 ? 72  GLY A C    1 
ATOM 1077 O O    . GLY A 1 72  ? 1.938   5.596   0.525   1.00 0.55 ? 72  GLY A O    1 
ATOM 1078 H H    . GLY A 1 72  ? 0.353   8.324   -2.376  1.00 0.52 ? 72  GLY A H    1 
ATOM 1079 H HA2  . GLY A 1 72  ? 0.252   5.655   -1.339  1.00 0.49 ? 72  GLY A HA2  1 
ATOM 1080 H HA3  . GLY A 1 72  ? 1.512   6.279   -2.403  1.00 0.50 ? 72  GLY A HA3  1 
ATOM 1081 N N    . GLN A 1 73  ? 2.783   7.489   -0.239  1.00 0.50 ? 73  GLN A N    1 
ATOM 1082 C CA   . GLN A 1 73  ? 3.759   7.583   0.899   1.00 0.57 ? 73  GLN A CA   1 
ATOM 1083 C C    . GLN A 1 73  ? 2.979   7.636   2.221   1.00 0.59 ? 73  GLN A C    1 
ATOM 1084 O O    . GLN A 1 73  ? 3.272   6.910   3.155   1.00 0.66 ? 73  GLN A O    1 
ATOM 1085 C CB   . GLN A 1 73  ? 4.612   8.850   0.746   1.00 0.65 ? 73  GLN A CB   1 
ATOM 1086 C CG   . GLN A 1 73  ? 5.597   8.675   -0.421  1.00 0.69 ? 73  GLN A CG   1 
ATOM 1087 C CD   . GLN A 1 73  ? 7.024   9.021   0.023   1.00 0.93 ? 73  GLN A CD   1 
ATOM 1088 O OE1  . GLN A 1 73  ? 7.226   9.752   0.970   1.00 1.64 ? 73  GLN A OE1  1 
ATOM 1089 N NE2  . GLN A 1 73  ? 8.032   8.524   -0.626  1.00 1.25 ? 73  GLN A NE2  1 
ATOM 1090 H H    . GLN A 1 73  ? 2.761   8.192   -0.926  1.00 0.52 ? 73  GLN A H    1 
ATOM 1091 H HA   . GLN A 1 73  ? 4.399   6.712   0.897   1.00 0.60 ? 73  GLN A HA   1 
ATOM 1092 H HB2  . GLN A 1 73  ? 3.968   9.697   0.551   1.00 0.66 ? 73  GLN A HB2  1 
ATOM 1093 H HB3  . GLN A 1 73  ? 5.165   9.023   1.660   1.00 0.71 ? 73  GLN A HB3  1 
ATOM 1094 H HG2  . GLN A 1 73  ? 5.571   7.651   -0.760  1.00 0.84 ? 73  GLN A HG2  1 
ATOM 1095 H HG3  . GLN A 1 73  ? 5.311   9.327   -1.232  1.00 0.77 ? 73  GLN A HG3  1 
ATOM 1096 H HE21 . GLN A 1 73  ? 7.882   7.932   -1.390  1.00 1.75 ? 73  GLN A HE21 1 
ATOM 1097 H HE22 . GLN A 1 73  ? 8.945   8.746   -0.350  1.00 1.43 ? 73  GLN A HE22 1 
ATOM 1098 N N    . ASN A 1 74  ? 1.969   8.476   2.292   1.00 0.66 ? 74  ASN A N    1 
ATOM 1099 C CA   . ASN A 1 74  ? 1.141   8.568   3.537   1.00 0.74 ? 74  ASN A CA   1 
ATOM 1100 C C    . ASN A 1 74  ? 0.481   7.206   3.807   1.00 0.64 ? 74  ASN A C    1 
ATOM 1101 O O    . ASN A 1 74  ? 0.458   6.734   4.928   1.00 0.70 ? 74  ASN A O    1 
ATOM 1102 C CB   . ASN A 1 74  ? 0.063   9.646   3.356   1.00 0.88 ? 74  ASN A CB   1 
ATOM 1103 C CG   . ASN A 1 74  ? 0.642   11.019  3.693   1.00 1.27 ? 74  ASN A CG   1 
ATOM 1104 O OD1  . ASN A 1 74  ? 1.268   11.197  4.714   1.00 1.79 ? 74  ASN A OD1  1 
ATOM 1105 N ND2  . ASN A 1 74  ? 0.461   12.007  2.873   1.00 1.87 ? 74  ASN A ND2  1 
ATOM 1106 H H    . ASN A 1 74  ? 1.747   9.035   1.516   1.00 0.71 ? 74  ASN A H    1 
ATOM 1107 H HA   . ASN A 1 74  ? 1.775   8.827   4.374   1.00 0.84 ? 74  ASN A HA   1 
ATOM 1108 H HB2  . ASN A 1 74  ? -0.279  9.644   2.331   1.00 1.08 ? 74  ASN A HB2  1 
ATOM 1109 H HB3  . ASN A 1 74  ? -0.768  9.440   4.012   1.00 1.09 ? 74  ASN A HB3  1 
ATOM 1110 H HD21 . ASN A 1 74  ? -0.045  11.870  2.043   1.00 2.23 ? 74  ASN A HD21 1 
ATOM 1111 H HD22 . ASN A 1 74  ? 0.827   12.887  3.085   1.00 2.29 ? 74  ASN A HD22 1 
ATOM 1112 N N    . LEU A 1 75  ? -0.039  6.569   2.780   1.00 0.60 ? 75  LEU A N    1 
ATOM 1113 C CA   . LEU A 1 75  ? -0.684  5.227   2.949   1.00 0.60 ? 75  LEU A CA   1 
ATOM 1114 C C    . LEU A 1 75  ? 0.282   4.279   3.677   1.00 0.48 ? 75  LEU A C    1 
ATOM 1115 O O    . LEU A 1 75  ? -0.085  3.636   4.644   1.00 0.58 ? 75  LEU A O    1 
ATOM 1116 C CB   . LEU A 1 75  ? -1.032  4.658   1.567   1.00 0.84 ? 75  LEU A CB   1 
ATOM 1117 C CG   . LEU A 1 75  ? -1.797  3.340   1.727   1.00 0.62 ? 75  LEU A CG   1 
ATOM 1118 C CD1  . LEU A 1 75  ? -3.034  3.356   0.832   1.00 0.97 ? 75  LEU A CD1  1 
ATOM 1119 C CD2  . LEU A 1 75  ? -0.899  2.176   1.318   1.00 0.64 ? 75  LEU A CD2  1 
ATOM 1120 H H    . LEU A 1 75  ? 0.005   6.976   1.886   1.00 0.66 ? 75  LEU A H    1 
ATOM 1121 H HA   . LEU A 1 75  ? -1.588  5.332   3.534   1.00 0.64 ? 75  LEU A HA   1 
ATOM 1122 H HB2  . LEU A 1 75  ? -1.644  5.368   1.030   1.00 1.20 ? 75  LEU A HB2  1 
ATOM 1123 H HB3  . LEU A 1 75  ? -0.122  4.478   1.015   1.00 1.37 ? 75  LEU A HB3  1 
ATOM 1124 H HG   . LEU A 1 75  ? -2.100  3.221   2.758   1.00 0.97 ? 75  LEU A HG   1 
ATOM 1125 H HD11 . LEU A 1 75  ? -2.744  3.608   -0.177  1.00 1.40 ? 75  LEU A HD11 1 
ATOM 1126 H HD12 . LEU A 1 75  ? -3.495  2.380   0.842   1.00 1.61 ? 75  LEU A HD12 1 
ATOM 1127 H HD13 . LEU A 1 75  ? -3.735  4.090   1.199   1.00 1.44 ? 75  LEU A HD13 1 
ATOM 1128 H HD21 . LEU A 1 75  ? 0.064   2.278   1.795   1.00 1.13 ? 75  LEU A HD21 1 
ATOM 1129 H HD22 . LEU A 1 75  ? -1.355  1.247   1.621   1.00 1.33 ? 75  LEU A HD22 1 
ATOM 1130 H HD23 . LEU A 1 75  ? -0.771  2.181   0.246   1.00 1.19 ? 75  LEU A HD23 1 
ATOM 1131 N N    . ILE A 1 76  ? 1.517   4.206   3.231   1.00 0.45 ? 76  ILE A N    1 
ATOM 1132 C CA   . ILE A 1 76  ? 2.517   3.316   3.911   1.00 0.44 ? 76  ILE A CA   1 
ATOM 1133 C C    . ILE A 1 76  ? 2.629   3.731   5.384   1.00 0.45 ? 76  ILE A C    1 
ATOM 1134 O O    . ILE A 1 76  ? 2.576   2.903   6.279   1.00 0.55 ? 76  ILE A O    1 
ATOM 1135 C CB   . ILE A 1 76  ? 3.891   3.455   3.239   1.00 0.53 ? 76  ILE A CB   1 
ATOM 1136 C CG1  . ILE A 1 76  ? 3.788   3.112   1.747   1.00 0.66 ? 76  ILE A CG1  1 
ATOM 1137 C CG2  . ILE A 1 76  ? 4.884   2.497   3.906   1.00 0.51 ? 76  ILE A CG2  1 
ATOM 1138 C CD1  . ILE A 1 76  ? 3.211   1.705   1.572   1.00 0.64 ? 76  ILE A CD1  1 
ATOM 1139 H H    . ILE A 1 76  ? 1.788   4.748   2.458   1.00 0.57 ? 76  ILE A H    1 
ATOM 1140 H HA   . ILE A 1 76  ? 2.187   2.289   3.852   1.00 0.45 ? 76  ILE A HA   1 
ATOM 1141 H HB   . ILE A 1 76  ? 4.243   4.471   3.353   1.00 0.63 ? 76  ILE A HB   1 
ATOM 1142 H HG12 . ILE A 1 76  ? 3.147   3.828   1.256   1.00 0.79 ? 76  ILE A HG12 1 
ATOM 1143 H HG13 . ILE A 1 76  ? 4.773   3.150   1.304   1.00 0.74 ? 76  ILE A HG13 1 
ATOM 1144 H HG21 . ILE A 1 76  ? 4.504   2.201   4.872   1.00 1.01 ? 76  ILE A HG21 1 
ATOM 1145 H HG22 . ILE A 1 76  ? 5.009   1.622   3.286   1.00 1.16 ? 76  ILE A HG22 1 
ATOM 1146 H HG23 . ILE A 1 76  ? 5.835   2.992   4.027   1.00 1.23 ? 76  ILE A HG23 1 
ATOM 1147 H HD11 . ILE A 1 76  ? 3.728   1.019   2.227   1.00 1.18 ? 76  ILE A HD11 1 
ATOM 1148 H HD12 . ILE A 1 76  ? 2.160   1.715   1.820   1.00 1.24 ? 76  ILE A HD12 1 
ATOM 1149 H HD13 . ILE A 1 76  ? 3.336   1.389   0.548   1.00 1.14 ? 76  ILE A HD13 1 
ATOM 1150 N N    . ARG A 1 77  ? 2.764   5.013   5.637   1.00 0.48 ? 77  ARG A N    1 
ATOM 1151 C CA   . ARG A 1 77  ? 2.858   5.511   7.045   1.00 0.51 ? 77  ARG A CA   1 
ATOM 1152 C C    . ARG A 1 77  ? 1.577   5.135   7.802   1.00 0.51 ? 77  ARG A C    1 
ATOM 1153 O O    . ARG A 1 77  ? 1.627   4.486   8.828   1.00 0.65 ? 77  ARG A O    1 
ATOM 1154 C CB   . ARG A 1 77  ? 3.028   7.034   7.034   1.00 0.58 ? 77  ARG A CB   1 
ATOM 1155 C CG   . ARG A 1 77  ? 3.969   7.445   8.167   1.00 1.03 ? 77  ARG A CG   1 
ATOM 1156 C CD   . ARG A 1 77  ? 3.493   8.764   8.768   1.00 1.56 ? 77  ARG A CD   1 
ATOM 1157 N NE   . ARG A 1 77  ? 4.319   9.882   8.224   1.00 2.09 ? 77  ARG A NE   1 
ATOM 1158 C CZ   . ARG A 1 77  ? 5.505   10.093  8.692   1.00 2.56 ? 77  ARG A CZ   1 
ATOM 1159 N NH1  . ARG A 1 77  ? 5.662   10.858  9.720   1.00 3.01 ? 77  ARG A NH1  1 
ATOM 1160 N NH2  . ARG A 1 77  ? 6.519   9.524   8.141   1.00 3.17 ? 77  ARG A NH2  1 
ATOM 1161 H H    . ARG A 1 77  ? 2.789   5.652   4.892   1.00 0.58 ? 77  ARG A H    1 
ATOM 1162 H HA   . ARG A 1 77  ? 3.708   5.056   7.534   1.00 0.53 ? 77  ARG A HA   1 
ATOM 1163 H HB2  . ARG A 1 77  ? 3.445   7.344   6.086   1.00 1.00 ? 77  ARG A HB2  1 
ATOM 1164 H HB3  . ARG A 1 77  ? 2.066   7.504   7.178   1.00 1.01 ? 77  ARG A HB3  1 
ATOM 1165 H HG2  . ARG A 1 77  ? 3.963   6.680   8.933   1.00 1.59 ? 77  ARG A HG2  1 
ATOM 1166 H HG3  . ARG A 1 77  ? 4.970   7.562   7.782   1.00 1.66 ? 77  ARG A HG3  1 
ATOM 1167 H HD2  . ARG A 1 77  ? 2.452   8.918   8.518   1.00 2.03 ? 77  ARG A HD2  1 
ATOM 1168 H HD3  . ARG A 1 77  ? 3.598   8.722   9.845   1.00 2.07 ? 77  ARG A HD3  1 
ATOM 1169 H HE   . ARG A 1 77  ? 3.966   10.450  7.508   1.00 2.53 ? 77  ARG A HE   1 
ATOM 1170 H HH11 . ARG A 1 77  ? 4.867   11.283  10.147  1.00 3.12 ? 77  ARG A HH11 1 
ATOM 1171 H HH12 . ARG A 1 77  ? 6.574   11.017  10.090  1.00 3.57 ? 77  ARG A HH12 1 
ATOM 1172 H HH21 . ARG A 1 77  ? 6.388   8.918   7.357   1.00 3.40 ? 77  ARG A HH21 1 
ATOM 1173 H HH22 . ARG A 1 77  ? 7.441   9.671   8.499   1.00 3.70 ? 77  ARG A HH22 1 
ATOM 1174 N N    . VAL A 1 78  ? 0.429   5.512   7.282   1.00 0.50 ? 78  VAL A N    1 
ATOM 1175 C CA   . VAL A 1 78  ? -0.869  5.155   7.950   1.00 0.55 ? 78  VAL A CA   1 
ATOM 1176 C C    . VAL A 1 78  ? -0.900  3.637   8.204   1.00 0.51 ? 78  VAL A C    1 
ATOM 1177 O O    . VAL A 1 78  ? -1.339  3.178   9.248   1.00 0.60 ? 78  VAL A O    1 
ATOM 1178 C CB   . VAL A 1 78  ? -2.043  5.565   7.047   1.00 0.68 ? 78  VAL A CB   1 
ATOM 1179 C CG1  . VAL A 1 78  ? -3.365  5.313   7.772   1.00 0.64 ? 78  VAL A CG1  1 
ATOM 1180 C CG2  . VAL A 1 78  ? -1.943  7.057   6.720   1.00 0.94 ? 78  VAL A CG2  1 
ATOM 1181 H H    . VAL A 1 78  ? 0.421   6.016   6.438   1.00 0.58 ? 78  VAL A H    1 
ATOM 1182 H HA   . VAL A 1 78  ? -0.941  5.675   8.896   1.00 0.59 ? 78  VAL A HA   1 
ATOM 1183 H HB   . VAL A 1 78  ? -2.015  4.990   6.132   1.00 0.89 ? 78  VAL A HB   1 
ATOM 1184 H HG11 . VAL A 1 78  ? -3.179  4.754   8.677   1.00 1.24 ? 78  VAL A HG11 1 
ATOM 1185 H HG12 . VAL A 1 78  ? -3.825  6.258   8.020   1.00 1.22 ? 78  VAL A HG12 1 
ATOM 1186 H HG13 . VAL A 1 78  ? -4.025  4.749   7.130   1.00 1.16 ? 78  VAL A HG13 1 
ATOM 1187 H HG21 . VAL A 1 78  ? -1.219  7.522   7.373   1.00 1.49 ? 78  VAL A HG21 1 
ATOM 1188 H HG22 . VAL A 1 78  ? -1.634  7.181   5.694   1.00 1.50 ? 78  VAL A HG22 1 
ATOM 1189 H HG23 . VAL A 1 78  ? -2.908  7.522   6.864   1.00 1.32 ? 78  VAL A HG23 1 
ATOM 1190 N N    . MET A 1 79  ? -0.407  2.859   7.267   1.00 0.49 ? 79  MET A N    1 
ATOM 1191 C CA   . MET A 1 79  ? -0.365  1.373   7.459   1.00 0.51 ? 79  MET A CA   1 
ATOM 1192 C C    . MET A 1 79  ? 0.623   1.058   8.593   1.00 0.48 ? 79  MET A C    1 
ATOM 1193 O O    . MET A 1 79  ? 0.351   0.251   9.464   1.00 0.59 ? 79  MET A O    1 
ATOM 1194 C CB   . MET A 1 79  ? 0.112   0.696   6.166   1.00 0.59 ? 79  MET A CB   1 
ATOM 1195 C CG   . MET A 1 79  ? -0.935  0.881   5.061   1.00 0.76 ? 79  MET A CG   1 
ATOM 1196 S SD   . MET A 1 79  ? -1.773  -0.692  4.758   1.00 0.75 ? 79  MET A SD   1 
ATOM 1197 C CE   . MET A 1 79  ? -0.485  -1.448  3.734   1.00 0.73 ? 79  MET A CE   1 
ATOM 1198 H H    . MET A 1 79  ? -0.040  3.255   6.446   1.00 0.53 ? 79  MET A H    1 
ATOM 1199 H HA   . MET A 1 79  ? -1.348  1.011   7.722   1.00 0.60 ? 79  MET A HA   1 
ATOM 1200 H HB2  . MET A 1 79  ? 1.047   1.139   5.852   1.00 0.64 ? 79  MET A HB2  1 
ATOM 1201 H HB3  . MET A 1 79  ? 0.257   -0.359  6.345   1.00 0.75 ? 79  MET A HB3  1 
ATOM 1202 H HG2  . MET A 1 79  ? -1.657  1.623   5.368   1.00 1.07 ? 79  MET A HG2  1 
ATOM 1203 H HG3  . MET A 1 79  ? -0.448  1.208   4.155   1.00 1.07 ? 79  MET A HG3  1 
ATOM 1204 H HE1  . MET A 1 79  ? -0.166  -0.744  2.978   1.00 1.28 ? 79  MET A HE1  1 
ATOM 1205 H HE2  . MET A 1 79  ? 0.356   -1.721  4.358   1.00 1.34 ? 79  MET A HE2  1 
ATOM 1206 H HE3  . MET A 1 79  ? -0.875  -2.331  3.255   1.00 1.37 ? 79  MET A HE3  1 
ATOM 1207 N N    . ALA A 1 80  ? 1.763   1.710   8.590   1.00 0.42 ? 80  ALA A N    1 
ATOM 1208 C CA   . ALA A 1 80  ? 2.785   1.489   9.661   1.00 0.48 ? 80  ALA A CA   1 
ATOM 1209 C C    . ALA A 1 80  ? 2.244   1.995   11.009  1.00 0.59 ? 80  ALA A C    1 
ATOM 1210 O O    . ALA A 1 80  ? 2.261   1.280   11.994  1.00 0.72 ? 80  ALA A O    1 
ATOM 1211 C CB   . ALA A 1 80  ? 4.057   2.254   9.299   1.00 0.53 ? 80  ALA A CB   1 
ATOM 1212 H H    . ALA A 1 80  ? 1.943   2.365   7.878   1.00 0.41 ? 80  ALA A H    1 
ATOM 1213 H HA   . ALA A 1 80  ? 3.008   0.434   9.738   1.00 0.49 ? 80  ALA A HA   1 
ATOM 1214 H HB1  . ALA A 1 80  ? 4.371   1.982   8.302   1.00 1.13 ? 80  ALA A HB1  1 
ATOM 1215 H HB2  . ALA A 1 80  ? 3.861   3.317   9.336   1.00 1.14 ? 80  ALA A HB2  1 
ATOM 1216 H HB3  . ALA A 1 80  ? 4.841   2.009   10.002  1.00 1.05 ? 80  ALA A HB3  1 
ATOM 1217 N N    . GLU A 1 81  ? 1.757   3.215   11.048  1.00 0.60 ? 81  GLU A N    1 
ATOM 1218 C CA   . GLU A 1 81  ? 1.198   3.789   12.319  1.00 0.73 ? 81  GLU A CA   1 
ATOM 1219 C C    . GLU A 1 81  ? 0.175   2.819   12.936  1.00 0.77 ? 81  GLU A C    1 
ATOM 1220 O O    . GLU A 1 81  ? 0.156   2.599   14.132  1.00 0.91 ? 81  GLU A O    1 
ATOM 1221 C CB   . GLU A 1 81  ? 0.512   5.125   12.003  1.00 0.79 ? 81  GLU A CB   1 
ATOM 1222 C CG   . GLU A 1 81  ? 1.417   6.292   12.428  1.00 1.12 ? 81  GLU A CG   1 
ATOM 1223 C CD   . GLU A 1 81  ? 2.167   6.843   11.215  1.00 1.30 ? 81  GLU A CD   1 
ATOM 1224 O OE1  . GLU A 1 81  ? 1.519   7.382   10.332  1.00 1.95 ? 81  GLU A OE1  1 
ATOM 1225 O OE2  . GLU A 1 81  ? 3.381   6.728   11.196  1.00 1.79 ? 81  GLU A OE2  1 
ATOM 1226 H H    . GLU A 1 81  ? 1.752   3.762   10.228  1.00 0.54 ? 81  GLU A H    1 
ATOM 1227 H HA   . GLU A 1 81  ? 2.000   3.957   13.023  1.00 0.82 ? 81  GLU A HA   1 
ATOM 1228 H HB2  . GLU A 1 81  ? 0.321   5.189   10.939  1.00 1.04 ? 81  GLU A HB2  1 
ATOM 1229 H HB3  . GLU A 1 81  ? -0.424  5.185   12.538  1.00 1.03 ? 81  GLU A HB3  1 
ATOM 1230 H HG2  . GLU A 1 81  ? 0.812   7.076   12.858  1.00 1.67 ? 81  GLU A HG2  1 
ATOM 1231 H HG3  . GLU A 1 81  ? 2.130   5.947   13.161  1.00 1.68 ? 81  GLU A HG3  1 
ATOM 1232 N N    . ASN A 1 82  ? -0.670  2.231   12.121  1.00 0.80 ? 82  ASN A N    1 
ATOM 1233 C CA   . ASN A 1 82  ? -1.695  1.267   12.647  1.00 0.90 ? 82  ASN A CA   1 
ATOM 1234 C C    . ASN A 1 82  ? -1.102  -0.157  12.761  1.00 1.10 ? 82  ASN A C    1 
ATOM 1235 O O    . ASN A 1 82  ? -1.793  -1.099  13.125  1.00 1.48 ? 82  ASN A O    1 
ATOM 1236 C CB   . ASN A 1 82  ? -2.892  1.250   11.687  1.00 1.12 ? 82  ASN A CB   1 
ATOM 1237 C CG   . ASN A 1 82  ? -3.661  2.565   11.801  1.00 1.41 ? 82  ASN A CG   1 
ATOM 1238 O OD1  . ASN A 1 82  ? -4.596  2.669   12.559  1.00 2.27 ? 82  ASN A OD1  1 
ATOM 1239 N ND2  . ASN A 1 82  ? -3.311  3.579   11.073  1.00 1.26 ? 82  ASN A ND2  1 
ATOM 1240 H H    . ASN A 1 82  ? -0.628  2.424   11.159  1.00 0.85 ? 82  ASN A H    1 
ATOM 1241 H HA   . ASN A 1 82  ? -2.024  1.595   13.622  1.00 0.95 ? 82  ASN A HA   1 
ATOM 1242 H HB2  . ASN A 1 82  ? -2.538  1.127   10.676  1.00 1.40 ? 82  ASN A HB2  1 
ATOM 1243 H HB3  . ASN A 1 82  ? -3.547  0.431   11.943  1.00 1.57 ? 82  ASN A HB3  1 
ATOM 1244 H HD21 . ASN A 1 82  ? -2.554  3.505   10.452  1.00 1.24 ? 82  ASN A HD21 1 
ATOM 1245 H HD22 . ASN A 1 82  ? -3.806  4.419   11.143  1.00 1.65 ? 82  ASN A HD22 1 
ATOM 1246 N N    . GLY A 1 83  ? 0.167   -0.327  12.456  1.00 1.03 ? 83  GLY A N    1 
ATOM 1247 C CA   . GLY A 1 83  ? 0.809   -1.683  12.542  1.00 1.43 ? 83  GLY A CA   1 
ATOM 1248 C C    . GLY A 1 83  ? 0.212   -2.622  11.484  1.00 1.11 ? 83  GLY A C    1 
ATOM 1249 O O    . GLY A 1 83  ? 0.086   -3.812  11.705  1.00 1.33 ? 83  GLY A O    1 
ATOM 1250 H H    . GLY A 1 83  ? 0.703   0.440   12.166  1.00 0.86 ? 83  GLY A H    1 
ATOM 1251 H HA2  . GLY A 1 83  ? 1.872   -1.588  12.374  1.00 1.76 ? 83  GLY A HA2  1 
ATOM 1252 H HA3  . GLY A 1 83  ? 0.639   -2.100  13.522  1.00 1.78 ? 83  GLY A HA3  1 
ATOM 1253 N N    . ARG A 1 84  ? -0.160  -2.097  10.342  1.00 0.77 ? 84  ARG A N    1 
ATOM 1254 C CA   . ARG A 1 84  ? -0.757  -2.953  9.263   1.00 0.59 ? 84  ARG A CA   1 
ATOM 1255 C C    . ARG A 1 84  ? 0.043   -2.812  7.948   1.00 0.51 ? 84  ARG A C    1 
ATOM 1256 O O    . ARG A 1 84  ? -0.439  -3.169  6.889   1.00 0.53 ? 84  ARG A O    1 
ATOM 1257 C CB   . ARG A 1 84  ? -2.212  -2.522  9.020   1.00 0.72 ? 84  ARG A CB   1 
ATOM 1258 C CG   . ARG A 1 84  ? -3.004  -2.554  10.334  1.00 1.31 ? 84  ARG A CG   1 
ATOM 1259 C CD   . ARG A 1 84  ? -3.334  -4.001  10.705  1.00 1.18 ? 84  ARG A CD   1 
ATOM 1260 N NE   . ARG A 1 84  ? -3.528  -4.092  12.184  1.00 2.07 ? 84  ARG A NE   1 
ATOM 1261 C CZ   . ARG A 1 84  ? -2.571  -4.519  12.937  1.00 2.57 ? 84  ARG A CZ   1 
ATOM 1262 N NH1  . ARG A 1 84  ? -2.326  -5.782  13.001  1.00 2.97 ? 84  ARG A NH1  1 
ATOM 1263 N NH2  . ARG A 1 84  ? -1.864  -3.680  13.613  1.00 3.25 ? 84  ARG A NH2  1 
ATOM 1264 H H    . ARG A 1 84  ? -0.051  -1.129  10.191  1.00 0.85 ? 84  ARG A H    1 
ATOM 1265 H HA   . ARG A 1 84  ? -0.741  -3.985  9.578   1.00 0.68 ? 84  ARG A HA   1 
ATOM 1266 H HB2  . ARG A 1 84  ? -2.225  -1.518  8.620   1.00 1.15 ? 84  ARG A HB2  1 
ATOM 1267 H HB3  . ARG A 1 84  ? -2.670  -3.195  8.310   1.00 1.00 ? 84  ARG A HB3  1 
ATOM 1268 H HG2  . ARG A 1 84  ? -2.415  -2.103  11.121  1.00 1.93 ? 84  ARG A HG2  1 
ATOM 1269 H HG3  . ARG A 1 84  ? -3.922  -1.998  10.212  1.00 2.06 ? 84  ARG A HG3  1 
ATOM 1270 H HD2  . ARG A 1 84  ? -4.239  -4.308  10.197  1.00 1.42 ? 84  ARG A HD2  1 
ATOM 1271 H HD3  . ARG A 1 84  ? -2.518  -4.645  10.406  1.00 1.49 ? 84  ARG A HD3  1 
ATOM 1272 H HE   . ARG A 1 84  ? -4.379  -3.821  12.587  1.00 2.64 ? 84  ARG A HE   1 
ATOM 1273 H HH11 . ARG A 1 84  ? -2.877  -6.422  12.468  1.00 3.06 ? 84  ARG A HH11 1 
ATOM 1274 H HH12 . ARG A 1 84  ? -1.582  -6.120  13.573  1.00 3.54 ? 84  ARG A HH12 1 
ATOM 1275 H HH21 . ARG A 1 84  ? -2.059  -2.696  13.549  1.00 3.50 ? 84  ARG A HH21 1 
ATOM 1276 H HH22 . ARG A 1 84  ? -1.119  -4.002  14.187  1.00 3.80 ? 84  ARG A HH22 1 
ATOM 1277 N N    . LEU A 1 85  ? 1.256   -2.305  8.005   1.00 0.46 ? 85  LEU A N    1 
ATOM 1278 C CA   . LEU A 1 85  ? 2.081   -2.148  6.753   1.00 0.44 ? 85  LEU A CA   1 
ATOM 1279 C C    . LEU A 1 85  ? 2.173   -3.484  5.992   1.00 0.44 ? 85  LEU A C    1 
ATOM 1280 O O    . LEU A 1 85  ? 2.235   -3.509  4.775   1.00 0.49 ? 85  LEU A O    1 
ATOM 1281 C CB   . LEU A 1 85  ? 3.492   -1.666  7.124   1.00 0.47 ? 85  LEU A CB   1 
ATOM 1282 C CG   . LEU A 1 85  ? 3.871   -0.460  6.259   1.00 0.35 ? 85  LEU A CG   1 
ATOM 1283 C CD1  . LEU A 1 85  ? 5.290   -0.012  6.598   1.00 0.42 ? 85  LEU A CD1  1 
ATOM 1284 C CD2  . LEU A 1 85  ? 3.815   -0.846  4.782   1.00 0.33 ? 85  LEU A CD2  1 
ATOM 1285 H H    . LEU A 1 85  ? 1.627   -2.026  8.867   1.00 0.50 ? 85  LEU A H    1 
ATOM 1286 H HA   . LEU A 1 85  ? 1.613   -1.415  6.113   1.00 0.46 ? 85  LEU A HA   1 
ATOM 1287 H HB2  . LEU A 1 85  ? 3.513   -1.379  8.166   1.00 0.61 ? 85  LEU A HB2  1 
ATOM 1288 H HB3  . LEU A 1 85  ? 4.202   -2.461  6.958   1.00 0.53 ? 85  LEU A HB3  1 
ATOM 1289 H HG   . LEU A 1 85  ? 3.183   0.351   6.447   1.00 0.48 ? 85  LEU A HG   1 
ATOM 1290 H HD11 . LEU A 1 85  ? 5.795   -0.792  7.145   1.00 1.03 ? 85  LEU A HD11 1 
ATOM 1291 H HD12 . LEU A 1 85  ? 5.830   0.194   5.684   1.00 1.17 ? 85  LEU A HD12 1 
ATOM 1292 H HD13 . LEU A 1 85  ? 5.249   0.882   7.199   1.00 1.12 ? 85  LEU A HD13 1 
ATOM 1293 H HD21 . LEU A 1 85  ? 4.041   -1.895  4.675   1.00 1.05 ? 85  LEU A HD21 1 
ATOM 1294 H HD22 . LEU A 1 85  ? 2.827   -0.648  4.399   1.00 1.05 ? 85  LEU A HD22 1 
ATOM 1295 H HD23 . LEU A 1 85  ? 4.539   -0.264  4.231   1.00 1.06 ? 85  LEU A HD23 1 
ATOM 1296 N N    . ASN A 1 86  ? 2.181   -4.593  6.696   1.00 0.46 ? 86  ASN A N    1 
ATOM 1297 C CA   . ASN A 1 86  ? 2.269   -5.928  6.014   1.00 0.53 ? 86  ASN A CA   1 
ATOM 1298 C C    . ASN A 1 86  ? 1.013   -6.193  5.155   1.00 0.53 ? 86  ASN A C    1 
ATOM 1299 O O    . ASN A 1 86  ? 1.038   -7.031  4.272   1.00 0.53 ? 86  ASN A O    1 
ATOM 1300 C CB   . ASN A 1 86  ? 2.412   -7.028  7.073   1.00 0.60 ? 86  ASN A CB   1 
ATOM 1301 C CG   . ASN A 1 86  ? 3.863   -7.101  7.545   1.00 1.29 ? 86  ASN A CG   1 
ATOM 1302 O OD1  . ASN A 1 86  ? 4.250   -6.422  8.472   1.00 2.18 ? 86  ASN A OD1  1 
ATOM 1303 N ND2  . ASN A 1 86  ? 4.691   -7.898  6.944   1.00 1.85 ? 86  ASN A ND2  1 
ATOM 1304 H H    . ASN A 1 86  ? 2.133   -4.548  7.673   1.00 0.48 ? 86  ASN A H    1 
ATOM 1305 H HA   . ASN A 1 86  ? 3.138   -5.940  5.373   1.00 0.57 ? 86  ASN A HA   1 
ATOM 1306 H HB2  . ASN A 1 86  ? 1.775   -6.802  7.915   1.00 1.15 ? 86  ASN A HB2  1 
ATOM 1307 H HB3  . ASN A 1 86  ? 2.125   -7.979  6.647   1.00 1.12 ? 86  ASN A HB3  1 
ATOM 1308 H HD21 . ASN A 1 86  ? 4.387   -8.448  6.191   1.00 2.08 ? 86  ASN A HD21 1 
ATOM 1309 H HD22 . ASN A 1 86  ? 5.620   -7.952  7.248   1.00 2.52 ? 86  ASN A HD22 1 
ATOM 1310 N N    . ALA A 1 87  ? -0.075  -5.487  5.390   1.00 0.55 ? 87  ALA A N    1 
ATOM 1311 C CA   . ALA A 1 87  ? -1.322  -5.702  4.577   1.00 0.58 ? 87  ALA A CA   1 
ATOM 1312 C C    . ALA A 1 87  ? -1.230  -4.953  3.226   1.00 0.56 ? 87  ALA A C    1 
ATOM 1313 O O    . ALA A 1 87  ? -2.210  -4.429  2.718   1.00 0.65 ? 87  ALA A O    1 
ATOM 1314 C CB   . ALA A 1 87  ? -2.531  -5.199  5.376   1.00 0.69 ? 87  ALA A CB   1 
ATOM 1315 H H    . ALA A 1 87  ? -0.072  -4.809  6.098   1.00 0.57 ? 87  ALA A H    1 
ATOM 1316 H HA   . ALA A 1 87  ? -1.441  -6.760  4.383   1.00 0.57 ? 87  ALA A HA   1 
ATOM 1317 H HB1  . ALA A 1 87  ? -2.339  -4.198  5.730   1.00 1.30 ? 87  ALA A HB1  1 
ATOM 1318 H HB2  . ALA A 1 87  ? -3.405  -5.196  4.740   1.00 1.16 ? 87  ALA A HB2  1 
ATOM 1319 H HB3  . ALA A 1 87  ? -2.702  -5.852  6.219   1.00 1.20 ? 87  ALA A HB3  1 
ATOM 1320 N N    . LEU A 1 88  ? -0.058  -4.913  2.632   1.00 0.51 ? 88  LEU A N    1 
ATOM 1321 C CA   . LEU A 1 88  ? 0.119   -4.221  1.317   1.00 0.54 ? 88  LEU A CA   1 
ATOM 1322 C C    . LEU A 1 88  ? -0.607  -4.984  0.180   1.00 0.44 ? 88  LEU A C    1 
ATOM 1323 O O    . LEU A 1 88  ? -1.181  -4.352  -0.693  1.00 0.44 ? 88  LEU A O    1 
ATOM 1324 C CB   . LEU A 1 88  ? 1.622   -4.110  1.000   1.00 0.67 ? 88  LEU A CB   1 
ATOM 1325 C CG   . LEU A 1 88  ? 1.951   -2.817  0.220   1.00 0.60 ? 88  LEU A CG   1 
ATOM 1326 C CD1  . LEU A 1 88  ? 0.726   -1.912  0.080   1.00 0.85 ? 88  LEU A CD1  1 
ATOM 1327 C CD2  . LEU A 1 88  ? 3.039   -2.047  0.965   1.00 0.60 ? 88  LEU A CD2  1 
ATOM 1328 H H    . LEU A 1 88  ? 0.709   -5.347  3.051   1.00 0.52 ? 88  LEU A H    1 
ATOM 1329 H HA   . LEU A 1 88  ? -0.300  -3.232  1.391   1.00 0.61 ? 88  LEU A HA   1 
ATOM 1330 H HB2  . LEU A 1 88  ? 2.177   -4.112  1.927   1.00 0.84 ? 88  LEU A HB2  1 
ATOM 1331 H HB3  . LEU A 1 88  ? 1.923   -4.964  0.411   1.00 0.82 ? 88  LEU A HB3  1 
ATOM 1332 H HG   . LEU A 1 88  ? 2.312   -3.078  -0.763  1.00 0.80 ? 88  LEU A HG   1 
ATOM 1333 H HD11 . LEU A 1 88  ? -0.055  -2.440  -0.448  1.00 1.25 ? 88  LEU A HD11 1 
ATOM 1334 H HD12 . LEU A 1 88  ? 0.372   -1.631  1.060   1.00 1.39 ? 88  LEU A HD12 1 
ATOM 1335 H HD13 . LEU A 1 88  ? 0.996   -1.025  -0.472  1.00 1.42 ? 88  LEU A HD13 1 
ATOM 1336 H HD21 . LEU A 1 88  ? 3.023   -2.321  2.010   1.00 1.27 ? 88  LEU A HD21 1 
ATOM 1337 H HD22 . LEU A 1 88  ? 4.003   -2.289  0.542   1.00 1.24 ? 88  LEU A HD22 1 
ATOM 1338 H HD23 . LEU A 1 88  ? 2.860   -0.987  0.867   1.00 1.09 ? 88  LEU A HD23 1 
ATOM 1339 N N    . PRO A 1 89  ? -0.588  -6.313  0.207   1.00 0.44 ? 89  PRO A N    1 
ATOM 1340 C CA   . PRO A 1 89  ? -1.264  -7.119  -0.833  1.00 0.46 ? 89  PRO A CA   1 
ATOM 1341 C C    . PRO A 1 89  ? -2.786  -7.020  -0.662  1.00 0.41 ? 89  PRO A C    1 
ATOM 1342 O O    . PRO A 1 89  ? -3.511  -6.887  -1.631  1.00 0.52 ? 89  PRO A O    1 
ATOM 1343 C CB   . PRO A 1 89  ? -0.738  -8.540  -0.602  1.00 0.56 ? 89  PRO A CB   1 
ATOM 1344 C CG   . PRO A 1 89  ? -0.229  -8.584  0.855   1.00 0.56 ? 89  PRO A CG   1 
ATOM 1345 C CD   . PRO A 1 89  ? 0.077   -7.130  1.256   1.00 0.50 ? 89  PRO A CD   1 
ATOM 1346 H HA   . PRO A 1 89  ? -0.979  -6.778  -1.815  1.00 0.51 ? 89  PRO A HA   1 
ATOM 1347 H HB2  . PRO A 1 89  ? -1.536  -9.259  -0.743  1.00 0.60 ? 89  PRO A HB2  1 
ATOM 1348 H HB3  . PRO A 1 89  ? 0.075   -8.749  -1.279  1.00 0.66 ? 89  PRO A HB3  1 
ATOM 1349 H HG2  . PRO A 1 89  ? -0.994  -8.997  1.502   1.00 0.56 ? 89  PRO A HG2  1 
ATOM 1350 H HG3  . PRO A 1 89  ? 0.670   -9.176  0.919   1.00 0.65 ? 89  PRO A HG3  1 
ATOM 1351 H HD2  . PRO A 1 89  ? -0.345  -6.923  2.229   1.00 0.51 ? 89  PRO A HD2  1 
ATOM 1352 H HD3  . PRO A 1 89  ? 1.141   -6.950  1.256   1.00 0.58 ? 89  PRO A HD3  1 
ATOM 1353 N N    . ASP A 1 90  ? -3.267  -7.039  0.561   1.00 0.42 ? 90  ASP A N    1 
ATOM 1354 C CA   . ASP A 1 90  ? -4.737  -6.901  0.808   1.00 0.47 ? 90  ASP A CA   1 
ATOM 1355 C C    . ASP A 1 90  ? -5.243  -5.654  0.058   1.00 0.44 ? 90  ASP A C    1 
ATOM 1356 O O    . ASP A 1 90  ? -6.245  -5.687  -0.637  1.00 0.54 ? 90  ASP A O    1 
ATOM 1357 C CB   . ASP A 1 90  ? -4.979  -6.732  2.317   1.00 0.53 ? 90  ASP A CB   1 
ATOM 1358 C CG   . ASP A 1 90  ? -4.360  -7.895  3.091   1.00 0.95 ? 90  ASP A CG   1 
ATOM 1359 O OD1  . ASP A 1 90  ? -3.145  -7.949  3.170   1.00 1.76 ? 90  ASP A OD1  1 
ATOM 1360 O OD2  . ASP A 1 90  ? -5.113  -8.699  3.606   1.00 1.54 ? 90  ASP A OD2  1 
ATOM 1361 H H    . ASP A 1 90  ? -2.654  -7.118  1.323   1.00 0.52 ? 90  ASP A H    1 
ATOM 1362 H HA   . ASP A 1 90  ? -5.255  -7.778  0.447   1.00 0.54 ? 90  ASP A HA   1 
ATOM 1363 H HB2  . ASP A 1 90  ? -4.530  -5.809  2.650   1.00 1.02 ? 90  ASP A HB2  1 
ATOM 1364 H HB3  . ASP A 1 90  ? -6.040  -6.704  2.508   1.00 0.89 ? 90  ASP A HB3  1 
ATOM 1365 N N    . VAL A 1 91  ? -4.527  -4.557  0.179   1.00 0.43 ? 91  VAL A N    1 
ATOM 1366 C CA   . VAL A 1 91  ? -4.916  -3.301  -0.536  1.00 0.47 ? 91  VAL A CA   1 
ATOM 1367 C C    . VAL A 1 91  ? -4.741  -3.525  -2.048  1.00 0.46 ? 91  VAL A C    1 
ATOM 1368 O O    . VAL A 1 91  ? -5.589  -3.157  -2.843  1.00 0.54 ? 91  VAL A O    1 
ATOM 1369 C CB   . VAL A 1 91  ? -4.011  -2.154  -0.061  1.00 0.63 ? 91  VAL A CB   1 
ATOM 1370 C CG1  . VAL A 1 91  ? -4.225  -0.913  -0.929  1.00 1.04 ? 91  VAL A CG1  1 
ATOM 1371 C CG2  . VAL A 1 91  ? -4.350  -1.806  1.389   1.00 1.43 ? 91  VAL A CG2  1 
ATOM 1372 H H    . VAL A 1 91  ? -3.716  -4.571  0.732   1.00 0.48 ? 91  VAL A H    1 
ATOM 1373 H HA   . VAL A 1 91  ? -5.949  -3.064  -0.323  1.00 0.53 ? 91  VAL A HA   1 
ATOM 1374 H HB   . VAL A 1 91  ? -2.976  -2.463  -0.125  1.00 1.37 ? 91  VAL A HB   1 
ATOM 1375 H HG11 . VAL A 1 91  ? -4.467  -1.212  -1.937  1.00 1.70 ? 91  VAL A HG11 1 
ATOM 1376 H HG12 . VAL A 1 91  ? -5.036  -0.327  -0.521  1.00 1.56 ? 91  VAL A HG12 1 
ATOM 1377 H HG13 . VAL A 1 91  ? -3.323  -0.319  -0.936  1.00 1.61 ? 91  VAL A HG13 1 
ATOM 1378 H HG21 . VAL A 1 91  ? -5.403  -1.579  1.466   1.00 1.88 ? 91  VAL A HG21 1 
ATOM 1379 H HG22 . VAL A 1 91  ? -4.114  -2.647  2.026   1.00 2.03 ? 91  VAL A HG22 1 
ATOM 1380 H HG23 . VAL A 1 91  ? -3.773  -0.948  1.699   1.00 2.01 ? 91  VAL A HG23 1 
ATOM 1381 N N    . LEU A 1 92  ? -3.650  -4.143  -2.436  1.00 0.49 ? 92  LEU A N    1 
ATOM 1382 C CA   . LEU A 1 92  ? -3.394  -4.428  -3.886  1.00 0.59 ? 92  LEU A CA   1 
ATOM 1383 C C    . LEU A 1 92  ? -4.560  -5.248  -4.466  1.00 0.60 ? 92  LEU A C    1 
ATOM 1384 O O    . LEU A 1 92  ? -5.163  -4.864  -5.453  1.00 0.66 ? 92  LEU A O    1 
ATOM 1385 C CB   . LEU A 1 92  ? -2.084  -5.219  -4.008  1.00 0.74 ? 92  LEU A CB   1 
ATOM 1386 C CG   . LEU A 1 92  ? -1.835  -5.605  -5.468  1.00 0.93 ? 92  LEU A CG   1 
ATOM 1387 C CD1  . LEU A 1 92  ? -1.328  -4.392  -6.241  1.00 1.62 ? 92  LEU A CD1  1 
ATOM 1388 C CD2  . LEU A 1 92  ? -0.782  -6.708  -5.523  1.00 1.45 ? 92  LEU A CD2  1 
ATOM 1389 H H    . LEU A 1 92  ? -2.997  -4.435  -1.765  1.00 0.52 ? 92  LEU A H    1 
ATOM 1390 H HA   . LEU A 1 92  ? -3.307  -3.498  -4.427  1.00 0.62 ? 92  LEU A HA   1 
ATOM 1391 H HB2  . LEU A 1 92  ? -1.264  -4.611  -3.654  1.00 1.47 ? 92  LEU A HB2  1 
ATOM 1392 H HB3  . LEU A 1 92  ? -2.150  -6.115  -3.409  1.00 1.22 ? 92  LEU A HB3  1 
ATOM 1393 H HG   . LEU A 1 92  ? -2.753  -5.960  -5.913  1.00 1.41 ? 92  LEU A HG   1 
ATOM 1394 H HD11 . LEU A 1 92  ? -0.471  -3.976  -5.732  1.00 2.11 ? 92  LEU A HD11 1 
ATOM 1395 H HD12 . LEU A 1 92  ? -1.042  -4.693  -7.237  1.00 2.08 ? 92  LEU A HD12 1 
ATOM 1396 H HD13 . LEU A 1 92  ? -2.108  -3.648  -6.297  1.00 2.06 ? 92  LEU A HD13 1 
ATOM 1397 H HD21 . LEU A 1 92  ? 0.095   -6.393  -4.976  1.00 2.06 ? 92  LEU A HD21 1 
ATOM 1398 H HD22 . LEU A 1 92  ? -1.180  -7.609  -5.080  1.00 1.96 ? 92  LEU A HD22 1 
ATOM 1399 H HD23 . LEU A 1 92  ? -0.515  -6.898  -6.551  1.00 1.77 ? 92  LEU A HD23 1 
ATOM 1400 N N    . GLU A 1 93  ? -4.880  -6.365  -3.854  1.00 0.62 ? 93  GLU A N    1 
ATOM 1401 C CA   . GLU A 1 93  ? -6.009  -7.222  -4.349  1.00 0.73 ? 93  GLU A CA   1 
ATOM 1402 C C    . GLU A 1 93  ? -7.294  -6.384  -4.423  1.00 0.67 ? 93  GLU A C    1 
ATOM 1403 O O    . GLU A 1 93  ? -7.961  -6.338  -5.444  1.00 0.73 ? 93  GLU A O    1 
ATOM 1404 C CB   . GLU A 1 93  ? -6.210  -8.398  -3.386  1.00 0.82 ? 93  GLU A CB   1 
ATOM 1405 C CG   . GLU A 1 93  ? -4.901  -9.195  -3.261  1.00 1.44 ? 93  GLU A CG   1 
ATOM 1406 C CD   . GLU A 1 93  ? -5.137  -10.653 -3.651  1.00 2.14 ? 93  GLU A CD   1 
ATOM 1407 O OE1  . GLU A 1 93  ? -5.493  -11.426 -2.780  1.00 2.57 ? 93  GLU A OE1  1 
ATOM 1408 O OE2  . GLU A 1 93  ? -4.950  -10.970 -4.813  1.00 2.78 ? 93  GLU A OE2  1 
ATOM 1409 H H    . GLU A 1 93  ? -4.376  -6.642  -3.055  1.00 0.63 ? 93  GLU A H    1 
ATOM 1410 H HA   . GLU A 1 93  ? -5.771  -7.600  -5.333  1.00 0.83 ? 93  GLU A HA   1 
ATOM 1411 H HB2  . GLU A 1 93  ? -6.498  -8.023  -2.414  1.00 1.24 ? 93  GLU A HB2  1 
ATOM 1412 H HB3  . GLU A 1 93  ? -6.988  -9.046  -3.765  1.00 1.27 ? 93  GLU A HB3  1 
ATOM 1413 H HG2  . GLU A 1 93  ? -4.155  -8.768  -3.912  1.00 1.67 ? 93  GLU A HG2  1 
ATOM 1414 H HG3  . GLU A 1 93  ? -4.553  -9.154  -2.239  1.00 1.88 ? 93  GLU A HG3  1 
ATOM 1415 N N    . GLN A 1 94  ? -7.634  -5.703  -3.353  1.00 0.61 ? 94  GLN A N    1 
ATOM 1416 C CA   . GLN A 1 94  ? -8.862  -4.843  -3.356  1.00 0.60 ? 94  GLN A CA   1 
ATOM 1417 C C    . GLN A 1 94  ? -8.755  -3.809  -4.491  1.00 0.54 ? 94  GLN A C    1 
ATOM 1418 O O    . GLN A 1 94  ? -9.709  -3.561  -5.205  1.00 0.62 ? 94  GLN A O    1 
ATOM 1419 C CB   . GLN A 1 94  ? -8.978  -4.125  -2.006  1.00 0.64 ? 94  GLN A CB   1 
ATOM 1420 C CG   . GLN A 1 94  ? -10.206 -4.646  -1.240  1.00 0.99 ? 94  GLN A CG   1 
ATOM 1421 C CD   . GLN A 1 94  ? -9.923  -6.029  -0.640  1.00 1.03 ? 94  GLN A CD   1 
ATOM 1422 O OE1  . GLN A 1 94  ? -10.750 -6.910  -0.714  1.00 1.91 ? 94  GLN A OE1  1 
ATOM 1423 N NE2  . GLN A 1 94  ? -8.799  -6.258  -0.034  1.00 0.90 ? 94  GLN A NE2  1 
ATOM 1424 H H    . GLN A 1 94  ? -7.070  -5.749  -2.550  1.00 0.61 ? 94  GLN A H    1 
ATOM 1425 H HA   . GLN A 1 94  ? -9.734  -5.460  -3.516  1.00 0.67 ? 94  GLN A HA   1 
ATOM 1426 H HB2  . GLN A 1 94  ? -8.084  -4.305  -1.426  1.00 0.97 ? 94  GLN A HB2  1 
ATOM 1427 H HB3  . GLN A 1 94  ? -9.088  -3.064  -2.174  1.00 0.78 ? 94  GLN A HB3  1 
ATOM 1428 H HG2  . GLN A 1 94  ? -10.448 -3.958  -0.445  1.00 1.55 ? 94  GLN A HG2  1 
ATOM 1429 H HG3  . GLN A 1 94  ? -11.043 -4.719  -1.917  1.00 1.72 ? 94  GLN A HG3  1 
ATOM 1430 H HE21 . GLN A 1 94  ? -8.126  -5.550  0.042   1.00 1.10 ? 94  GLN A HE21 1 
ATOM 1431 H HE22 . GLN A 1 94  ? -8.621  -7.144  0.339   1.00 1.30 ? 94  GLN A HE22 1 
ATOM 1432 N N    . PHE A 1 95  ? -7.594  -3.220  -4.667  1.00 0.54 ? 95  PHE A N    1 
ATOM 1433 C CA   . PHE A 1 95  ? -7.402  -2.214  -5.763  1.00 0.57 ? 95  PHE A CA   1 
ATOM 1434 C C    . PHE A 1 95  ? -7.632  -2.890  -7.126  1.00 0.58 ? 95  PHE A C    1 
ATOM 1435 O O    . PHE A 1 95  ? -8.357  -2.379  -7.959  1.00 0.61 ? 95  PHE A O    1 
ATOM 1436 C CB   . PHE A 1 95  ? -5.973  -1.652  -5.683  1.00 0.72 ? 95  PHE A CB   1 
ATOM 1437 C CG   . PHE A 1 95  ? -5.577  -1.029  -7.005  1.00 0.95 ? 95  PHE A CG   1 
ATOM 1438 C CD1  . PHE A 1 95  ? -6.238  0.113   -7.468  1.00 1.78 ? 95  PHE A CD1  1 
ATOM 1439 C CD2  . PHE A 1 95  ? -4.551  -1.598  -7.765  1.00 1.92 ? 95  PHE A CD2  1 
ATOM 1440 C CE1  . PHE A 1 95  ? -5.872  0.687   -8.692  1.00 2.73 ? 95  PHE A CE1  1 
ATOM 1441 C CE2  . PHE A 1 95  ? -4.185  -1.024  -8.988  1.00 2.88 ? 95  PHE A CE2  1 
ATOM 1442 C CZ   . PHE A 1 95  ? -4.844  0.119   -9.451  1.00 3.13 ? 95  PHE A CZ   1 
ATOM 1443 H H    . PHE A 1 95  ? -6.838  -3.448  -4.081  1.00 0.63 ? 95  PHE A H    1 
ATOM 1444 H HA   . PHE A 1 95  ? -8.113  -1.408  -5.641  1.00 0.56 ? 95  PHE A HA   1 
ATOM 1445 H HB2  . PHE A 1 95  ? -5.928  -0.902  -4.907  1.00 1.24 ? 95  PHE A HB2  1 
ATOM 1446 H HB3  . PHE A 1 95  ? -5.289  -2.453  -5.445  1.00 1.51 ? 95  PHE A HB3  1 
ATOM 1447 H HD1  . PHE A 1 95  ? -7.031  0.552   -6.880  1.00 2.21 ? 95  PHE A HD1  1 
ATOM 1448 H HD2  . PHE A 1 95  ? -4.040  -2.481  -7.407  1.00 2.37 ? 95  PHE A HD2  1 
ATOM 1449 H HE1  . PHE A 1 95  ? -6.382  1.572   -9.049  1.00 3.51 ? 95  PHE A HE1  1 
ATOM 1450 H HE2  . PHE A 1 95  ? -3.390  -1.465  -9.573  1.00 3.73 ? 95  PHE A HE2  1 
ATOM 1451 H HZ   . PHE A 1 95  ? -4.559  0.563   -10.396 1.00 4.01 ? 95  PHE A HZ   1 
ATOM 1452 N N    . ILE A 1 96  ? -7.027  -4.036  -7.351  1.00 0.64 ? 96  ILE A N    1 
ATOM 1453 C CA   . ILE A 1 96  ? -7.220  -4.757  -8.655  1.00 0.74 ? 96  ILE A CA   1 
ATOM 1454 C C    . ILE A 1 96  ? -8.726  -4.927  -8.911  1.00 0.71 ? 96  ILE A C    1 
ATOM 1455 O O    . ILE A 1 96  ? -9.217  -4.632  -9.989  1.00 0.83 ? 96  ILE A O    1 
ATOM 1456 C CB   . ILE A 1 96  ? -6.519  -6.129  -8.593  1.00 0.88 ? 96  ILE A CB   1 
ATOM 1457 C CG1  . ILE A 1 96  ? -5.120  -6.016  -9.204  1.00 1.04 ? 96  ILE A CG1  1 
ATOM 1458 C CG2  . ILE A 1 96  ? -7.310  -7.177  -9.384  1.00 1.22 ? 96  ILE A CG2  1 
ATOM 1459 C CD1  . ILE A 1 96  ? -4.229  -5.157  -8.305  1.00 0.93 ? 96  ILE A CD1  1 
ATOM 1460 H H    . ILE A 1 96  ? -6.451  -4.428  -6.655  1.00 0.66 ? 96  ILE A H    1 
ATOM 1461 H HA   . ILE A 1 96  ? -6.791  -4.170  -9.454  1.00 0.80 ? 96  ILE A HA   1 
ATOM 1462 H HB   . ILE A 1 96  ? -6.437  -6.444  -7.561  1.00 0.85 ? 96  ILE A HB   1 
ATOM 1463 H HG12 . ILE A 1 96  ? -4.691  -7.004  -9.298  1.00 1.51 ? 96  ILE A HG12 1 
ATOM 1464 H HG13 . ILE A 1 96  ? -5.190  -5.561  -10.180 1.00 1.45 ? 96  ILE A HG13 1 
ATOM 1465 H HG21 . ILE A 1 96  ? -7.561  -6.779  -10.357 1.00 1.63 ? 96  ILE A HG21 1 
ATOM 1466 H HG22 . ILE A 1 96  ? -6.710  -8.065  -9.503  1.00 1.67 ? 96  ILE A HG22 1 
ATOM 1467 H HG23 . ILE A 1 96  ? -8.217  -7.424  -8.852  1.00 1.63 ? 96  ILE A HG23 1 
ATOM 1468 H HD11 . ILE A 1 96  ? -4.693  -4.195  -8.154  1.00 1.55 ? 96  ILE A HD11 1 
ATOM 1469 H HD12 . ILE A 1 96  ? -4.101  -5.648  -7.352  1.00 1.30 ? 96  ILE A HD12 1 
ATOM 1470 H HD13 . ILE A 1 96  ? -3.265  -5.024  -8.774  1.00 1.44 ? 96  ILE A HD13 1 
ATOM 1471 N N    . HIS A 1 97  ? -9.462  -5.380  -7.921  1.00 0.67 ? 97  HIS A N    1 
ATOM 1472 C CA   . HIS A 1 97  ? -10.939 -5.549  -8.092  1.00 0.76 ? 97  HIS A CA   1 
ATOM 1473 C C    . HIS A 1 97  ? -11.584 -4.168  -8.285  1.00 0.65 ? 97  HIS A C    1 
ATOM 1474 O O    . HIS A 1 97  ? -12.351 -3.961  -9.208  1.00 0.77 ? 97  HIS A O    1 
ATOM 1475 C CB   . HIS A 1 97  ? -11.529 -6.240  -6.857  1.00 0.94 ? 97  HIS A CB   1 
ATOM 1476 C CG   . HIS A 1 97  ? -12.747 -7.023  -7.261  1.00 1.28 ? 97  HIS A CG   1 
ATOM 1477 N ND1  . HIS A 1 97  ? -13.069 -8.236  -6.679  1.00 1.90 ? 97  HIS A ND1  1 
ATOM 1478 C CD2  . HIS A 1 97  ? -13.724 -6.784  -8.196  1.00 1.87 ? 97  HIS A CD2  1 
ATOM 1479 C CE1  . HIS A 1 97  ? -14.199 -8.679  -7.264  1.00 2.19 ? 97  HIS A CE1  1 
ATOM 1480 N NE2  . HIS A 1 97  ? -14.640 -7.831  -8.195  1.00 2.16 ? 97  HIS A NE2  1 
ATOM 1481 H H    . HIS A 1 97  ? -9.041  -5.595  -7.060  1.00 0.68 ? 97  HIS A H    1 
ATOM 1482 H HA   . HIS A 1 97  ? -11.131 -6.153  -8.968  1.00 0.86 ? 97  HIS A HA   1 
ATOM 1483 H HB2  . HIS A 1 97  ? -10.794 -6.909  -6.432  1.00 1.11 ? 97  HIS A HB2  1 
ATOM 1484 H HB3  . HIS A 1 97  ? -11.808 -5.497  -6.124  1.00 1.01 ? 97  HIS A HB3  1 
ATOM 1485 H HD1  . HIS A 1 97  ? -12.566 -8.689  -5.970  1.00 2.42 ? 97  HIS A HD1  1 
ATOM 1486 H HD2  . HIS A 1 97  ? -13.774 -5.915  -8.835  1.00 2.48 ? 97  HIS A HD2  1 
ATOM 1487 H HE1  . HIS A 1 97  ? -14.692 -9.606  -7.008  1.00 2.79 ? 97  HIS A HE1  1 
ATOM 1488 N N    . LEU A 1 98  ? -11.260 -3.219  -7.435  1.00 0.56 ? 98  LEU A N    1 
ATOM 1489 C CA   . LEU A 1 98  ? -11.832 -1.837  -7.572  1.00 0.54 ? 98  LEU A CA   1 
ATOM 1490 C C    . LEU A 1 98  ? -11.545 -1.313  -8.987  1.00 0.49 ? 98  LEU A C    1 
ATOM 1491 O O    . LEU A 1 98  ? -12.422 -0.792  -9.654  1.00 0.57 ? 98  LEU A O    1 
ATOM 1492 C CB   . LEU A 1 98  ? -11.177 -0.914  -6.536  1.00 0.62 ? 98  LEU A CB   1 
ATOM 1493 C CG   . LEU A 1 98  ? -12.163 -0.618  -5.406  1.00 0.63 ? 98  LEU A CG   1 
ATOM 1494 C CD1  . LEU A 1 98  ? -12.264 -1.831  -4.484  1.00 1.14 ? 98  LEU A CD1  1 
ATOM 1495 C CD2  . LEU A 1 98  ? -11.668 0.581   -4.601  1.00 0.59 ? 98  LEU A CD2  1 
ATOM 1496 H H    . LEU A 1 98  ? -10.626 -3.414  -6.710  1.00 0.60 ? 98  LEU A H    1 
ATOM 1497 H HA   . LEU A 1 98  ? -12.899 -1.867  -7.409  1.00 0.66 ? 98  LEU A HA   1 
ATOM 1498 H HB2  . LEU A 1 98  ? -10.299 -1.396  -6.131  1.00 0.93 ? 98  LEU A HB2  1 
ATOM 1499 H HB3  . LEU A 1 98  ? -10.888 0.013   -7.011  1.00 1.09 ? 98  LEU A HB3  1 
ATOM 1500 H HG   . LEU A 1 98  ? -13.136 -0.398  -5.823  1.00 1.11 ? 98  LEU A HG   1 
ATOM 1501 H HD11 . LEU A 1 98  ? -12.519 -2.706  -5.064  1.00 1.57 ? 98  LEU A HD11 1 
ATOM 1502 H HD12 . LEU A 1 98  ? -11.315 -1.989  -3.992  1.00 1.72 ? 98  LEU A HD12 1 
ATOM 1503 H HD13 . LEU A 1 98  ? -13.029 -1.656  -3.742  1.00 1.68 ? 98  LEU A HD13 1 
ATOM 1504 H HD21 . LEU A 1 98  ? -10.588 0.581   -4.581  1.00 1.15 ? 98  LEU A HD21 1 
ATOM 1505 H HD22 . LEU A 1 98  ? -12.020 1.493   -5.060  1.00 1.26 ? 98  LEU A HD22 1 
ATOM 1506 H HD23 . LEU A 1 98  ? -12.045 0.517   -3.590  1.00 1.15 ? 98  LEU A HD23 1 
ATOM 1507 N N    . ARG A 1 99  ? -10.327 -1.470  -9.450  1.00 0.48 ? 99  ARG A N    1 
ATOM 1508 C CA   . ARG A 1 99  ? -9.966  -1.009  -10.827 1.00 0.57 ? 99  ARG A CA   1 
ATOM 1509 C C    . ARG A 1 99  ? -10.858 -1.732  -11.849 1.00 0.59 ? 99  ARG A C    1 
ATOM 1510 O O    . ARG A 1 99  ? -11.516 -1.107  -12.661 1.00 0.75 ? 99  ARG A O    1 
ATOM 1511 C CB   . ARG A 1 99  ? -8.489  -1.337  -11.096 1.00 0.77 ? 99  ARG A CB   1 
ATOM 1512 C CG   . ARG A 1 99  ? -7.865  -0.242  -11.974 1.00 1.37 ? 99  ARG A CG   1 
ATOM 1513 C CD   . ARG A 1 99  ? -7.059  -0.878  -13.111 1.00 1.53 ? 99  ARG A CD   1 
ATOM 1514 N NE   . ARG A 1 99  ? -7.490  -0.279  -14.410 1.00 2.01 ? 99  ARG A NE   1 
ATOM 1515 C CZ   . ARG A 1 99  ? -6.652  -0.116  -15.385 1.00 2.50 ? 99  ARG A CZ   1 
ATOM 1516 N NH1  . ARG A 1 99  ? -5.529  0.485   -15.190 1.00 3.06 ? 99  ARG A NH1  1 
ATOM 1517 N NH2  . ARG A 1 99  ? -6.949  -0.552  -16.556 1.00 3.03 ? 99  ARG A NH2  1 
ATOM 1518 H H    . ARG A 1 99  ? -9.647  -1.908  -8.890  1.00 0.49 ? 99  ARG A H    1 
ATOM 1519 H HA   . ARG A 1 99  ? -10.124 0.056   -10.905 1.00 0.62 ? 99  ARG A HA   1 
ATOM 1520 H HB2  . ARG A 1 99  ? -7.957  -1.391  -10.156 1.00 1.14 ? 99  ARG A HB2  1 
ATOM 1521 H HB3  . ARG A 1 99  ? -8.420  -2.288  -11.603 1.00 1.31 ? 99  ARG A HB3  1 
ATOM 1522 H HG2  . ARG A 1 99  ? -8.647  0.376   -12.393 1.00 2.06 ? 99  ARG A HG2  1 
ATOM 1523 H HG3  . ARG A 1 99  ? -7.209  0.369   -11.371 1.00 1.94 ? 99  ARG A HG3  1 
ATOM 1524 H HD2  . ARG A 1 99  ? -6.007  -0.692  -12.954 1.00 1.83 ? 99  ARG A HD2  1 
ATOM 1525 H HD3  . ARG A 1 99  ? -7.236  -1.946  -13.130 1.00 2.05 ? 99  ARG A HD3  1 
ATOM 1526 H HE   . ARG A 1 99  ? -8.436  -0.017  -14.540 1.00 2.48 ? 99  ARG A HE   1 
ATOM 1527 H HH11 . ARG A 1 99  ? -5.297  0.825   -14.285 1.00 3.28 ? 99  ARG A HH11 1 
ATOM 1528 H HH12 . ARG A 1 99  ? -4.889  0.618   -15.953 1.00 3.60 ? 99  ARG A HH12 1 
ATOM 1529 H HH21 . ARG A 1 99  ? -7.827  -1.020  -16.704 1.00 3.21 ? 99  ARG A HH21 1 
ATOM 1530 H HH22 . ARG A 1 99  ? -6.317  -0.415  -17.316 1.00 3.59 ? 99  ARG A HH22 1 
ATOM 1531 N N    . ALA A 1 100 ? -10.894 -3.044  -11.794 1.00 0.59 ? 100 ALA A N    1 
ATOM 1532 C CA   . ALA A 1 100 ? -11.748 -3.830  -12.742 1.00 0.70 ? 100 ALA A CA   1 
ATOM 1533 C C    . ALA A 1 100 ? -13.216 -3.380  -12.624 1.00 0.67 ? 100 ALA A C    1 
ATOM 1534 O O    . ALA A 1 100 ? -13.950 -3.375  -13.597 1.00 0.88 ? 100 ALA A O    1 
ATOM 1535 C CB   . ALA A 1 100 ? -11.634 -5.319  -12.398 1.00 0.86 ? 100 ALA A CB   1 
ATOM 1536 H H    . ALA A 1 100 ? -10.364 -3.516  -11.116 1.00 0.64 ? 100 ALA A H    1 
ATOM 1537 H HA   . ALA A 1 100 ? -11.406 -3.667  -13.754 1.00 0.83 ? 100 ALA A HA   1 
ATOM 1538 H HB1  . ALA A 1 100 ? -11.822 -5.459  -11.343 1.00 1.36 ? 100 ALA A HB1  1 
ATOM 1539 H HB2  . ALA A 1 100 ? -12.358 -5.879  -12.971 1.00 1.29 ? 100 ALA A HB2  1 
ATOM 1540 H HB3  . ALA A 1 100 ? -10.640 -5.667  -12.635 1.00 1.44 ? 100 ALA A HB3  1 
ATOM 1541 N N    . VAL A 1 101 ? -13.645 -3.005  -11.442 1.00 0.59 ? 101 VAL A N    1 
ATOM 1542 C CA   . VAL A 1 101 ? -15.059 -2.550  -11.253 1.00 0.75 ? 101 VAL A CA   1 
ATOM 1543 C C    . VAL A 1 101 ? -15.287 -1.247  -12.032 1.00 0.87 ? 101 VAL A C    1 
ATOM 1544 O O    . VAL A 1 101 ? -16.114 -1.194  -12.920 1.00 1.11 ? 101 VAL A O    1 
ATOM 1545 C CB   . VAL A 1 101 ? -15.333 -2.316  -9.758  1.00 0.89 ? 101 VAL A CB   1 
ATOM 1546 C CG1  . VAL A 1 101 ? -16.737 -1.736  -9.572  1.00 1.64 ? 101 VAL A CG1  1 
ATOM 1547 C CG2  . VAL A 1 101 ? -15.242 -3.643  -9.003  1.00 1.32 ? 101 VAL A CG2  1 
ATOM 1548 H H    . VAL A 1 101 ? -13.031 -3.021  -10.675 1.00 0.55 ? 101 VAL A H    1 
ATOM 1549 H HA   . VAL A 1 101 ? -15.731 -3.309  -11.627 1.00 0.88 ? 101 VAL A HA   1 
ATOM 1550 H HB   . VAL A 1 101 ? -14.602 -1.623  -9.363  1.00 1.29 ? 101 VAL A HB   1 
ATOM 1551 H HG11 . VAL A 1 101 ? -17.441 -2.295  -10.171 1.00 2.06 ? 101 VAL A HG11 1 
ATOM 1552 H HG12 . VAL A 1 101 ? -17.020 -1.802  -8.531  1.00 2.20 ? 101 VAL A HG12 1 
ATOM 1553 H HG13 . VAL A 1 101 ? -16.745 -0.701  -9.882  1.00 2.13 ? 101 VAL A HG13 1 
ATOM 1554 H HG21 . VAL A 1 101 ? -14.610 -4.326  -9.551  1.00 1.75 ? 101 VAL A HG21 1 
ATOM 1555 H HG22 . VAL A 1 101 ? -14.821 -3.470  -8.024  1.00 1.82 ? 101 VAL A HG22 1 
ATOM 1556 H HG23 . VAL A 1 101 ? -16.229 -4.068  -8.901  1.00 1.92 ? 101 VAL A HG23 1 
ATOM 1557 N N    . SER A 1 102 ? -14.556 -0.203  -11.708 1.00 0.90 ? 102 SER A N    1 
ATOM 1558 C CA   . SER A 1 102 ? -14.724 1.113   -12.424 1.00 1.22 ? 102 SER A CA   1 
ATOM 1559 C C    . SER A 1 102 ? -14.655 0.923   -13.947 1.00 1.28 ? 102 SER A C    1 
ATOM 1560 O O    . SER A 1 102 ? -15.373 1.571   -14.684 1.00 1.57 ? 102 SER A O    1 
ATOM 1561 C CB   . SER A 1 102 ? -13.621 2.081   -11.985 1.00 1.36 ? 102 SER A CB   1 
ATOM 1562 O OG   . SER A 1 102 ? -14.073 2.857   -10.874 1.00 2.17 ? 102 SER A OG   1 
ATOM 1563 H H    . SER A 1 102 ? -13.892 -0.281  -10.987 1.00 0.85 ? 102 SER A H    1 
ATOM 1564 H HA   . SER A 1 102 ? -15.687 1.532   -12.169 1.00 1.47 ? 102 SER A HA   1 
ATOM 1565 H HB2  . SER A 1 102 ? -12.747 1.520   -11.693 1.00 1.57 ? 102 SER A HB2  1 
ATOM 1566 H HB3  . SER A 1 102 ? -13.368 2.732   -12.813 1.00 1.57 ? 102 SER A HB3  1 
ATOM 1567 H HG   . SER A 1 102 ? -15.012 3.052   -11.002 1.00 2.57 ? 102 SER A HG   1 
ATOM 1568 N N    . GLU A 1 103 ? -13.804 0.046   -14.428 1.00 1.12 ? 103 GLU A N    1 
ATOM 1569 C CA   . GLU A 1 103 ? -13.711 -0.176  -15.909 1.00 1.34 ? 103 GLU A CA   1 
ATOM 1570 C C    . GLU A 1 103 ? -15.077 -0.656  -16.443 1.00 1.55 ? 103 GLU A C    1 
ATOM 1571 O O    . GLU A 1 103 ? -15.458 -0.352  -17.561 1.00 2.00 ? 103 GLU A O    1 
ATOM 1572 C CB   . GLU A 1 103 ? -12.638 -1.230  -16.201 1.00 1.31 ? 103 GLU A CB   1 
ATOM 1573 C CG   . GLU A 1 103 ? -11.433 -0.565  -16.886 1.00 1.78 ? 103 GLU A CG   1 
ATOM 1574 C CD   . GLU A 1 103 ? -10.193 -0.668  -16.001 1.00 2.33 ? 103 GLU A CD   1 
ATOM 1575 O OE1  . GLU A 1 103 ? -10.003 0.202   -15.167 1.00 2.97 ? 103 GLU A OE1  1 
ATOM 1576 O OE2  . GLU A 1 103 ? -9.429  -1.601  -16.189 1.00 2.76 ? 103 GLU A OE2  1 
ATOM 1577 H H    . GLU A 1 103 ? -13.228 -0.466  -13.818 1.00 0.96 ? 103 GLU A H    1 
ATOM 1578 H HA   . GLU A 1 103 ? -13.447 0.751   -16.395 1.00 1.49 ? 103 GLU A HA   1 
ATOM 1579 H HB2  . GLU A 1 103 ? -12.321 -1.689  -15.275 1.00 1.20 ? 103 GLU A HB2  1 
ATOM 1580 H HB3  . GLU A 1 103 ? -13.047 -1.987  -16.855 1.00 1.40 ? 103 GLU A HB3  1 
ATOM 1581 H HG2  . GLU A 1 103 ? -11.240 -1.060  -17.825 1.00 2.00 ? 103 GLU A HG2  1 
ATOM 1582 H HG3  . GLU A 1 103 ? -11.650 0.475   -17.068 1.00 2.22 ? 103 GLU A HG3  1 
ATOM 1583 N N    . ALA A 1 104 ? -15.817 -1.387  -15.641 1.00 1.48 ? 104 ALA A N    1 
ATOM 1584 C CA   . ALA A 1 104 ? -17.166 -1.878  -16.069 1.00 1.76 ? 104 ALA A CA   1 
ATOM 1585 C C    . ALA A 1 104 ? -18.252 -0.908  -15.566 1.00 2.07 ? 104 ALA A C    1 
ATOM 1586 O O    . ALA A 1 104 ? -19.190 -0.590  -16.282 1.00 2.46 ? 104 ALA A O    1 
ATOM 1587 C CB   . ALA A 1 104 ? -17.404 -3.270  -15.471 1.00 1.70 ? 104 ALA A CB   1 
ATOM 1588 H H    . ALA A 1 104 ? -15.488 -1.603  -14.741 1.00 1.46 ? 104 ALA A H    1 
ATOM 1589 H HA   . ALA A 1 104 ? -17.206 -1.936  -17.147 1.00 1.96 ? 104 ALA A HA   1 
ATOM 1590 H HB1  . ALA A 1 104 ? -17.050 -3.286  -14.450 1.00 1.93 ? 104 ALA A HB1  1 
ATOM 1591 H HB2  . ALA A 1 104 ? -18.461 -3.496  -15.488 1.00 1.96 ? 104 ALA A HB2  1 
ATOM 1592 H HB3  . ALA A 1 104 ? -16.867 -4.007  -16.049 1.00 2.03 ? 104 ALA A HB3  1 
ATOM 1593 N N    . THR A 1 105 ? -18.129 -0.443  -14.345 1.00 2.19 ? 105 THR A N    1 
ATOM 1594 C CA   . THR A 1 105 ? -19.139 0.509   -13.769 1.00 2.68 ? 105 THR A CA   1 
ATOM 1595 C C    . THR A 1 105 ? -18.524 1.227   -12.552 1.00 3.22 ? 105 THR A C    1 
ATOM 1596 O O    . THR A 1 105 ? -18.209 0.558   -11.576 1.00 3.74 ? 105 THR A O    1 
ATOM 1597 C CB   . THR A 1 105 ? -20.403 -0.260  -13.330 1.00 3.00 ? 105 THR A CB   1 
ATOM 1598 O OG1  . THR A 1 105 ? -20.995 -0.928  -14.443 1.00 3.47 ? 105 THR A OG1  1 
ATOM 1599 C CG2  . THR A 1 105 ? -21.424 0.715   -12.745 1.00 3.40 ? 105 THR A CG2  1 
ATOM 1600 H H    . THR A 1 105 ? -17.364 -0.720  -13.795 1.00 2.15 ? 105 THR A H    1 
ATOM 1601 H HA   . THR A 1 105 ? -19.405 1.242   -14.516 1.00 2.87 ? 105 THR A HA   1 
ATOM 1602 H HB   . THR A 1 105 ? -20.134 -0.984  -12.576 1.00 3.27 ? 105 THR A HB   1 
ATOM 1603 H HG1  . THR A 1 105 ? -20.593 -0.584  -15.251 1.00 3.78 ? 105 THR A HG1  1 
ATOM 1604 H HG21 . THR A 1 105 ? -20.920 1.614   -12.423 1.00 3.69 ? 105 THR A HG21 1 
ATOM 1605 H HG22 . THR A 1 105 ? -22.158 0.964   -13.498 1.00 3.88 ? 105 THR A HG22 1 
ATOM 1606 H HG23 . THR A 1 105 ? -21.916 0.256   -11.902 1.00 3.53 ? 105 THR A HG23 1 
# 
